data_8RR3
#
_entry.id   8RR3
#
_cell.length_a   1.00
_cell.length_b   1.00
_cell.length_c   1.00
_cell.angle_alpha   90.00
_cell.angle_beta   90.00
_cell.angle_gamma   90.00
#
_symmetry.space_group_name_H-M   'P 1'
#
loop_
_entity.id
_entity.type
_entity.pdbx_description
1 polymer '3-hydroxyacyl-CoA dehydrogenase type-2'
2 polymer 'Zinc phosphodiesterase ELAC protein 2'
3 polymer 'tRNA methyltransferase 10 homolog C'
4 polymer "Human mitochondrial tRNA-Gln precursor with 3' trailer RNA"
5 non-polymer 'ZINC ION'
6 non-polymer S-ADENOSYL-L-HOMOCYSTEINE
#
loop_
_entity_poly.entity_id
_entity_poly.type
_entity_poly.pdbx_seq_one_letter_code
_entity_poly.pdbx_strand_id
1 'polypeptide(L)'
;MAAACRSVKGLVAVITGGASGLGLATAERLVGQGASAVLLDLPNSGGEAQAKKLGNNCVFAPADVTSEKDVQTALALAKG
KFGRVDVAVNCAGIAVASKTYNLKKGQTHTLEDFQRVLDVNLMGTFNVIRLVAGEMGQNEPDQGGQRGVIINTASVAAFE
GQVGQAAYSASKGGIVGMTLPIARDLAPIGIRVMTIAPGLFGTPLLTSLPEKVCNFLASQVPFPSRLGDPAEYAHLVQAI
IENPFLNGEVIRLDGAIRMQP
;
A,B,C,D
2 'polypeptide(L)'
;SNAPRKDPLRHLRTREKRGPSGCSGGPNTVYLQVVAAGSRDSGAALYVFSEFNRYLFNCGEGVQRLMQEHKLKVARLDNI
FLTRMHWSNVGGLSGMILTLKETGLPKCVLSGPPQLEKYLEAIKIFSGPLKGIELAVRPHSAPEYEDETMTVYQIPIHSE
QRRGKHQPWQSPERPLSRLSPERSSDSESNENEPHLPHGVSQRRGVRDSSLVVAFICKLHLKRGNFLVLKAKEMGLPVGT
AAIAPIIAAVKDGKSITHEGREILAEELCTPPDPGAAFVVVECPDESFIQPICENATFQRYQGKADAPVALVVHMAPASV
LVDSRYQQWMERFGPDTQHLVLNENCASVHNLRSHKIQTQLNLIHPDIFPLLTSFRCKKEGPTLSVPMVQGECLLKYQLR
PRREWQRDAIITCNPEEFIVEALQLPNFQQSVQEYRRSAQDGPAPAEKRSQYPEIIFLGTGSAIPMKIRNVSATLVNISP
DTSLLLDCGEGTFGQLCRHYGDQVDRVLGTLAAVFVSHLHANHHTGLPSILLQRERALASLGKPLHPLLVVAPNQLKAWL
QQYHNQCQEVLHHISMIPAKCLQEGAEISSPAVERLISSLLRTCDLEEFQTCLVRHCKHAFGCALVHTSGWKVVYSGDTM
PCEALVRMGKDATLLIHEATLEDGLEEEAVEKTHSTTSQAISVGMRMNAEFIMLNHFSQRYAKVPLFSPNFSEKVGVAFD
HMKVCFGDFPTMPKLIPPLKALFAGDIEEMEERREKRELRQVRAALLSRELAGGLEDGEPQQKRAHTEEPQAKKVRAQ
;
E
3 'polypeptide(L)'
;SNAAATREFIEMWRLLGREVPEHITEEELKTLMECVSNTAKKKYLKYLYTKEKVKKARQIKKEMKAAAREEAKNIKLLET
TEEDKQKNFLFLRLWDRNMDIAMGWKGAQAMQFGQPLVFDMAYENYMKRKELQNTVSQLLESEGWNRRNVDPFHIYFCNL
KIDGALHRELVKRYQEKWDKLLLTSTEKSHVDLFPKDSIIYLTADSPNVMTTFRHDKVYVIGSFVDKSMQPGTSLAKAKR
LNLATECLPLDKYLQWEIGNKNLTLDQMIRILLCLKNNGNWQEALQFVPKRKHTGFLEISQHSQEFINRLKKAKT
;
F
4 'polyribonucleotide'
;UAGGAUGGGGUGUGAUAGGUGGCACGGAGAAUUUUGGAUUCUCAGGGAUGGGUUCGAUUCUCAUAGUCCUAGGCUCCGAG
GUGAUUUUCAAGCUCG
;
T
#
loop_
_chem_comp.id
_chem_comp.type
_chem_comp.name
_chem_comp.formula
A RNA linking ADENOSINE-5'-MONOPHOSPHATE 'C10 H14 N5 O7 P'
C RNA linking CYTIDINE-5'-MONOPHOSPHATE 'C9 H14 N3 O8 P'
G RNA linking GUANOSINE-5'-MONOPHOSPHATE 'C10 H14 N5 O8 P'
SAH non-polymer S-ADENOSYL-L-HOMOCYSTEINE 'C14 H20 N6 O5 S'
U RNA linking URIDINE-5'-MONOPHOSPHATE 'C9 H13 N2 O9 P'
ZN non-polymer 'ZINC ION' 'Zn 2'
#
# COMPACT_ATOMS: atom_id res chain seq x y z
N SER A 7 2.32 57.00 -14.47
CA SER A 7 1.64 55.85 -15.08
C SER A 7 2.57 55.16 -16.08
N VAL A 8 2.15 53.97 -16.53
CA VAL A 8 2.95 53.19 -17.48
C VAL A 8 2.74 53.62 -18.92
N LYS A 9 1.88 54.61 -19.17
CA LYS A 9 1.62 55.12 -20.51
C LYS A 9 2.90 55.50 -21.23
N GLY A 10 3.13 54.90 -22.39
CA GLY A 10 4.26 55.21 -23.23
C GLY A 10 5.54 54.45 -22.92
N LEU A 11 5.57 53.66 -21.84
CA LEU A 11 6.77 52.90 -21.53
C LEU A 11 6.93 51.73 -22.50
N VAL A 12 8.18 51.37 -22.76
CA VAL A 12 8.53 50.22 -23.58
C VAL A 12 9.09 49.14 -22.66
N ALA A 13 8.51 47.96 -22.70
CA ALA A 13 8.90 46.85 -21.83
C ALA A 13 9.39 45.67 -22.64
N VAL A 14 10.50 45.09 -22.19
CA VAL A 14 11.03 43.84 -22.72
C VAL A 14 10.70 42.75 -21.72
N ILE A 15 9.97 41.73 -22.19
CA ILE A 15 9.41 40.70 -21.32
C ILE A 15 9.94 39.36 -21.79
N THR A 16 10.82 38.76 -21.01
CA THR A 16 11.36 37.44 -21.34
C THR A 16 10.37 36.37 -20.90
N GLY A 17 10.25 35.32 -21.72
CA GLY A 17 9.23 34.33 -21.48
C GLY A 17 7.83 34.85 -21.71
N GLY A 18 7.68 35.85 -22.58
CA GLY A 18 6.42 36.51 -22.83
C GLY A 18 5.44 35.80 -23.73
N ALA A 19 5.78 34.60 -24.20
CA ALA A 19 4.89 33.86 -25.07
C ALA A 19 3.80 33.12 -24.30
N SER A 20 3.93 33.02 -22.99
CA SER A 20 2.96 32.29 -22.18
C SER A 20 3.12 32.70 -20.71
N GLY A 21 2.15 32.28 -19.91
CA GLY A 21 2.23 32.41 -18.46
C GLY A 21 2.33 33.85 -17.99
N LEU A 22 3.22 34.06 -17.01
CA LEU A 22 3.33 35.39 -16.42
C LEU A 22 3.82 36.41 -17.43
N GLY A 23 4.71 36.02 -18.34
CA GLY A 23 5.19 36.98 -19.32
C GLY A 23 4.09 37.40 -20.28
N LEU A 24 3.17 36.48 -20.58
CA LEU A 24 2.08 36.86 -21.47
C LEU A 24 1.08 37.71 -20.72
N ALA A 25 0.86 37.41 -19.44
CA ALA A 25 -0.10 38.19 -18.67
C ALA A 25 0.39 39.63 -18.54
N THR A 26 1.69 39.79 -18.30
CA THR A 26 2.29 41.11 -18.18
C THR A 26 2.22 41.85 -19.51
N ALA A 27 2.49 41.14 -20.62
CA ALA A 27 2.38 41.80 -21.92
C ALA A 27 0.95 42.25 -22.18
N GLU A 28 -0.02 41.41 -21.82
CA GLU A 28 -1.43 41.76 -21.97
C GLU A 28 -1.77 43.02 -21.18
N ARG A 29 -1.32 43.10 -19.92
CA ARG A 29 -1.69 44.28 -19.14
C ARG A 29 -1.02 45.53 -19.67
N LEU A 30 0.30 45.50 -19.89
CA LEU A 30 0.99 46.73 -20.30
C LEU A 30 0.53 47.18 -21.69
N VAL A 31 0.38 46.25 -22.64
CA VAL A 31 -0.15 46.63 -23.94
C VAL A 31 -1.56 47.18 -23.81
N GLY A 32 -2.39 46.57 -22.97
CA GLY A 32 -3.72 47.11 -22.76
C GLY A 32 -3.69 48.50 -22.14
N GLN A 33 -2.71 48.75 -21.27
CA GLN A 33 -2.57 50.08 -20.66
C GLN A 33 -1.89 51.07 -21.58
N GLY A 34 -1.46 50.64 -22.76
CA GLY A 34 -0.81 51.50 -23.74
C GLY A 34 0.71 51.42 -23.77
N ALA A 35 1.31 50.45 -23.09
CA ALA A 35 2.75 50.23 -23.16
C ALA A 35 3.09 49.31 -24.32
N SER A 36 4.16 49.63 -25.03
CA SER A 36 4.66 48.73 -26.07
C SER A 36 5.53 47.65 -25.45
N ALA A 37 5.43 46.43 -25.98
CA ALA A 37 6.07 45.27 -25.38
C ALA A 37 6.80 44.47 -26.45
N VAL A 38 7.89 43.82 -26.04
CA VAL A 38 8.64 42.88 -26.88
C VAL A 38 8.70 41.53 -26.18
N LEU A 39 8.10 40.51 -26.79
CA LEU A 39 8.14 39.16 -26.25
C LEU A 39 9.44 38.48 -26.66
N LEU A 40 10.29 38.15 -25.69
CA LEU A 40 11.58 37.51 -25.95
C LEU A 40 11.49 36.07 -25.48
N ASP A 41 11.51 35.13 -26.43
CA ASP A 41 11.31 33.73 -26.11
C ASP A 41 11.89 32.90 -27.24
N LEU A 42 12.06 31.61 -26.97
CA LEU A 42 12.64 30.69 -27.94
C LEU A 42 11.79 30.63 -29.21
N PRO A 43 12.43 30.45 -30.37
CA PRO A 43 11.67 30.37 -31.63
C PRO A 43 10.70 29.19 -31.69
N ASN A 44 10.92 28.14 -30.89
CA ASN A 44 10.02 26.99 -30.92
C ASN A 44 8.63 27.38 -30.41
N SER A 45 8.56 28.33 -29.47
CA SER A 45 7.28 28.69 -28.88
C SER A 45 6.42 29.46 -29.89
N GLY A 46 5.13 29.57 -29.57
CA GLY A 46 4.19 30.29 -30.40
C GLY A 46 4.20 31.80 -30.21
N GLY A 47 5.39 32.37 -29.99
CA GLY A 47 5.46 33.78 -29.67
C GLY A 47 4.89 34.68 -30.76
N GLU A 48 5.19 34.36 -32.02
CA GLU A 48 4.71 35.21 -33.12
C GLU A 48 3.20 35.17 -33.24
N ALA A 49 2.57 34.06 -32.82
CA ALA A 49 1.12 34.01 -32.82
C ALA A 49 0.54 34.98 -31.79
N GLN A 50 1.13 35.01 -30.59
CA GLN A 50 0.63 35.91 -29.56
C GLN A 50 0.87 37.35 -29.96
N ALA A 51 2.04 37.64 -30.54
CA ALA A 51 2.32 39.00 -30.99
C ALA A 51 1.35 39.44 -32.07
N LYS A 52 1.04 38.55 -33.03
CA LYS A 52 0.02 38.88 -34.03
C LYS A 52 -1.33 39.10 -33.39
N LYS A 53 -1.67 38.30 -32.37
CA LYS A 53 -2.94 38.48 -31.67
C LYS A 53 -2.99 39.81 -30.92
N LEU A 54 -1.91 40.19 -30.25
CA LEU A 54 -1.91 41.39 -29.43
C LEU A 54 -1.88 42.66 -30.27
N GLY A 55 -1.38 42.60 -31.50
CA GLY A 55 -1.46 43.72 -32.40
C GLY A 55 -0.15 44.49 -32.53
N ASN A 56 -0.29 45.74 -32.97
CA ASN A 56 0.84 46.54 -33.42
C ASN A 56 1.80 46.92 -32.29
N ASN A 57 1.33 46.94 -31.05
CA ASN A 57 2.18 47.33 -29.93
C ASN A 57 2.95 46.15 -29.34
N CYS A 58 2.92 44.98 -29.99
CA CYS A 58 3.62 43.81 -29.49
C CYS A 58 4.51 43.25 -30.58
N VAL A 59 5.69 42.77 -30.19
CA VAL A 59 6.66 42.20 -31.12
C VAL A 59 7.28 40.96 -30.49
N PHE A 60 7.50 39.93 -31.30
CA PHE A 60 8.14 38.70 -30.85
C PHE A 60 9.60 38.70 -31.27
N ALA A 61 10.49 38.51 -30.30
CA ALA A 61 11.94 38.46 -30.58
C ALA A 61 12.49 37.07 -30.27
N PRO A 62 12.85 36.28 -31.27
CA PRO A 62 13.39 34.94 -31.02
C PRO A 62 14.82 34.98 -30.48
N ALA A 63 15.00 34.52 -29.24
CA ALA A 63 16.30 34.56 -28.60
C ALA A 63 16.36 33.47 -27.54
N ASP A 64 17.57 32.92 -27.34
CA ASP A 64 17.85 31.98 -26.26
C ASP A 64 18.58 32.74 -25.17
N VAL A 65 18.00 32.76 -23.95
CA VAL A 65 18.59 33.56 -22.89
C VAL A 65 19.95 33.07 -22.42
N THR A 66 20.29 31.80 -22.62
CA THR A 66 21.61 31.35 -22.20
C THR A 66 22.71 31.73 -23.17
N SER A 67 22.36 32.25 -24.34
CA SER A 67 23.30 32.64 -25.39
C SER A 67 23.40 34.15 -25.46
N GLU A 68 24.62 34.68 -25.44
CA GLU A 68 24.83 36.12 -25.54
C GLU A 68 24.39 36.72 -26.87
N LYS A 69 24.67 36.05 -28.00
CA LYS A 69 24.36 36.68 -29.28
C LYS A 69 22.87 36.76 -29.58
N ASP A 70 22.08 35.78 -29.15
CA ASP A 70 20.64 35.85 -29.36
C ASP A 70 20.03 36.99 -28.57
N VAL A 71 20.39 37.12 -27.29
CA VAL A 71 19.79 38.17 -26.48
C VAL A 71 20.23 39.53 -27.03
N GLN A 72 21.49 39.64 -27.45
CA GLN A 72 21.95 40.90 -28.04
C GLN A 72 21.17 41.23 -29.30
N THR A 73 20.86 40.22 -30.12
CA THR A 73 20.05 40.44 -31.31
C THR A 73 18.63 40.87 -30.95
N ALA A 74 18.05 40.26 -29.93
CA ALA A 74 16.69 40.61 -29.52
C ALA A 74 16.65 42.05 -29.02
N LEU A 75 17.65 42.45 -28.23
CA LEU A 75 17.69 43.82 -27.73
C LEU A 75 17.93 44.80 -28.86
N ALA A 76 18.74 44.43 -29.85
CA ALA A 76 18.92 45.28 -31.03
C ALA A 76 17.61 45.44 -31.80
N LEU A 77 16.82 44.37 -31.90
CA LEU A 77 15.52 44.44 -32.55
C LEU A 77 14.59 45.37 -31.79
N ALA A 78 14.55 45.26 -30.47
CA ALA A 78 13.71 46.13 -29.66
C ALA A 78 14.14 47.59 -29.81
N LYS A 79 15.44 47.85 -29.79
CA LYS A 79 15.95 49.21 -29.94
C LYS A 79 15.60 49.76 -31.32
N GLY A 80 15.69 48.93 -32.36
CA GLY A 80 15.31 49.38 -33.69
C GLY A 80 13.83 49.69 -33.81
N LYS A 81 12.98 48.88 -33.18
CA LYS A 81 11.54 49.08 -33.32
C LYS A 81 11.04 50.26 -32.51
N PHE A 82 11.41 50.34 -31.23
CA PHE A 82 10.81 51.34 -30.35
C PHE A 82 11.79 52.39 -29.86
N GLY A 83 13.09 52.18 -30.05
CA GLY A 83 14.13 53.14 -29.76
C GLY A 83 14.62 53.18 -28.33
N ARG A 84 13.93 52.53 -27.39
CA ARG A 84 14.37 52.55 -26.00
C ARG A 84 13.74 51.36 -25.29
N VAL A 85 14.28 51.06 -24.11
CA VAL A 85 13.71 50.11 -23.16
C VAL A 85 13.61 50.77 -21.79
N ASP A 86 12.41 50.78 -21.23
CA ASP A 86 12.16 51.38 -19.92
C ASP A 86 11.91 50.35 -18.83
N VAL A 87 11.37 49.18 -19.17
CA VAL A 87 11.06 48.15 -18.19
C VAL A 87 11.57 46.83 -18.76
N ALA A 88 12.09 45.97 -17.88
CA ALA A 88 12.44 44.61 -18.24
C ALA A 88 11.88 43.65 -17.19
N VAL A 89 11.27 42.57 -17.66
CA VAL A 89 10.67 41.57 -16.77
C VAL A 89 11.24 40.20 -17.16
N ASN A 90 11.77 39.48 -16.17
CA ASN A 90 12.40 38.19 -16.40
C ASN A 90 11.45 37.10 -15.90
N CYS A 91 10.65 36.55 -16.82
CA CYS A 91 9.72 35.49 -16.48
C CYS A 91 10.14 34.13 -17.02
N ALA A 92 11.17 34.07 -17.85
CA ALA A 92 11.62 32.78 -18.38
C ALA A 92 12.16 31.93 -17.25
N GLY A 93 11.92 30.63 -17.33
CA GLY A 93 12.45 29.72 -16.34
C GLY A 93 11.94 28.32 -16.59
N ILE A 94 12.73 27.36 -16.11
CA ILE A 94 12.39 25.95 -16.23
C ILE A 94 12.62 25.31 -14.86
N ALA A 95 12.07 24.11 -14.69
CA ALA A 95 12.20 23.40 -13.44
C ALA A 95 12.47 21.93 -13.71
N VAL A 96 12.99 21.26 -12.69
CA VAL A 96 13.19 19.81 -12.70
C VAL A 96 12.80 19.28 -11.33
N ALA A 97 12.17 18.10 -11.31
CA ALA A 97 11.79 17.45 -10.06
C ALA A 97 12.66 16.21 -9.90
N SER A 98 13.74 16.34 -9.14
CA SER A 98 14.67 15.25 -8.90
C SER A 98 15.34 15.46 -7.56
N LYS A 99 15.41 14.39 -6.76
CA LYS A 99 16.01 14.46 -5.44
C LYS A 99 17.52 14.45 -5.56
N THR A 100 18.19 15.13 -4.61
CA THR A 100 19.64 15.19 -4.63
C THR A 100 20.25 13.79 -4.59
N TYR A 101 19.84 12.98 -3.62
CA TYR A 101 20.27 11.59 -3.58
C TYR A 101 19.12 10.77 -2.98
N ASN A 102 19.00 9.53 -3.43
CA ASN A 102 17.88 8.68 -3.04
C ASN A 102 18.45 7.31 -2.64
N LEU A 103 18.60 7.09 -1.34
CA LEU A 103 19.27 5.89 -0.86
C LEU A 103 18.48 4.64 -1.22
N LYS A 104 17.15 4.72 -1.12
CA LYS A 104 16.31 3.56 -1.40
C LYS A 104 16.42 3.13 -2.86
N LYS A 105 16.26 4.07 -3.79
CA LYS A 105 16.37 3.76 -5.21
C LYS A 105 17.81 3.69 -5.70
N GLY A 106 18.77 4.14 -4.89
CA GLY A 106 20.16 4.13 -5.31
C GLY A 106 20.45 5.01 -6.50
N GLN A 107 19.84 6.20 -6.55
CA GLN A 107 20.02 7.13 -7.66
C GLN A 107 20.53 8.46 -7.14
N THR A 108 21.28 9.14 -8.01
CA THR A 108 21.89 10.42 -7.71
C THR A 108 21.48 11.41 -8.80
N HIS A 109 21.21 12.64 -8.38
CA HIS A 109 20.91 13.71 -9.33
C HIS A 109 22.04 13.83 -10.34
N THR A 110 21.68 13.87 -11.62
CA THR A 110 22.70 14.00 -12.64
C THR A 110 23.26 15.41 -12.60
N LEU A 111 24.53 15.54 -12.99
CA LEU A 111 25.14 16.86 -13.01
C LEU A 111 24.72 17.69 -14.22
N GLU A 112 24.37 17.04 -15.33
CA GLU A 112 23.94 17.75 -16.52
C GLU A 112 22.59 18.44 -16.29
N ASP A 113 21.65 17.76 -15.64
CA ASP A 113 20.34 18.34 -15.36
C ASP A 113 20.47 19.55 -14.44
N PHE A 114 21.27 19.42 -13.38
CA PHE A 114 21.45 20.54 -12.46
C PHE A 114 22.08 21.72 -13.18
N GLN A 115 23.12 21.46 -13.99
CA GLN A 115 23.81 22.56 -14.67
C GLN A 115 22.93 23.19 -15.74
N ARG A 116 22.07 22.40 -16.40
CA ARG A 116 21.17 22.96 -17.40
C ARG A 116 20.13 23.87 -16.76
N VAL A 117 19.50 23.39 -15.67
CA VAL A 117 18.52 24.22 -14.97
C VAL A 117 19.21 25.47 -14.44
N LEU A 118 20.42 25.33 -13.93
CA LEU A 118 21.14 26.45 -13.34
C LEU A 118 21.46 27.48 -14.42
N ASP A 119 21.84 27.00 -15.61
CA ASP A 119 22.20 27.90 -16.70
C ASP A 119 20.98 28.66 -17.18
N VAL A 120 19.85 27.96 -17.35
CA VAL A 120 18.67 28.64 -17.88
C VAL A 120 18.12 29.62 -16.85
N ASN A 121 17.97 29.19 -15.61
CA ASN A 121 17.30 30.00 -14.60
C ASN A 121 18.20 31.12 -14.08
N LEU A 122 19.39 30.76 -13.58
CA LEU A 122 20.24 31.72 -12.88
C LEU A 122 21.17 32.47 -13.83
N MET A 123 21.99 31.74 -14.59
CA MET A 123 22.95 32.40 -15.48
C MET A 123 22.23 33.18 -16.57
N GLY A 124 21.14 32.64 -17.11
CA GLY A 124 20.38 33.38 -18.11
C GLY A 124 19.79 34.67 -17.57
N THR A 125 19.33 34.66 -16.33
CA THR A 125 18.79 35.87 -15.72
C THR A 125 19.87 36.94 -15.60
N PHE A 126 21.04 36.58 -15.07
CA PHE A 126 22.12 37.56 -14.96
C PHE A 126 22.55 38.03 -16.35
N ASN A 127 22.56 37.12 -17.32
CA ASN A 127 22.95 37.50 -18.69
C ASN A 127 22.00 38.53 -19.26
N VAL A 128 20.70 38.37 -18.99
CA VAL A 128 19.73 39.33 -19.48
C VAL A 128 19.89 40.66 -18.74
N ILE A 129 20.05 40.60 -17.41
CA ILE A 129 20.18 41.84 -16.65
C ILE A 129 21.39 42.63 -17.14
N ARG A 130 22.53 41.96 -17.28
CA ARG A 130 23.77 42.61 -17.69
C ARG A 130 23.73 43.10 -19.12
N LEU A 131 22.92 42.49 -19.99
CA LEU A 131 22.89 43.00 -21.36
C LEU A 131 21.85 44.11 -21.53
N VAL A 132 20.72 44.00 -20.84
CA VAL A 132 19.70 45.04 -20.88
C VAL A 132 20.25 46.31 -20.25
N ALA A 133 20.99 46.19 -19.15
CA ALA A 133 21.57 47.36 -18.50
C ALA A 133 22.45 48.16 -19.45
N GLY A 134 23.14 47.49 -20.37
CA GLY A 134 23.89 48.22 -21.38
C GLY A 134 23.02 49.05 -22.31
N GLU A 135 21.76 48.63 -22.49
CA GLU A 135 20.82 49.39 -23.30
C GLU A 135 20.14 50.47 -22.46
N MET A 136 19.76 50.12 -21.23
CA MET A 136 19.14 51.08 -20.32
C MET A 136 20.10 52.20 -19.96
N GLY A 137 21.40 51.93 -19.98
CA GLY A 137 22.37 52.96 -19.64
C GLY A 137 22.36 54.15 -20.59
N GLN A 138 21.74 54.00 -21.75
CA GLN A 138 21.68 55.08 -22.73
C GLN A 138 20.46 55.99 -22.59
N ASN A 139 19.50 55.68 -21.73
CA ASN A 139 18.34 56.54 -21.58
C ASN A 139 18.70 57.83 -20.83
N GLU A 140 18.07 58.93 -21.23
CA GLU A 140 18.16 60.15 -20.43
C GLU A 140 17.28 59.94 -19.20
N PRO A 141 17.76 60.25 -17.99
CA PRO A 141 16.99 59.87 -16.79
C PRO A 141 15.59 60.49 -16.71
N ASP A 142 14.66 59.69 -16.21
CA ASP A 142 13.34 60.15 -15.81
C ASP A 142 13.46 61.12 -14.64
N GLN A 143 12.39 61.88 -14.40
CA GLN A 143 12.44 62.83 -13.30
C GLN A 143 12.60 61.98 -12.05
N GLY A 144 13.55 62.33 -11.19
CA GLY A 144 13.64 61.70 -9.89
C GLY A 144 14.83 60.77 -9.82
N GLY A 145 15.66 60.76 -10.86
CA GLY A 145 16.84 59.94 -11.00
C GLY A 145 16.65 58.53 -11.53
N GLN A 146 15.43 58.10 -11.84
CA GLN A 146 15.27 56.73 -12.31
C GLN A 146 15.58 56.69 -13.80
N ARG A 147 16.33 55.66 -14.21
CA ARG A 147 16.63 55.40 -15.60
C ARG A 147 15.89 54.20 -16.19
N GLY A 148 15.52 53.23 -15.37
CA GLY A 148 14.81 52.06 -15.85
C GLY A 148 14.49 51.14 -14.70
N VAL A 149 13.73 50.08 -15.00
CA VAL A 149 13.30 49.11 -14.01
C VAL A 149 13.56 47.71 -14.53
N ILE A 150 14.03 46.85 -13.64
CA ILE A 150 14.27 45.43 -13.93
C ILE A 150 13.53 44.60 -12.88
N ILE A 151 12.68 43.69 -13.34
CA ILE A 151 11.89 42.84 -12.47
C ILE A 151 12.28 41.39 -12.72
N ASN A 152 12.57 40.66 -11.65
CA ASN A 152 12.95 39.25 -11.71
C ASN A 152 11.86 38.38 -11.09
N THR A 153 11.98 37.08 -11.33
CA THR A 153 11.04 36.10 -10.79
C THR A 153 11.84 35.04 -10.05
N ALA A 154 11.59 34.90 -8.76
CA ALA A 154 12.28 33.92 -7.92
C ALA A 154 11.23 33.26 -7.03
N SER A 155 10.72 32.10 -7.50
CA SER A 155 9.65 31.39 -6.81
C SER A 155 9.97 31.19 -5.33
N VAL A 156 8.93 30.98 -4.52
CA VAL A 156 9.08 30.85 -3.08
C VAL A 156 10.01 29.71 -2.68
N ALA A 157 10.34 28.82 -3.61
CA ALA A 157 11.30 27.75 -3.34
C ALA A 157 12.65 28.29 -2.88
N ALA A 158 12.98 29.53 -3.22
CA ALA A 158 14.22 30.14 -2.75
C ALA A 158 14.27 30.29 -1.24
N PHE A 159 13.12 30.25 -0.57
CA PHE A 159 13.05 30.38 0.88
C PHE A 159 12.74 29.08 1.58
N GLU A 160 11.77 28.31 1.06
CA GLU A 160 11.28 27.10 1.71
C GLU A 160 11.10 26.00 0.68
N GLY A 161 12.11 25.82 -0.18
CA GLY A 161 12.05 24.82 -1.22
C GLY A 161 11.62 23.43 -0.78
N GLN A 162 10.89 22.72 -1.63
CA GLN A 162 10.36 21.42 -1.28
C GLN A 162 11.36 20.31 -1.58
N VAL A 163 10.98 19.08 -1.23
CA VAL A 163 11.76 17.91 -1.60
C VAL A 163 11.80 17.76 -3.12
N GLY A 164 12.97 17.40 -3.64
CA GLY A 164 13.12 17.25 -5.08
C GLY A 164 13.20 18.54 -5.86
N GLN A 165 13.34 19.67 -5.19
CA GLN A 165 13.36 20.99 -5.80
C GLN A 165 14.70 21.68 -5.57
N ALA A 166 15.76 20.89 -5.37
CA ALA A 166 17.05 21.44 -4.99
C ALA A 166 17.65 22.33 -6.09
N ALA A 167 17.68 21.85 -7.34
CA ALA A 167 18.30 22.67 -8.39
C ALA A 167 17.52 23.96 -8.62
N TYR A 168 16.19 23.87 -8.66
CA TYR A 168 15.37 25.06 -8.85
C TYR A 168 15.50 26.00 -7.67
N SER A 169 15.51 25.45 -6.45
CA SER A 169 15.63 26.30 -5.28
C SER A 169 17.00 26.96 -5.24
N ALA A 170 18.03 26.25 -5.67
CA ALA A 170 19.37 26.84 -5.69
C ALA A 170 19.45 28.02 -6.66
N SER A 171 18.85 27.87 -7.84
CA SER A 171 18.87 28.96 -8.81
C SER A 171 18.06 30.15 -8.33
N LYS A 172 16.85 29.91 -7.81
CA LYS A 172 16.07 31.04 -7.31
C LYS A 172 16.68 31.64 -6.04
N GLY A 173 17.33 30.81 -5.22
CA GLY A 173 18.04 31.36 -4.08
C GLY A 173 19.19 32.25 -4.52
N GLY A 174 19.81 31.91 -5.64
CA GLY A 174 20.86 32.77 -6.16
C GLY A 174 20.29 34.10 -6.62
N ILE A 175 19.14 34.05 -7.28
CA ILE A 175 18.49 35.29 -7.74
C ILE A 175 18.11 36.16 -6.54
N VAL A 176 17.56 35.54 -5.49
CA VAL A 176 17.24 36.27 -4.26
C VAL A 176 18.50 36.85 -3.64
N GLY A 177 19.58 36.08 -3.64
CA GLY A 177 20.81 36.53 -3.00
C GLY A 177 21.39 37.72 -3.73
N MET A 178 21.40 37.67 -5.06
CA MET A 178 22.03 38.70 -5.88
C MET A 178 21.09 39.86 -6.19
N THR A 179 19.85 39.81 -5.70
CA THR A 179 18.92 40.92 -5.94
C THR A 179 19.48 42.23 -5.40
N LEU A 180 19.92 42.23 -4.13
CA LEU A 180 20.42 43.40 -3.43
C LEU A 180 21.78 43.84 -4.00
N PRO A 181 22.72 42.92 -4.27
CA PRO A 181 23.98 43.34 -4.90
C PRO A 181 23.76 44.10 -6.20
N ILE A 182 22.82 43.68 -7.03
CA ILE A 182 22.58 44.40 -8.28
C ILE A 182 21.98 45.77 -7.97
N ALA A 183 21.09 45.82 -6.98
CA ALA A 183 20.53 47.12 -6.58
C ALA A 183 21.62 48.07 -6.13
N ARG A 184 22.67 47.56 -5.48
CA ARG A 184 23.78 48.42 -5.10
C ARG A 184 24.66 48.76 -6.31
N ASP A 185 24.82 47.82 -7.24
CA ASP A 185 25.60 48.06 -8.44
C ASP A 185 25.00 49.15 -9.33
N LEU A 186 23.69 49.08 -9.57
CA LEU A 186 23.03 49.94 -10.54
C LEU A 186 22.51 51.24 -9.94
N ALA A 187 22.49 51.37 -8.62
CA ALA A 187 22.02 52.60 -7.99
C ALA A 187 22.69 53.85 -8.51
N PRO A 188 24.03 53.92 -8.68
CA PRO A 188 24.62 55.18 -9.17
C PRO A 188 24.21 55.53 -10.59
N ILE A 189 23.65 54.59 -11.35
CA ILE A 189 23.18 54.89 -12.70
C ILE A 189 21.66 54.86 -12.80
N GLY A 190 20.95 54.67 -11.69
CA GLY A 190 19.53 54.89 -11.66
C GLY A 190 18.64 53.79 -12.21
N ILE A 191 19.02 52.52 -12.06
CA ILE A 191 18.18 51.39 -12.46
C ILE A 191 17.75 50.62 -11.23
N ARG A 192 16.44 50.45 -11.07
CA ARG A 192 15.91 49.68 -9.96
C ARG A 192 15.74 48.22 -10.36
N VAL A 193 16.05 47.32 -9.42
CA VAL A 193 15.94 45.89 -9.61
C VAL A 193 15.04 45.35 -8.51
N MET A 194 14.02 44.58 -8.90
CA MET A 194 13.01 44.10 -7.97
C MET A 194 12.72 42.64 -8.30
N THR A 195 12.24 41.92 -7.29
CA THR A 195 12.01 40.49 -7.42
C THR A 195 10.65 40.15 -6.85
N ILE A 196 9.92 39.32 -7.59
CA ILE A 196 8.61 38.82 -7.19
C ILE A 196 8.69 37.32 -6.94
N ALA A 197 8.09 36.87 -5.85
CA ALA A 197 8.10 35.47 -5.46
C ALA A 197 6.65 35.02 -5.63
N PRO A 198 6.24 34.67 -6.86
CA PRO A 198 4.84 34.35 -7.10
C PRO A 198 4.37 33.01 -6.53
N GLY A 199 5.19 31.98 -6.58
CA GLY A 199 4.72 30.78 -5.92
C GLY A 199 3.77 30.02 -6.81
N LEU A 200 2.71 29.45 -6.26
CA LEU A 200 1.72 28.73 -7.05
C LEU A 200 0.85 29.67 -7.90
N PHE A 201 1.04 29.62 -9.21
CA PHE A 201 0.40 30.57 -10.13
C PHE A 201 -0.34 29.83 -11.22
N GLY A 202 -0.76 30.54 -12.26
CA GLY A 202 -1.28 29.90 -13.44
C GLY A 202 -0.22 29.49 -14.46
N THR A 203 1.04 29.47 -14.04
CA THR A 203 2.12 29.08 -14.93
C THR A 203 2.06 27.57 -15.22
N PRO A 204 2.30 27.09 -16.46
CA PRO A 204 2.32 25.66 -16.72
C PRO A 204 3.30 24.85 -15.85
N LEU A 205 4.21 25.49 -15.11
CA LEU A 205 5.07 24.68 -14.21
C LEU A 205 4.13 24.01 -13.21
N LEU A 206 3.00 24.65 -12.91
CA LEU A 206 2.04 23.96 -12.04
C LEU A 206 1.09 23.07 -12.84
N THR A 207 1.52 22.58 -14.00
CA THR A 207 0.73 21.65 -14.80
C THR A 207 1.38 20.29 -14.97
N SER A 208 2.72 20.22 -14.93
CA SER A 208 3.39 18.93 -14.99
C SER A 208 3.01 18.06 -13.80
N LEU A 209 2.81 18.67 -12.63
CA LEU A 209 2.32 17.93 -11.48
C LEU A 209 0.89 17.46 -11.75
N PRO A 210 0.48 16.35 -11.13
CA PRO A 210 -0.91 15.90 -11.29
C PRO A 210 -1.89 16.95 -10.76
N GLU A 211 -3.06 17.02 -11.40
CA GLU A 211 -4.03 18.04 -11.05
C GLU A 211 -4.53 17.91 -9.61
N LYS A 212 -4.47 16.71 -9.04
CA LYS A 212 -4.88 16.55 -7.65
C LYS A 212 -3.89 17.22 -6.69
N VAL A 213 -2.59 17.11 -6.99
CA VAL A 213 -1.58 17.83 -6.21
C VAL A 213 -1.80 19.32 -6.33
N CYS A 214 -2.12 19.79 -7.54
CA CYS A 214 -2.39 21.21 -7.74
C CYS A 214 -3.61 21.66 -6.95
N ASN A 215 -4.66 20.85 -6.92
CA ASN A 215 -5.86 21.19 -6.16
C ASN A 215 -5.56 21.25 -4.66
N PHE A 216 -4.79 20.27 -4.16
CA PHE A 216 -4.41 20.31 -2.75
C PHE A 216 -3.58 21.54 -2.42
N LEU A 217 -2.61 21.85 -3.28
CA LEU A 217 -1.77 23.01 -3.05
C LEU A 217 -2.56 24.31 -3.08
N ALA A 218 -3.52 24.41 -4.01
CA ALA A 218 -4.40 25.58 -4.06
C ALA A 218 -5.25 25.68 -2.80
N SER A 219 -5.79 24.56 -2.33
CA SER A 219 -6.61 24.58 -1.13
C SER A 219 -5.80 24.92 0.11
N GLN A 220 -4.48 24.64 0.09
CA GLN A 220 -3.65 24.90 1.26
C GLN A 220 -3.28 26.37 1.42
N VAL A 221 -3.52 27.21 0.42
CA VAL A 221 -3.25 28.64 0.57
C VAL A 221 -4.20 29.22 1.61
N PRO A 222 -3.71 30.00 2.59
CA PRO A 222 -4.59 30.53 3.63
C PRO A 222 -5.74 31.35 3.07
N PHE A 223 -5.42 32.40 2.32
CA PHE A 223 -6.45 33.18 1.64
C PHE A 223 -5.84 33.99 0.50
N PRO A 224 -6.43 33.97 -0.70
CA PRO A 224 -7.58 33.15 -1.11
C PRO A 224 -7.17 31.71 -1.40
N SER A 225 -8.00 30.72 -1.09
CA SER A 225 -7.59 29.32 -1.19
C SER A 225 -7.71 28.87 -2.65
N ARG A 226 -6.84 29.42 -3.48
CA ARG A 226 -6.80 29.10 -4.90
C ARG A 226 -5.42 29.44 -5.44
N LEU A 227 -5.13 28.91 -6.63
CA LEU A 227 -3.91 29.29 -7.33
C LEU A 227 -3.97 30.75 -7.75
N GLY A 228 -2.80 31.37 -7.82
CA GLY A 228 -2.75 32.77 -8.23
C GLY A 228 -3.18 32.95 -9.67
N ASP A 229 -3.77 34.12 -9.93
CA ASP A 229 -4.17 34.47 -11.28
C ASP A 229 -3.10 35.37 -11.87
N PRO A 230 -2.53 35.02 -13.03
CA PRO A 230 -1.42 35.82 -13.58
C PRO A 230 -1.74 37.30 -13.73
N ALA A 231 -3.01 37.68 -13.87
CA ALA A 231 -3.38 39.09 -13.90
C ALA A 231 -3.04 39.78 -12.59
N GLU A 232 -3.01 39.04 -11.48
CA GLU A 232 -2.61 39.65 -10.21
C GLU A 232 -1.11 39.87 -10.17
N TYR A 233 -0.35 39.00 -10.83
CA TYR A 233 1.08 39.26 -10.99
C TYR A 233 1.29 40.49 -11.86
N ALA A 234 0.53 40.60 -12.95
CA ALA A 234 0.71 41.77 -13.80
C ALA A 234 0.34 43.05 -13.06
N HIS A 235 -0.67 42.98 -12.18
CA HIS A 235 -1.04 44.14 -11.39
C HIS A 235 0.09 44.54 -10.46
N LEU A 236 0.73 43.54 -9.84
CA LEU A 236 1.84 43.86 -8.95
C LEU A 236 3.01 44.42 -9.73
N VAL A 237 3.23 43.91 -10.94
CA VAL A 237 4.30 44.42 -11.79
C VAL A 237 4.06 45.89 -12.12
N GLN A 238 2.81 46.24 -12.46
CA GLN A 238 2.50 47.65 -12.72
C GLN A 238 2.70 48.49 -11.48
N ALA A 239 2.32 47.96 -10.31
CA ALA A 239 2.51 48.71 -9.07
C ALA A 239 3.98 48.95 -8.79
N ILE A 240 4.82 47.96 -9.09
CA ILE A 240 6.26 48.11 -8.89
C ILE A 240 6.84 49.12 -9.88
N ILE A 241 6.37 49.09 -11.12
CA ILE A 241 6.86 50.04 -12.12
C ILE A 241 6.50 51.47 -11.71
N GLU A 242 5.29 51.66 -11.20
CA GLU A 242 4.83 53.01 -10.89
C GLU A 242 5.52 53.55 -9.64
N ASN A 243 5.72 52.69 -8.63
CA ASN A 243 6.21 53.13 -7.33
C ASN A 243 7.73 53.29 -7.33
N PRO A 244 8.25 54.50 -7.13
CA PRO A 244 9.71 54.72 -7.24
C PRO A 244 10.53 54.19 -6.08
N PHE A 245 9.95 53.83 -4.94
CA PHE A 245 10.75 53.55 -3.75
C PHE A 245 10.90 52.07 -3.46
N LEU A 246 10.27 51.18 -4.22
CA LEU A 246 10.53 49.75 -4.07
C LEU A 246 11.83 49.42 -4.79
N ASN A 247 12.85 48.98 -4.06
CA ASN A 247 14.11 48.62 -4.72
C ASN A 247 14.88 47.62 -3.88
N GLY A 248 15.46 46.63 -4.57
CA GLY A 248 16.34 45.66 -3.95
C GLY A 248 15.67 44.81 -2.88
N GLU A 249 14.38 44.54 -3.03
CA GLU A 249 13.62 43.85 -2.02
C GLU A 249 12.92 42.68 -2.71
N VAL A 250 12.66 41.60 -1.96
CA VAL A 250 11.90 40.46 -2.48
C VAL A 250 10.50 40.48 -1.87
N ILE A 251 9.49 40.45 -2.74
CA ILE A 251 8.09 40.45 -2.30
C ILE A 251 7.50 39.09 -2.59
N ARG A 252 7.08 38.39 -1.54
CA ARG A 252 6.40 37.11 -1.68
C ARG A 252 4.93 37.33 -2.04
N LEU A 253 4.52 36.86 -3.22
CA LEU A 253 3.13 36.94 -3.65
C LEU A 253 2.45 35.56 -3.69
N ASP A 254 1.99 35.11 -2.51
CA ASP A 254 1.54 33.72 -2.38
C ASP A 254 0.30 33.60 -1.51
N GLY A 255 -0.34 34.70 -1.11
CA GLY A 255 -1.48 34.54 -0.24
C GLY A 255 -1.11 33.93 1.10
N ALA A 256 0.13 34.15 1.55
CA ALA A 256 0.65 33.76 2.87
C ALA A 256 0.87 32.27 3.04
N ILE A 257 0.96 31.49 1.96
CA ILE A 257 1.22 30.07 2.11
C ILE A 257 2.69 29.86 2.49
N ARG A 258 2.93 28.85 3.34
CA ARG A 258 4.26 28.48 3.77
C ARG A 258 4.49 27.02 3.42
N MET A 259 5.66 26.73 2.85
CA MET A 259 5.93 25.42 2.27
C MET A 259 6.32 24.41 3.33
N GLN A 260 5.70 23.25 3.28
CA GLN A 260 6.00 22.04 4.03
C GLN A 260 6.73 21.05 3.13
N PRO A 261 7.57 20.16 3.67
CA PRO A 261 8.29 19.25 2.79
C PRO A 261 7.43 18.10 2.28
N SER B 7 32.53 12.61 21.59
CA SER B 7 33.16 13.69 20.84
C SER B 7 33.52 13.25 19.42
N VAL B 8 34.41 14.00 18.77
CA VAL B 8 34.75 13.74 17.38
C VAL B 8 35.88 12.74 17.21
N LYS B 9 36.37 12.15 18.29
CA LYS B 9 37.48 11.20 18.18
C LYS B 9 37.06 9.97 17.39
N GLY B 10 37.90 9.59 16.43
CA GLY B 10 37.63 8.43 15.60
C GLY B 10 36.81 8.71 14.36
N LEU B 11 36.27 9.90 14.20
CA LEU B 11 35.49 10.21 13.01
C LEU B 11 36.42 10.50 11.82
N VAL B 12 35.92 10.20 10.63
CA VAL B 12 36.64 10.47 9.38
C VAL B 12 35.93 11.62 8.67
N ALA B 13 36.68 12.66 8.34
CA ALA B 13 36.14 13.85 7.72
C ALA B 13 36.79 14.08 6.37
N VAL B 14 35.99 14.45 5.38
CA VAL B 14 36.47 14.84 4.07
C VAL B 14 36.31 16.35 3.94
N ILE B 15 37.42 17.04 3.69
CA ILE B 15 37.47 18.50 3.66
C ILE B 15 37.93 18.95 2.29
N THR B 16 37.06 19.65 1.57
CA THR B 16 37.41 20.18 0.27
C THR B 16 38.09 21.53 0.46
N GLY B 17 39.11 21.79 -0.35
CA GLY B 17 39.91 22.97 -0.13
C GLY B 17 40.74 22.89 1.13
N GLY B 18 41.10 21.67 1.55
CA GLY B 18 41.76 21.41 2.82
C GLY B 18 43.22 21.80 2.86
N ALA B 19 43.80 22.23 1.74
CA ALA B 19 45.22 22.55 1.70
C ALA B 19 45.56 23.90 2.32
N SER B 20 44.56 24.74 2.59
CA SER B 20 44.81 26.07 3.12
C SER B 20 43.53 26.63 3.72
N GLY B 21 43.69 27.77 4.40
CA GLY B 21 42.56 28.54 4.89
C GLY B 21 41.70 27.82 5.90
N LEU B 22 40.39 28.03 5.79
CA LEU B 22 39.46 27.48 6.76
C LEU B 22 39.43 25.97 6.70
N GLY B 23 39.56 25.39 5.50
CA GLY B 23 39.56 23.93 5.40
C GLY B 23 40.73 23.33 6.13
N LEU B 24 41.92 23.90 5.91
CA LEU B 24 43.11 23.40 6.57
C LEU B 24 43.01 23.56 8.09
N ALA B 25 42.53 24.72 8.55
CA ALA B 25 42.40 24.93 9.99
C ALA B 25 41.39 23.94 10.60
N THR B 26 40.38 23.57 9.84
CA THR B 26 39.43 22.55 10.30
C THR B 26 40.11 21.20 10.39
N ALA B 27 40.94 20.87 9.39
CA ALA B 27 41.64 19.60 9.43
C ALA B 27 42.58 19.56 10.64
N GLU B 28 43.31 20.65 10.88
CA GLU B 28 44.22 20.68 12.02
C GLU B 28 43.48 20.46 13.33
N ARG B 29 42.31 21.10 13.47
CA ARG B 29 41.56 20.93 14.71
C ARG B 29 41.06 19.50 14.84
N LEU B 30 40.44 18.96 13.79
CA LEU B 30 39.85 17.63 13.92
C LEU B 30 40.92 16.56 14.14
N VAL B 31 42.05 16.65 13.45
CA VAL B 31 43.13 15.70 13.67
C VAL B 31 43.72 15.87 15.07
N GLY B 32 43.86 17.11 15.55
CA GLY B 32 44.31 17.29 16.91
C GLY B 32 43.36 16.68 17.92
N GLN B 33 42.06 16.74 17.64
CA GLN B 33 41.06 16.16 18.53
C GLN B 33 40.97 14.64 18.38
N GLY B 34 41.74 14.07 17.46
CA GLY B 34 41.77 12.63 17.27
C GLY B 34 40.98 12.10 16.10
N ALA B 35 40.46 12.96 15.23
CA ALA B 35 39.74 12.51 14.05
C ALA B 35 40.71 12.18 12.91
N SER B 36 40.17 11.71 11.80
CA SER B 36 40.90 11.49 10.56
C SER B 36 40.35 12.38 9.46
N ALA B 37 41.24 12.96 8.66
CA ALA B 37 40.86 13.96 7.67
C ALA B 37 41.46 13.62 6.31
N VAL B 38 40.72 13.95 5.25
CA VAL B 38 41.19 13.83 3.88
C VAL B 38 41.16 15.21 3.25
N LEU B 39 42.34 15.70 2.85
CA LEU B 39 42.44 17.00 2.19
C LEU B 39 42.20 16.84 0.69
N LEU B 40 41.03 17.28 0.22
CA LEU B 40 40.66 17.20 -1.18
C LEU B 40 40.85 18.58 -1.80
N ASP B 41 41.88 18.75 -2.62
CA ASP B 41 42.19 20.06 -3.17
C ASP B 41 42.97 19.87 -4.47
N LEU B 42 43.21 21.00 -5.15
CA LEU B 42 43.91 20.98 -6.42
C LEU B 42 45.34 20.44 -6.25
N PRO B 43 45.89 19.79 -7.28
CA PRO B 43 47.24 19.21 -7.15
C PRO B 43 48.34 20.23 -6.92
N ASN B 44 48.17 21.47 -7.38
CA ASN B 44 49.19 22.50 -7.22
C ASN B 44 49.07 23.31 -5.94
N SER B 45 48.12 22.96 -5.07
CA SER B 45 47.88 23.76 -3.87
C SER B 45 48.96 23.61 -2.82
N GLY B 46 49.87 22.64 -2.98
CA GLY B 46 50.85 22.37 -1.93
C GLY B 46 50.30 21.60 -0.76
N GLY B 47 49.16 20.93 -0.94
CA GLY B 47 48.51 20.21 0.14
C GLY B 47 49.28 19.00 0.66
N GLU B 48 50.17 18.42 -0.15
CA GLU B 48 50.89 17.24 0.30
C GLU B 48 51.83 17.57 1.46
N ALA B 49 52.35 18.80 1.50
CA ALA B 49 53.14 19.21 2.65
C ALA B 49 52.28 19.28 3.90
N GLN B 50 51.07 19.84 3.78
CA GLN B 50 50.19 19.93 4.93
C GLN B 50 49.80 18.54 5.41
N ALA B 51 49.51 17.63 4.48
CA ALA B 51 49.18 16.26 4.85
C ALA B 51 50.35 15.60 5.58
N LYS B 52 51.58 15.86 5.11
CA LYS B 52 52.75 15.34 5.80
C LYS B 52 52.87 15.90 7.21
N LYS B 53 52.53 17.19 7.38
CA LYS B 53 52.61 17.80 8.71
C LYS B 53 51.66 17.14 9.70
N LEU B 54 50.42 16.86 9.29
CA LEU B 54 49.42 16.33 10.22
C LEU B 54 49.56 14.85 10.52
N GLY B 55 50.53 14.16 9.92
CA GLY B 55 50.78 12.78 10.27
C GLY B 55 49.92 11.80 9.52
N ASN B 56 50.01 10.54 9.95
CA ASN B 56 49.37 9.42 9.26
C ASN B 56 47.86 9.41 9.38
N ASN B 57 47.27 10.24 10.24
CA ASN B 57 45.81 10.33 10.28
C ASN B 57 45.24 11.17 9.15
N CYS B 58 46.08 11.86 8.38
CA CYS B 58 45.60 12.76 7.33
C CYS B 58 46.24 12.37 6.00
N VAL B 59 45.50 12.59 4.92
CA VAL B 59 46.00 12.26 3.59
C VAL B 59 45.43 13.27 2.59
N PHE B 60 46.17 13.50 1.51
CA PHE B 60 45.80 14.47 0.50
C PHE B 60 45.37 13.71 -0.74
N ALA B 61 44.26 14.14 -1.33
CA ALA B 61 43.74 13.55 -2.56
C ALA B 61 43.56 14.66 -3.59
N PRO B 62 44.37 14.68 -4.65
CA PRO B 62 44.23 15.74 -5.66
C PRO B 62 42.96 15.55 -6.48
N ALA B 63 42.15 16.61 -6.52
CA ALA B 63 40.87 16.58 -7.20
C ALA B 63 40.45 18.00 -7.50
N ASP B 64 39.86 18.20 -8.68
CA ASP B 64 39.19 19.46 -9.04
C ASP B 64 37.70 19.24 -8.82
N VAL B 65 37.13 19.97 -7.86
CA VAL B 65 35.76 19.74 -7.41
C VAL B 65 34.70 19.99 -8.48
N THR B 66 35.02 20.73 -9.54
CA THR B 66 33.99 20.98 -10.55
C THR B 66 33.78 19.80 -11.49
N SER B 67 34.57 18.73 -11.33
CA SER B 67 34.46 17.54 -12.17
C SER B 67 34.04 16.34 -11.33
N GLU B 68 33.16 15.51 -11.91
CA GLU B 68 32.67 14.33 -11.22
C GLU B 68 33.77 13.28 -11.03
N LYS B 69 34.64 13.11 -12.04
CA LYS B 69 35.61 12.02 -11.99
C LYS B 69 36.63 12.23 -10.87
N ASP B 70 37.13 13.46 -10.71
CA ASP B 70 38.17 13.67 -9.72
C ASP B 70 37.63 13.43 -8.32
N VAL B 71 36.39 13.90 -8.07
CA VAL B 71 35.77 13.71 -6.78
C VAL B 71 35.52 12.23 -6.52
N GLN B 72 35.08 11.50 -7.56
CA GLN B 72 34.84 10.07 -7.40
C GLN B 72 36.13 9.33 -7.05
N THR B 73 37.24 9.67 -7.73
CA THR B 73 38.52 9.04 -7.41
C THR B 73 38.98 9.40 -6.00
N ALA B 74 38.78 10.66 -5.59
CA ALA B 74 39.18 11.04 -4.24
C ALA B 74 38.35 10.32 -3.17
N LEU B 75 37.04 10.19 -3.38
CA LEU B 75 36.22 9.45 -2.42
C LEU B 75 36.55 7.97 -2.42
N ALA B 76 36.93 7.40 -3.56
CA ALA B 76 37.41 6.02 -3.58
C ALA B 76 38.69 5.89 -2.76
N LEU B 77 39.59 6.86 -2.89
CA LEU B 77 40.84 6.82 -2.13
C LEU B 77 40.57 6.92 -0.64
N ALA B 78 39.68 7.83 -0.24
CA ALA B 78 39.33 7.97 1.17
C ALA B 78 38.69 6.70 1.72
N LYS B 79 37.78 6.10 0.95
CA LYS B 79 37.15 4.87 1.42
C LYS B 79 38.14 3.72 1.51
N GLY B 80 39.13 3.68 0.62
CA GLY B 80 40.19 2.70 0.75
C GLY B 80 41.04 2.93 1.98
N LYS B 81 41.40 4.19 2.24
CA LYS B 81 42.31 4.49 3.35
C LYS B 81 41.65 4.27 4.70
N PHE B 82 40.42 4.78 4.89
CA PHE B 82 39.79 4.77 6.20
C PHE B 82 38.50 3.94 6.27
N GLY B 83 37.95 3.51 5.14
CA GLY B 83 36.79 2.65 5.15
C GLY B 83 35.47 3.34 5.45
N ARG B 84 35.46 4.67 5.59
CA ARG B 84 34.29 5.37 6.07
C ARG B 84 34.44 6.86 5.80
N VAL B 85 33.29 7.53 5.68
CA VAL B 85 33.21 8.99 5.63
C VAL B 85 32.09 9.40 6.58
N ASP B 86 32.39 10.28 7.53
CA ASP B 86 31.41 10.72 8.51
C ASP B 86 31.09 12.21 8.43
N VAL B 87 32.02 13.05 8.00
CA VAL B 87 31.81 14.49 7.95
C VAL B 87 32.33 15.00 6.62
N ALA B 88 31.61 15.94 6.02
CA ALA B 88 32.05 16.63 4.81
C ALA B 88 31.95 18.13 5.02
N VAL B 89 33.04 18.84 4.72
CA VAL B 89 33.12 20.29 4.85
C VAL B 89 33.50 20.85 3.49
N ASN B 90 32.70 21.79 2.99
CA ASN B 90 32.93 22.40 1.68
C ASN B 90 33.51 23.79 1.89
N CYS B 91 34.83 23.90 1.80
CA CYS B 91 35.52 25.17 1.95
C CYS B 91 36.08 25.70 0.63
N ALA B 92 36.06 24.92 -0.45
CA ALA B 92 36.62 25.38 -1.70
C ALA B 92 35.80 26.54 -2.24
N GLY B 93 36.47 27.44 -2.96
CA GLY B 93 35.76 28.53 -3.58
C GLY B 93 36.70 29.57 -4.15
N ILE B 94 36.13 30.43 -5.00
CA ILE B 94 36.83 31.55 -5.60
C ILE B 94 35.90 32.76 -5.56
N ALA B 95 36.46 33.93 -5.84
CA ALA B 95 35.68 35.16 -5.82
C ALA B 95 36.18 36.11 -6.91
N VAL B 96 35.30 37.03 -7.30
CA VAL B 96 35.63 38.14 -8.19
C VAL B 96 34.95 39.37 -7.60
N ALA B 97 35.41 40.55 -8.01
CA ALA B 97 34.81 41.80 -7.57
C ALA B 97 34.53 42.73 -8.74
N SER B 98 33.93 42.19 -9.81
CA SER B 98 33.57 43.00 -10.97
C SER B 98 32.11 43.40 -10.88
N LYS B 99 31.85 44.69 -11.07
CA LYS B 99 30.48 45.21 -11.02
C LYS B 99 29.68 44.70 -12.21
N THR B 100 28.37 44.56 -12.00
CA THR B 100 27.51 44.07 -13.07
C THR B 100 27.59 44.99 -14.29
N TYR B 101 27.47 46.30 -14.09
CA TYR B 101 27.67 47.24 -15.17
C TYR B 101 28.31 48.49 -14.60
N ASN B 102 29.20 49.12 -15.38
CA ASN B 102 29.97 50.26 -14.93
C ASN B 102 29.91 51.41 -15.93
N LEU B 103 28.94 52.30 -15.74
CA LEU B 103 28.69 53.41 -16.67
C LEU B 103 29.89 54.34 -16.73
N GLN B 107 31.21 49.70 -19.36
CA GLN B 107 31.70 48.34 -19.19
C GLN B 107 30.60 47.43 -18.63
N THR B 108 30.57 46.19 -19.11
CA THR B 108 29.62 45.19 -18.65
C THR B 108 30.37 44.00 -18.03
N HIS B 109 29.79 43.43 -16.98
CA HIS B 109 30.40 42.29 -16.31
C HIS B 109 30.64 41.16 -17.31
N THR B 110 31.85 40.61 -17.27
CA THR B 110 32.18 39.53 -18.20
C THR B 110 31.49 38.24 -17.79
N LEU B 111 31.03 37.50 -18.81
CA LEU B 111 30.30 36.25 -18.58
C LEU B 111 31.19 35.11 -18.13
N GLU B 112 32.43 35.04 -18.63
CA GLU B 112 33.31 33.95 -18.24
C GLU B 112 33.62 33.96 -16.74
N ASP B 113 33.83 35.15 -16.17
CA ASP B 113 34.11 35.20 -14.73
C ASP B 113 32.91 34.76 -13.91
N PHE B 114 31.70 35.15 -14.33
CA PHE B 114 30.49 34.71 -13.64
C PHE B 114 30.31 33.20 -13.74
N GLN B 115 30.52 32.63 -14.92
CA GLN B 115 30.39 31.17 -15.04
C GLN B 115 31.41 30.48 -14.16
N ARG B 116 32.65 30.96 -14.17
CA ARG B 116 33.73 30.30 -13.44
C ARG B 116 33.48 30.33 -11.94
N VAL B 117 33.15 31.51 -11.39
CA VAL B 117 32.94 31.57 -9.94
C VAL B 117 31.67 30.84 -9.56
N LEU B 118 30.65 30.84 -10.43
CA LEU B 118 29.41 30.18 -10.07
C LEU B 118 29.65 28.69 -9.98
N ASP B 119 30.34 28.13 -10.98
CA ASP B 119 30.50 26.69 -11.00
C ASP B 119 31.52 26.23 -9.96
N VAL B 120 32.54 27.06 -9.66
CA VAL B 120 33.49 26.67 -8.62
C VAL B 120 32.83 26.69 -7.25
N ASN B 121 32.04 27.73 -6.95
CA ASN B 121 31.42 27.85 -5.63
C ASN B 121 30.21 26.92 -5.47
N LEU B 122 29.21 27.08 -6.33
CA LEU B 122 27.92 26.43 -6.22
C LEU B 122 27.95 25.02 -6.83
N MET B 123 28.38 24.93 -8.09
CA MET B 123 28.40 23.64 -8.78
C MET B 123 29.38 22.66 -8.14
N GLY B 124 30.54 23.15 -7.69
CA GLY B 124 31.45 22.27 -6.98
C GLY B 124 30.85 21.76 -5.68
N THR B 125 30.13 22.63 -4.98
CA THR B 125 29.50 22.24 -3.72
C THR B 125 28.44 21.17 -3.93
N PHE B 126 27.54 21.37 -4.89
CA PHE B 126 26.53 20.35 -5.14
C PHE B 126 27.14 19.04 -5.62
N ASN B 127 28.19 19.12 -6.45
CA ASN B 127 28.84 17.89 -6.91
C ASN B 127 29.43 17.11 -5.74
N VAL B 128 30.02 17.83 -4.79
CA VAL B 128 30.58 17.17 -3.62
C VAL B 128 29.46 16.61 -2.76
N ILE B 129 28.41 17.39 -2.54
CA ILE B 129 27.33 16.93 -1.66
C ILE B 129 26.71 15.66 -2.21
N ARG B 130 26.42 15.65 -3.51
CA ARG B 130 25.76 14.50 -4.11
C ARG B 130 26.66 13.28 -4.10
N LEU B 131 27.98 13.46 -4.17
CA LEU B 131 28.80 12.24 -4.14
C LEU B 131 29.08 11.76 -2.71
N VAL B 132 29.34 12.68 -1.78
CA VAL B 132 29.57 12.27 -0.40
C VAL B 132 28.31 11.61 0.16
N ALA B 133 27.13 12.15 -0.16
CA ALA B 133 25.90 11.51 0.31
C ALA B 133 25.80 10.09 -0.21
N GLY B 134 26.36 9.83 -1.39
CA GLY B 134 26.44 8.46 -1.86
C GLY B 134 27.35 7.64 -0.97
N GLU B 135 28.46 8.26 -0.54
CA GLU B 135 29.36 7.58 0.39
C GLU B 135 28.75 7.50 1.79
N MET B 136 28.19 8.62 2.27
CA MET B 136 27.62 8.69 3.61
C MET B 136 26.42 7.77 3.78
N GLY B 137 25.66 7.54 2.72
CA GLY B 137 24.48 6.69 2.82
C GLY B 137 24.78 5.24 3.17
N GLN B 138 26.03 4.82 3.05
CA GLN B 138 26.39 3.45 3.36
C GLN B 138 26.80 3.24 4.81
N ASN B 139 26.91 4.30 5.61
CA ASN B 139 27.21 4.12 7.03
C ASN B 139 25.98 3.57 7.75
N GLU B 140 26.23 2.77 8.78
CA GLU B 140 25.18 2.38 9.70
C GLU B 140 24.79 3.54 10.61
N PRO B 141 23.50 3.81 10.79
CA PRO B 141 23.09 4.90 11.69
C PRO B 141 23.47 4.57 13.14
N ASP B 142 23.97 5.59 13.84
CA ASP B 142 24.41 5.41 15.22
C ASP B 142 23.18 5.38 16.14
N GLN B 143 23.42 5.41 17.46
CA GLN B 143 22.34 5.31 18.43
C GLN B 143 21.32 6.44 18.29
N GLY B 144 21.70 7.55 17.67
CA GLY B 144 20.78 8.64 17.41
C GLY B 144 20.16 8.62 16.03
N GLY B 145 20.48 7.63 15.21
CA GLY B 145 19.98 7.56 13.85
C GLY B 145 20.74 8.36 12.83
N GLN B 146 21.82 9.03 13.22
CA GLN B 146 22.57 9.87 12.29
C GLN B 146 23.52 9.04 11.44
N ARG B 147 23.61 9.38 10.16
CA ARG B 147 24.57 8.75 9.25
C ARG B 147 25.72 9.66 8.86
N GLY B 148 25.55 10.97 8.91
CA GLY B 148 26.64 11.87 8.60
C GLY B 148 26.18 13.32 8.71
N VAL B 149 27.16 14.21 8.60
CA VAL B 149 26.95 15.65 8.69
C VAL B 149 27.59 16.29 7.48
N ILE B 150 26.86 17.20 6.84
CA ILE B 150 27.36 17.95 5.68
C ILE B 150 27.32 19.43 6.01
N ILE B 151 28.47 20.09 5.85
CA ILE B 151 28.63 21.49 6.23
C ILE B 151 29.10 22.27 5.01
N ASN B 152 28.46 23.41 4.76
CA ASN B 152 28.71 24.22 3.58
C ASN B 152 29.15 25.62 4.02
N THR B 153 29.84 26.32 3.13
CA THR B 153 30.20 27.71 3.36
C THR B 153 29.45 28.61 2.39
N ALA B 154 28.80 29.64 2.94
CA ALA B 154 28.08 30.62 2.13
C ALA B 154 28.25 31.96 2.83
N SER B 155 29.24 32.74 2.39
CA SER B 155 29.58 34.02 3.03
C SER B 155 28.36 34.92 3.21
N VAL B 156 28.44 35.86 4.15
CA VAL B 156 27.33 36.77 4.42
C VAL B 156 26.98 37.62 3.21
N ALA B 157 27.78 37.57 2.15
CA ALA B 157 27.42 38.21 0.88
C ALA B 157 26.10 37.68 0.33
N ALA B 158 25.70 36.47 0.74
CA ALA B 158 24.40 35.93 0.36
C ALA B 158 23.25 36.77 0.89
N PHE B 159 23.48 37.57 1.93
CA PHE B 159 22.46 38.37 2.58
C PHE B 159 22.66 39.86 2.36
N GLU B 160 23.90 40.34 2.43
CA GLU B 160 24.23 41.76 2.32
C GLU B 160 25.42 41.94 1.36
N GLY B 161 25.30 41.35 0.17
CA GLY B 161 26.38 41.42 -0.79
C GLY B 161 26.77 42.86 -1.09
N GLN B 162 28.08 43.08 -1.22
CA GLN B 162 28.59 44.42 -1.49
C GLN B 162 28.59 44.70 -2.99
N VAL B 163 28.92 45.94 -3.34
CA VAL B 163 29.05 46.32 -4.75
C VAL B 163 30.15 45.51 -5.40
N GLY B 164 29.86 44.98 -6.60
CA GLY B 164 30.80 44.18 -7.34
C GLY B 164 30.84 42.71 -6.96
N GLN B 165 30.12 42.31 -5.91
CA GLN B 165 30.02 40.94 -5.47
C GLN B 165 28.77 40.23 -6.00
N ALA B 166 28.24 40.69 -7.14
CA ALA B 166 27.01 40.08 -7.66
C ALA B 166 27.19 38.59 -7.95
N ALA B 167 28.25 38.21 -8.65
CA ALA B 167 28.48 36.78 -8.91
C ALA B 167 28.74 36.02 -7.62
N TYR B 168 29.57 36.59 -6.74
CA TYR B 168 29.89 35.90 -5.48
C TYR B 168 28.64 35.79 -4.61
N SER B 169 27.88 36.88 -4.51
CA SER B 169 26.70 36.84 -3.68
C SER B 169 25.66 35.91 -4.26
N ALA B 170 25.59 35.84 -5.60
CA ALA B 170 24.66 34.92 -6.25
C ALA B 170 24.98 33.48 -5.90
N SER B 171 26.28 33.12 -5.94
CA SER B 171 26.67 31.76 -5.61
C SER B 171 26.40 31.43 -4.14
N LYS B 172 26.76 32.35 -3.24
CA LYS B 172 26.52 32.05 -1.82
C LYS B 172 25.02 32.09 -1.51
N GLY B 173 24.26 32.96 -2.17
CA GLY B 173 22.82 32.95 -1.99
C GLY B 173 22.20 31.67 -2.48
N GLY B 174 22.75 31.10 -3.55
CA GLY B 174 22.23 29.83 -4.03
C GLY B 174 22.52 28.73 -3.03
N ILE B 175 23.70 28.76 -2.41
CA ILE B 175 24.03 27.76 -1.40
C ILE B 175 23.09 27.89 -0.21
N VAL B 176 22.81 29.12 0.20
CA VAL B 176 21.88 29.36 1.30
C VAL B 176 20.49 28.86 0.93
N GLY B 177 20.03 29.18 -0.28
CA GLY B 177 18.69 28.78 -0.68
C GLY B 177 18.55 27.28 -0.78
N MET B 178 19.60 26.59 -1.25
CA MET B 178 19.53 25.15 -1.43
C MET B 178 19.90 24.37 -0.18
N THR B 179 20.30 25.04 0.91
CA THR B 179 20.64 24.27 2.11
C THR B 179 19.41 23.51 2.63
N LEU B 180 18.29 24.20 2.79
CA LEU B 180 17.08 23.58 3.34
C LEU B 180 16.52 22.48 2.45
N PRO B 181 16.32 22.66 1.14
CA PRO B 181 15.78 21.56 0.33
C PRO B 181 16.68 20.33 0.32
N ILE B 182 17.99 20.49 0.36
CA ILE B 182 18.87 19.32 0.44
C ILE B 182 18.74 18.64 1.80
N ALA B 183 18.63 19.43 2.88
CA ALA B 183 18.41 18.85 4.19
C ALA B 183 17.10 18.08 4.25
N ARG B 184 16.07 18.58 3.56
CA ARG B 184 14.80 17.87 3.50
C ARG B 184 14.93 16.60 2.65
N ASP B 185 15.72 16.66 1.59
CA ASP B 185 15.96 15.49 0.76
C ASP B 185 16.62 14.38 1.55
N LEU B 186 17.68 14.72 2.30
CA LEU B 186 18.51 13.73 2.98
C LEU B 186 18.01 13.37 4.37
N ALA B 187 16.98 14.07 4.87
CA ALA B 187 16.45 13.80 6.21
C ALA B 187 16.05 12.34 6.43
N PRO B 188 15.33 11.67 5.52
CA PRO B 188 15.02 10.25 5.76
C PRO B 188 16.24 9.34 5.72
N ILE B 189 17.34 9.79 5.11
CA ILE B 189 18.57 9.00 5.12
C ILE B 189 19.30 9.14 6.46
N GLY B 190 19.08 10.23 7.19
CA GLY B 190 19.76 10.44 8.44
C GLY B 190 21.02 11.26 8.34
N ILE B 191 21.10 12.14 7.34
CA ILE B 191 22.24 13.01 7.14
C ILE B 191 21.80 14.43 7.47
N ARG B 192 22.55 15.09 8.35
CA ARG B 192 22.26 16.47 8.70
C ARG B 192 23.01 17.40 7.77
N VAL B 193 22.37 18.52 7.45
CA VAL B 193 22.93 19.51 6.54
C VAL B 193 22.87 20.85 7.24
N MET B 194 23.99 21.58 7.24
CA MET B 194 24.09 22.84 7.93
C MET B 194 24.95 23.79 7.10
N THR B 195 24.78 25.08 7.35
CA THR B 195 25.49 26.10 6.61
C THR B 195 26.06 27.14 7.57
N ILE B 196 27.28 27.58 7.27
CA ILE B 196 28.00 28.59 8.03
C ILE B 196 28.25 29.75 7.09
N ALA B 197 28.10 30.97 7.58
CA ALA B 197 28.31 32.14 6.73
C ALA B 197 29.50 32.97 7.22
N PRO B 198 30.70 32.66 6.76
CA PRO B 198 31.90 33.29 7.33
C PRO B 198 32.03 34.72 6.84
N GLY B 199 32.36 35.61 7.76
CA GLY B 199 32.39 37.02 7.44
C GLY B 199 33.81 37.39 7.07
N LEU B 200 34.32 38.46 7.69
CA LEU B 200 35.61 39.04 7.30
C LEU B 200 36.66 38.20 8.01
N PHE B 201 37.25 37.25 7.27
CA PHE B 201 38.33 36.42 7.79
C PHE B 201 39.61 36.65 7.01
N GLY B 202 40.73 36.38 7.67
CA GLY B 202 42.04 36.71 7.14
C GLY B 202 42.53 35.71 6.12
N SER B 225 36.42 43.42 16.93
CA SER B 225 36.66 44.44 15.91
C SER B 225 37.75 44.05 14.93
N ARG B 226 38.39 42.91 15.13
CA ARG B 226 39.37 42.37 14.20
C ARG B 226 38.75 41.25 13.35
N LEU B 227 39.45 40.89 12.28
CA LEU B 227 38.95 39.88 11.36
C LEU B 227 38.84 38.54 12.06
N GLY B 228 37.86 37.73 11.64
CA GLY B 228 37.67 36.44 12.24
C GLY B 228 38.86 35.52 12.08
N ASP B 229 39.24 34.86 13.16
CA ASP B 229 40.33 33.89 13.12
C ASP B 229 39.79 32.54 12.67
N PRO B 230 40.36 31.93 11.62
CA PRO B 230 39.87 30.63 11.14
C PRO B 230 39.79 29.53 12.19
N ALA B 231 40.58 29.61 13.26
CA ALA B 231 40.44 28.63 14.33
C ALA B 231 39.10 28.75 15.04
N GLU B 232 38.49 29.93 15.04
CA GLU B 232 37.16 30.04 15.64
C GLU B 232 36.10 29.43 14.74
N TYR B 233 36.30 29.52 13.43
CA TYR B 233 35.45 28.78 12.50
C TYR B 233 35.61 27.28 12.69
N ALA B 234 36.85 26.80 12.82
CA ALA B 234 37.03 25.37 13.01
C ALA B 234 36.37 24.92 14.30
N HIS B 235 36.44 25.75 15.35
CA HIS B 235 35.80 25.43 16.61
C HIS B 235 34.30 25.32 16.42
N LEU B 236 33.72 26.26 15.66
CA LEU B 236 32.28 26.22 15.43
C LEU B 236 31.90 24.97 14.64
N VAL B 237 32.74 24.60 13.67
CA VAL B 237 32.48 23.39 12.89
C VAL B 237 32.45 22.17 13.79
N GLN B 238 33.40 22.10 14.73
CA GLN B 238 33.39 21.00 15.68
C GLN B 238 32.13 21.02 16.54
N ALA B 239 31.71 22.22 16.96
CA ALA B 239 30.49 22.31 17.77
C ALA B 239 29.27 21.83 17.00
N ILE B 240 29.22 22.15 15.70
CA ILE B 240 28.10 21.73 14.86
C ILE B 240 28.12 20.21 14.69
N ILE B 241 29.32 19.63 14.57
CA ILE B 241 29.44 18.18 14.43
C ILE B 241 28.94 17.50 15.71
N GLU B 242 29.30 18.04 16.87
CA GLU B 242 28.95 17.38 18.13
C GLU B 242 27.47 17.50 18.44
N ASN B 243 26.87 18.66 18.19
CA ASN B 243 25.48 18.88 18.60
C ASN B 243 24.54 18.15 17.65
N PRO B 244 23.74 17.19 18.14
CA PRO B 244 22.92 16.34 17.25
C PRO B 244 21.68 16.99 16.68
N PHE B 245 21.28 18.17 17.13
CA PHE B 245 19.95 18.69 16.81
C PHE B 245 19.99 19.89 15.87
N LEU B 246 21.18 20.38 15.53
CA LEU B 246 21.32 21.45 14.54
C LEU B 246 21.18 20.85 13.15
N ASN B 247 20.16 21.29 12.40
CA ASN B 247 19.93 20.78 11.06
C ASN B 247 19.16 21.81 10.24
N GLY B 248 19.50 21.89 8.97
CA GLY B 248 18.79 22.78 8.04
C GLY B 248 18.82 24.24 8.39
N GLU B 249 19.95 24.74 8.88
CA GLU B 249 20.04 26.10 9.37
C GLU B 249 21.29 26.77 8.79
N VAL B 250 21.22 28.10 8.66
CA VAL B 250 22.36 28.92 8.28
C VAL B 250 22.78 29.74 9.49
N ILE B 251 24.06 29.66 9.83
CA ILE B 251 24.62 30.32 11.00
C ILE B 251 25.59 31.40 10.54
N ARG B 252 25.33 32.64 10.95
CA ARG B 252 26.18 33.77 10.62
C ARG B 252 27.28 33.86 11.66
N LEU B 253 28.51 33.49 11.26
CA LEU B 253 29.67 33.65 12.14
C LEU B 253 30.39 34.94 11.76
N ASP B 254 29.71 36.06 11.99
CA ASP B 254 30.13 37.33 11.42
C ASP B 254 30.47 38.40 12.44
N GLY B 255 30.38 38.11 13.74
CA GLY B 255 30.70 39.15 14.70
C GLY B 255 29.78 40.36 14.64
N ALA B 256 28.52 40.17 14.24
CA ALA B 256 27.47 41.20 14.23
C ALA B 256 27.67 42.27 13.15
N ILE B 257 28.53 42.05 12.16
CA ILE B 257 28.70 43.06 11.12
C ILE B 257 27.52 42.99 10.16
N SER C 7 37.53 27.63 27.90
CA SER C 7 36.68 26.68 28.60
C SER C 7 35.75 27.39 29.57
N VAL C 8 34.84 26.64 30.20
CA VAL C 8 33.91 27.21 31.15
C VAL C 8 34.36 27.06 32.60
N LYS C 9 35.53 26.46 32.83
CA LYS C 9 36.00 26.25 34.19
C LYS C 9 36.16 27.59 34.92
N GLY C 10 35.50 27.72 36.08
CA GLY C 10 35.63 28.94 36.85
C GLY C 10 34.64 30.04 36.51
N LEU C 11 33.83 29.88 35.47
CA LEU C 11 32.84 30.90 35.15
C LEU C 11 31.70 30.94 36.17
N VAL C 12 31.14 32.13 36.35
CA VAL C 12 29.96 32.36 37.18
C VAL C 12 28.82 32.72 36.25
N ALA C 13 27.73 31.96 36.30
CA ALA C 13 26.60 32.17 35.41
C ALA C 13 25.35 32.56 36.19
N VAL C 14 24.60 33.51 35.65
CA VAL C 14 23.29 33.89 36.17
C VAL C 14 22.27 33.35 35.19
N ILE C 15 21.35 32.51 35.68
CA ILE C 15 20.42 31.78 34.83
C ILE C 15 19.00 32.11 35.26
N THR C 16 18.27 32.82 34.39
CA THR C 16 16.90 33.19 34.67
C THR C 16 15.97 32.06 34.24
N GLY C 17 14.93 31.82 35.03
CA GLY C 17 14.09 30.65 34.80
C GLY C 17 14.80 29.35 35.04
N GLY C 18 15.78 29.33 35.95
CA GLY C 18 16.66 28.21 36.16
C GLY C 18 16.10 27.06 36.96
N ALA C 19 14.86 27.19 37.46
CA ALA C 19 14.28 26.15 38.30
C ALA C 19 13.78 24.95 37.53
N SER C 20 13.63 25.06 36.21
CA SER C 20 13.09 23.97 35.41
C SER C 20 13.45 24.19 33.95
N GLY C 21 13.24 23.14 33.15
CA GLY C 21 13.38 23.24 31.71
C GLY C 21 14.78 23.55 31.25
N LEU C 22 14.87 24.40 30.22
CA LEU C 22 16.16 24.70 29.61
C LEU C 22 17.09 25.38 30.60
N GLY C 23 16.55 26.21 31.48
CA GLY C 23 17.40 26.87 32.46
C GLY C 23 18.03 25.88 33.40
N LEU C 24 17.24 24.92 33.89
CA LEU C 24 17.76 23.92 34.79
C LEU C 24 18.81 23.05 34.10
N ALA C 25 18.52 22.64 32.85
CA ALA C 25 19.49 21.80 32.14
C ALA C 25 20.79 22.55 31.90
N THR C 26 20.71 23.85 31.61
CA THR C 26 21.91 24.66 31.45
C THR C 26 22.69 24.74 32.75
N ALA C 27 21.99 24.96 33.86
CA ALA C 27 22.68 25.02 35.15
C ALA C 27 23.35 23.69 35.46
N GLU C 28 22.63 22.58 35.21
CA GLU C 28 23.18 21.27 35.49
C GLU C 28 24.45 21.03 34.69
N ARG C 29 24.44 21.41 33.41
CA ARG C 29 25.64 21.21 32.60
C ARG C 29 26.78 22.09 33.08
N LEU C 30 26.53 23.39 33.25
CA LEU C 30 27.62 24.30 33.58
C LEU C 30 28.22 23.96 34.93
N VAL C 31 27.39 23.67 35.93
CA VAL C 31 27.92 23.25 37.23
C VAL C 31 28.66 21.92 37.11
N GLY C 32 28.11 20.98 36.33
CA GLY C 32 28.82 19.73 36.11
C GLY C 32 30.15 19.91 35.40
N GLN C 33 30.23 20.88 34.49
CA GLN C 33 31.47 21.17 33.79
C GLN C 33 32.42 22.03 34.61
N GLY C 34 32.04 22.42 35.83
CA GLY C 34 32.92 23.16 36.72
C GLY C 34 32.62 24.63 36.84
N ALA C 35 31.51 25.11 36.31
CA ALA C 35 31.13 26.51 36.43
C ALA C 35 30.35 26.73 37.73
N SER C 36 29.97 27.98 37.97
CA SER C 36 29.10 28.36 39.07
C SER C 36 27.85 29.03 38.52
N ALA C 37 26.72 28.80 39.17
CA ALA C 37 25.43 29.22 38.63
C ALA C 37 24.58 29.85 39.73
N VAL C 38 23.78 30.83 39.33
CA VAL C 38 22.76 31.44 40.17
C VAL C 38 21.40 31.22 39.53
N LEU C 39 20.54 30.47 40.22
CA LEU C 39 19.19 30.20 39.72
C LEU C 39 18.28 31.37 40.03
N LEU C 40 17.74 31.99 38.97
CA LEU C 40 16.86 33.15 39.06
C LEU C 40 15.46 32.72 38.66
N ASP C 41 14.54 32.71 39.61
CA ASP C 41 13.19 32.24 39.36
C ASP C 41 12.27 32.82 40.43
N LEU C 42 10.97 32.62 40.24
CA LEU C 42 9.98 33.13 41.18
C LEU C 42 10.16 32.53 42.57
N PRO C 43 9.82 33.29 43.61
CA PRO C 43 9.98 32.77 44.99
C PRO C 43 9.18 31.53 45.31
N ASN C 44 7.99 31.35 44.74
CA ASN C 44 7.17 30.19 45.07
C ASN C 44 7.53 28.95 44.28
N SER C 45 8.57 28.98 43.46
CA SER C 45 8.91 27.86 42.59
C SER C 45 9.59 26.75 43.39
N GLY C 46 10.09 25.74 42.68
CA GLY C 46 10.67 24.56 43.27
C GLY C 46 12.18 24.53 43.05
N GLY C 47 12.74 25.70 42.71
CA GLY C 47 14.17 25.83 42.48
C GLY C 47 15.03 25.63 43.70
N GLU C 48 14.48 25.81 44.90
CA GLU C 48 15.30 25.66 46.11
C GLU C 48 15.82 24.24 46.21
N ALA C 49 15.01 23.25 45.82
CA ALA C 49 15.47 21.86 45.83
C ALA C 49 16.61 21.67 44.82
N GLN C 50 16.47 22.26 43.63
CA GLN C 50 17.49 22.12 42.60
C GLN C 50 18.82 22.72 43.03
N ALA C 51 18.79 23.89 43.69
CA ALA C 51 20.02 24.52 44.16
C ALA C 51 20.74 23.67 45.21
N LYS C 52 19.97 22.97 46.05
CA LYS C 52 20.56 22.01 46.98
C LYS C 52 21.20 20.86 46.20
N LYS C 53 20.54 20.41 45.12
CA LYS C 53 21.03 19.30 44.34
C LYS C 53 22.38 19.61 43.68
N LEU C 54 22.56 20.83 43.19
CA LEU C 54 23.75 21.17 42.43
C LEU C 54 24.97 21.47 43.30
N GLY C 55 24.82 21.51 44.62
CA GLY C 55 25.96 21.74 45.49
C GLY C 55 26.21 23.21 45.78
N ASN C 56 27.27 23.45 46.55
CA ASN C 56 27.55 24.78 47.07
C ASN C 56 28.08 25.74 46.01
N ASN C 57 28.29 25.27 44.77
CA ASN C 57 28.58 26.17 43.66
C ASN C 57 27.33 26.87 43.13
N CYS C 58 26.14 26.48 43.58
CA CYS C 58 24.89 27.00 43.06
C CYS C 58 24.05 27.58 44.19
N VAL C 59 23.36 28.69 43.89
CA VAL C 59 22.54 29.40 44.86
C VAL C 59 21.22 29.77 44.20
N PHE C 60 20.14 29.72 44.97
CA PHE C 60 18.83 30.09 44.48
C PHE C 60 18.55 31.52 44.91
N ALA C 61 18.10 32.34 43.96
CA ALA C 61 17.76 33.74 44.22
C ALA C 61 16.31 34.00 43.90
N PRO C 62 15.44 34.20 44.89
CA PRO C 62 14.03 34.47 44.59
C PRO C 62 13.81 35.88 44.06
N ALA C 63 13.42 35.98 42.80
CA ALA C 63 13.28 37.26 42.12
C ALA C 63 12.30 37.08 40.97
N ASP C 64 11.38 38.03 40.83
CA ASP C 64 10.45 38.05 39.70
C ASP C 64 11.05 38.94 38.62
N VAL C 65 11.28 38.36 37.44
CA VAL C 65 12.01 39.08 36.39
C VAL C 65 11.25 40.28 35.85
N THR C 66 9.94 40.39 36.09
CA THR C 66 9.23 41.57 35.61
C THR C 66 9.54 42.80 36.44
N SER C 67 10.12 42.64 37.62
CA SER C 67 10.34 43.72 38.57
C SER C 67 11.83 44.05 38.63
N GLU C 68 12.15 45.34 38.58
CA GLU C 68 13.54 45.78 38.74
C GLU C 68 14.11 45.41 40.12
N LYS C 69 13.35 45.69 41.19
CA LYS C 69 13.91 45.55 42.54
C LYS C 69 14.25 44.09 42.87
N ASP C 70 13.46 43.13 42.39
CA ASP C 70 13.77 41.73 42.67
C ASP C 70 15.08 41.33 42.02
N VAL C 71 15.23 41.68 40.74
CA VAL C 71 16.42 41.28 40.00
C VAL C 71 17.65 41.99 40.58
N GLN C 72 17.50 43.27 40.95
CA GLN C 72 18.61 43.99 41.57
C GLN C 72 19.03 43.36 42.89
N THR C 73 18.07 42.92 43.70
CA THR C 73 18.43 42.20 44.94
C THR C 73 19.14 40.89 44.63
N ALA C 74 18.64 40.15 43.64
CA ALA C 74 19.24 38.87 43.31
C ALA C 74 20.66 39.05 42.78
N LEU C 75 20.87 40.07 41.95
CA LEU C 75 22.20 40.35 41.42
C LEU C 75 23.14 40.80 42.53
N ALA C 76 22.63 41.58 43.49
CA ALA C 76 23.46 41.97 44.63
C ALA C 76 23.87 40.73 45.42
N LEU C 77 22.95 39.78 45.56
CA LEU C 77 23.28 38.51 46.21
C LEU C 77 24.35 37.76 45.44
N ALA C 78 24.22 37.71 44.12
CA ALA C 78 25.18 36.98 43.29
C ALA C 78 26.57 37.60 43.39
N LYS C 79 26.64 38.94 43.33
CA LYS C 79 27.93 39.61 43.44
C LYS C 79 28.51 39.47 44.84
N GLY C 80 27.66 39.38 45.86
CA GLY C 80 28.16 39.10 47.19
C GLY C 80 28.75 37.70 47.30
N LYS C 81 28.05 36.71 46.74
CA LYS C 81 28.50 35.33 46.90
C LYS C 81 29.75 35.02 46.08
N PHE C 82 29.78 35.45 44.81
CA PHE C 82 30.87 35.04 43.93
C PHE C 82 31.73 36.17 43.39
N GLY C 83 31.33 37.43 43.52
CA GLY C 83 32.22 38.51 43.16
C GLY C 83 32.20 38.91 41.70
N ARG C 84 31.58 38.12 40.83
CA ARG C 84 31.55 38.43 39.41
C ARG C 84 30.37 37.73 38.75
N VAL C 85 30.03 38.19 37.55
CA VAL C 85 29.06 37.54 36.67
C VAL C 85 29.72 37.38 35.31
N ASP C 86 29.83 36.14 34.85
CA ASP C 86 30.49 35.88 33.56
C ASP C 86 29.54 35.49 32.45
N VAL C 87 28.39 34.87 32.77
CA VAL C 87 27.45 34.39 31.76
C VAL C 87 26.04 34.69 32.25
N ALA C 88 25.15 35.01 31.31
CA ALA C 88 23.73 35.16 31.60
C ALA C 88 22.92 34.37 30.59
N VAL C 89 21.95 33.61 31.08
CA VAL C 89 21.09 32.78 30.25
C VAL C 89 19.65 33.14 30.57
N ASN C 90 18.89 33.55 29.55
CA ASN C 90 17.50 33.96 29.73
C ASN C 90 16.59 32.83 29.25
N CYS C 91 15.97 32.13 30.21
CA CYS C 91 15.04 31.06 29.89
C CYS C 91 13.64 31.27 30.46
N ALA C 92 13.44 32.31 31.27
CA ALA C 92 12.12 32.56 31.83
C ALA C 92 11.13 32.98 30.75
N GLY C 93 9.87 32.57 30.93
CA GLY C 93 8.82 32.96 30.01
C GLY C 93 7.52 32.21 30.22
N ILE C 94 6.43 32.72 29.65
CA ILE C 94 5.13 32.06 29.73
C ILE C 94 4.54 32.06 28.33
N ALA C 95 3.67 31.09 28.08
CA ALA C 95 2.96 30.97 26.81
C ALA C 95 1.46 31.05 27.02
N VAL C 96 0.78 31.75 26.11
CA VAL C 96 -0.69 31.81 26.10
C VAL C 96 -1.15 31.61 24.67
N ALA C 97 -2.15 30.77 24.48
CA ALA C 97 -2.75 30.53 23.17
C ALA C 97 -4.20 30.99 23.17
N SER C 98 -4.52 31.90 22.24
CA SER C 98 -5.89 32.40 22.09
C SER C 98 -6.02 33.14 20.77
N LYS C 99 -7.08 32.84 20.01
CA LYS C 99 -7.28 33.47 18.72
C LYS C 99 -7.59 34.94 18.91
N THR C 100 -7.17 35.77 17.95
CA THR C 100 -7.52 37.19 18.01
C THR C 100 -9.03 37.41 18.00
N TYR C 101 -9.73 36.80 17.04
CA TYR C 101 -11.19 36.88 16.98
C TYR C 101 -11.71 35.63 16.28
N ASN C 102 -12.90 35.18 16.69
CA ASN C 102 -13.47 33.94 16.18
C ASN C 102 -14.92 34.24 15.81
N LEU C 103 -15.18 34.39 14.50
CA LEU C 103 -16.48 34.84 14.03
C LEU C 103 -17.59 33.85 14.32
N LYS C 104 -17.27 32.55 14.36
CA LYS C 104 -18.29 31.54 14.58
C LYS C 104 -18.99 31.73 15.92
N LYS C 105 -18.22 32.03 16.97
CA LYS C 105 -18.76 32.14 18.32
C LYS C 105 -18.59 33.52 18.94
N GLY C 106 -17.82 34.41 18.31
CA GLY C 106 -17.78 35.81 18.72
C GLY C 106 -16.82 36.16 19.83
N GLN C 107 -15.95 35.24 20.25
CA GLN C 107 -14.92 35.56 21.25
C GLN C 107 -13.77 36.36 20.65
N THR C 108 -13.21 37.23 21.47
CA THR C 108 -12.14 38.13 21.07
C THR C 108 -10.97 37.91 22.02
N HIS C 109 -9.76 38.06 21.49
CA HIS C 109 -8.56 37.98 22.33
C HIS C 109 -8.61 39.03 23.42
N THR C 110 -8.63 38.57 24.68
CA THR C 110 -8.64 39.50 25.79
C THR C 110 -7.29 40.20 25.91
N LEU C 111 -7.34 41.46 26.32
CA LEU C 111 -6.14 42.29 26.30
C LEU C 111 -5.16 41.93 27.42
N GLU C 112 -5.68 41.55 28.59
CA GLU C 112 -4.80 41.23 29.72
C GLU C 112 -3.91 40.02 29.48
N ASP C 113 -4.38 39.03 28.71
CA ASP C 113 -3.51 37.90 28.39
C ASP C 113 -2.37 38.32 27.48
N PHE C 114 -2.64 39.26 26.58
CA PHE C 114 -1.60 39.80 25.71
C PHE C 114 -0.62 40.62 26.53
N GLN C 115 -1.14 41.43 27.46
CA GLN C 115 -0.25 42.29 28.21
C GLN C 115 0.66 41.45 29.08
N ARG C 116 0.10 40.43 29.76
CA ARG C 116 0.93 39.66 30.68
C ARG C 116 1.91 38.76 29.93
N VAL C 117 1.62 38.41 28.68
CA VAL C 117 2.61 37.68 27.89
C VAL C 117 3.75 38.61 27.53
N LEU C 118 3.44 39.84 27.11
CA LEU C 118 4.51 40.77 26.79
C LEU C 118 5.33 41.07 28.04
N ASP C 119 4.66 41.21 29.18
CA ASP C 119 5.33 41.57 30.42
C ASP C 119 6.32 40.49 30.84
N VAL C 120 5.92 39.22 30.74
CA VAL C 120 6.82 38.17 31.20
C VAL C 120 7.89 37.88 30.16
N ASN C 121 7.48 37.69 28.89
CA ASN C 121 8.44 37.27 27.87
C ASN C 121 9.34 38.42 27.42
N LEU C 122 8.74 39.47 26.85
CA LEU C 122 9.53 40.50 26.19
C LEU C 122 10.10 41.52 27.17
N MET C 123 9.23 42.13 28.00
CA MET C 123 9.70 43.15 28.92
C MET C 123 10.55 42.56 30.04
N GLY C 124 10.23 41.35 30.51
CA GLY C 124 11.06 40.71 31.50
C GLY C 124 12.47 40.43 31.00
N THR C 125 12.57 39.99 29.75
CA THR C 125 13.89 39.72 29.16
C THR C 125 14.74 40.98 29.08
N PHE C 126 14.18 42.07 28.57
CA PHE C 126 14.95 43.31 28.50
C PHE C 126 15.30 43.82 29.88
N ASN C 127 14.38 43.67 30.84
CA ASN C 127 14.64 44.10 32.21
C ASN C 127 15.81 43.33 32.81
N VAL C 128 15.96 42.07 32.43
CA VAL C 128 17.08 41.28 32.92
C VAL C 128 18.37 41.68 32.19
N ILE C 129 18.28 41.80 30.87
CA ILE C 129 19.46 42.08 30.05
C ILE C 129 20.13 43.39 30.49
N ARG C 130 19.34 44.45 30.66
CA ARG C 130 19.97 45.73 30.99
C ARG C 130 20.64 45.73 32.36
N LEU C 131 20.08 45.02 33.34
CA LEU C 131 20.72 45.00 34.66
C LEU C 131 21.92 44.06 34.67
N VAL C 132 21.82 42.90 34.01
CA VAL C 132 22.98 42.01 34.00
C VAL C 132 24.12 42.67 33.24
N ALA C 133 23.80 43.34 32.13
CA ALA C 133 24.81 44.10 31.39
C ALA C 133 25.41 45.17 32.29
N GLY C 134 24.61 45.70 33.21
CA GLY C 134 25.16 46.61 34.21
C GLY C 134 26.17 45.95 35.11
N GLU C 135 25.91 44.70 35.50
CA GLU C 135 26.85 44.01 36.37
C GLU C 135 28.12 43.60 35.62
N MET C 136 27.97 43.03 34.42
CA MET C 136 29.14 42.66 33.63
C MET C 136 29.99 43.87 33.22
N GLY C 137 29.39 45.05 33.11
CA GLY C 137 30.19 46.21 32.74
C GLY C 137 31.28 46.57 33.74
N GLN C 138 31.19 46.05 34.97
CA GLN C 138 32.20 46.32 35.98
C GLN C 138 33.38 45.35 35.92
N ASN C 139 33.27 44.30 35.11
CA ASN C 139 34.27 43.25 35.09
C ASN C 139 35.55 43.69 34.38
N GLU C 140 36.66 43.08 34.76
CA GLU C 140 37.90 43.27 34.01
C GLU C 140 37.79 42.51 32.69
N PRO C 141 38.05 43.16 31.56
CA PRO C 141 37.93 42.45 30.28
C PRO C 141 38.89 41.28 30.14
N ASP C 142 38.37 40.16 29.64
CA ASP C 142 39.15 38.96 29.41
C ASP C 142 40.10 39.23 28.24
N GLN C 143 41.09 38.34 28.06
CA GLN C 143 42.03 38.53 26.95
C GLN C 143 41.19 38.47 25.69
N GLY C 144 41.01 39.60 25.02
CA GLY C 144 40.42 39.63 23.71
C GLY C 144 39.31 40.66 23.74
N GLY C 145 39.23 41.36 24.87
CA GLY C 145 38.26 42.41 25.13
C GLY C 145 36.89 41.97 25.61
N GLN C 146 36.65 40.67 25.77
CA GLN C 146 35.32 40.23 26.17
C GLN C 146 35.16 40.35 27.67
N ARG C 147 33.99 40.82 28.11
CA ARG C 147 33.65 40.85 29.53
C ARG C 147 32.57 39.86 29.94
N GLY C 148 31.69 39.47 29.03
CA GLY C 148 30.63 38.52 29.38
C GLY C 148 29.81 38.18 28.17
N VAL C 149 28.90 37.23 28.36
CA VAL C 149 28.03 36.73 27.31
C VAL C 149 26.61 36.63 27.85
N ILE C 150 25.63 37.09 27.07
CA ILE C 150 24.22 37.01 27.40
C ILE C 150 23.52 36.22 26.31
N ILE C 151 22.75 35.21 26.70
CA ILE C 151 22.08 34.30 25.77
C ILE C 151 20.58 34.34 26.04
N ASN C 152 19.81 34.61 25.01
CA ASN C 152 18.36 34.69 25.09
C ASN C 152 17.73 33.45 24.47
N THR C 153 16.46 33.23 24.81
CA THR C 153 15.70 32.09 24.30
C THR C 153 14.47 32.59 23.57
N ALA C 154 14.57 32.72 22.25
CA ALA C 154 13.42 32.96 21.40
C ALA C 154 12.71 31.64 21.11
N SER C 155 11.86 31.62 20.08
CA SER C 155 11.26 30.38 19.62
C SER C 155 11.04 30.46 18.11
N VAL C 156 10.83 29.30 17.50
CA VAL C 156 10.45 29.28 16.08
C VAL C 156 9.13 29.98 15.84
N ALA C 157 8.32 30.15 16.89
CA ALA C 157 7.10 30.94 16.80
C ALA C 157 7.38 32.40 16.45
N ALA C 158 8.62 32.86 16.66
CA ALA C 158 9.02 34.20 16.26
C ALA C 158 9.12 34.40 14.76
N PHE C 159 9.13 33.33 13.97
CA PHE C 159 9.23 33.50 12.53
C PHE C 159 8.00 33.02 11.79
N GLU C 160 7.46 31.87 12.19
CA GLU C 160 6.20 31.33 11.64
C GLU C 160 5.27 30.97 12.79
N GLY C 161 4.52 31.94 13.26
CA GLY C 161 3.51 31.69 14.29
C GLY C 161 2.33 30.91 13.76
N GLN C 162 1.84 29.97 14.57
CA GLN C 162 0.62 29.24 14.29
C GLN C 162 -0.59 30.01 14.80
N VAL C 163 -1.78 29.48 14.49
CA VAL C 163 -3.04 30.08 14.94
C VAL C 163 -3.13 30.09 16.46
N GLY C 164 -3.50 31.25 17.01
CA GLY C 164 -3.67 31.47 18.43
C GLY C 164 -2.43 31.85 19.22
N GLN C 165 -1.27 31.91 18.58
CA GLN C 165 -0.03 32.32 19.24
C GLN C 165 0.32 33.78 18.96
N ALA C 166 -0.71 34.59 18.74
CA ALA C 166 -0.44 36.00 18.43
C ALA C 166 0.39 36.67 19.53
N ALA C 167 -0.02 36.56 20.79
CA ALA C 167 0.75 37.23 21.85
C ALA C 167 2.13 36.61 22.02
N TYR C 168 2.20 35.27 21.98
CA TYR C 168 3.48 34.58 22.14
C TYR C 168 4.42 34.91 21.00
N SER C 169 3.91 34.83 19.77
CA SER C 169 4.75 35.13 18.62
C SER C 169 5.16 36.59 18.64
N ALA C 170 4.27 37.47 19.11
CA ALA C 170 4.60 38.89 19.19
C ALA C 170 5.77 39.13 20.12
N SER C 171 5.77 38.47 21.28
CA SER C 171 6.86 38.62 22.23
C SER C 171 8.16 38.03 21.68
N LYS C 172 8.10 36.81 21.16
CA LYS C 172 9.35 36.21 20.66
C LYS C 172 9.86 36.93 19.42
N GLY C 173 8.96 37.46 18.59
CA GLY C 173 9.40 38.27 17.47
C GLY C 173 10.02 39.56 17.93
N GLY C 174 9.55 40.11 19.06
CA GLY C 174 10.19 41.30 19.59
C GLY C 174 11.59 40.99 20.06
N ILE C 175 11.77 39.84 20.70
CA ILE C 175 13.09 39.44 21.16
C ILE C 175 14.03 39.26 19.97
N VAL C 176 13.54 38.61 18.91
CA VAL C 176 14.34 38.45 17.69
C VAL C 176 14.69 39.80 17.08
N GLY C 177 13.71 40.71 17.03
CA GLY C 177 13.96 42.00 16.43
C GLY C 177 15.00 42.79 17.20
N MET C 178 14.91 42.75 18.52
CA MET C 178 15.76 43.56 19.39
C MET C 178 17.10 42.87 19.68
N THR C 179 17.29 41.63 19.20
CA THR C 179 18.54 40.92 19.51
C THR C 179 19.75 41.63 18.89
N LEU C 180 19.61 42.19 17.69
CA LEU C 180 20.73 42.85 17.03
C LEU C 180 21.08 44.24 17.56
N PRO C 181 20.13 45.16 17.77
CA PRO C 181 20.53 46.47 18.31
C PRO C 181 21.15 46.39 19.69
N ILE C 182 20.73 45.45 20.55
CA ILE C 182 21.39 45.31 21.84
C ILE C 182 22.79 44.74 21.67
N ALA C 183 22.95 43.77 20.75
CA ALA C 183 24.28 43.24 20.48
C ALA C 183 25.22 44.33 19.95
N ARG C 184 24.69 45.30 19.21
CA ARG C 184 25.53 46.42 18.80
C ARG C 184 25.77 47.40 19.94
N ASP C 185 24.80 47.58 20.83
CA ASP C 185 25.00 48.49 21.95
C ASP C 185 26.12 47.98 22.86
N LEU C 186 26.11 46.69 23.18
CA LEU C 186 27.07 46.23 24.18
C LEU C 186 28.37 45.72 23.56
N ALA C 187 28.45 45.66 22.23
CA ALA C 187 29.68 45.23 21.57
C ALA C 187 30.87 46.10 21.92
N PRO C 188 30.78 47.44 21.93
CA PRO C 188 31.94 48.26 22.35
C PRO C 188 32.38 47.98 23.76
N ILE C 189 31.44 47.57 24.62
CA ILE C 189 31.77 47.28 26.01
C ILE C 189 32.42 45.92 26.13
N GLY C 190 32.20 45.04 25.16
CA GLY C 190 32.73 43.69 25.18
C GLY C 190 31.81 42.64 25.75
N ILE C 191 30.50 42.79 25.61
CA ILE C 191 29.52 41.83 26.07
C ILE C 191 28.90 41.21 24.82
N ARG C 192 28.91 39.89 24.74
CA ARG C 192 28.30 39.23 23.59
C ARG C 192 26.86 38.88 23.88
N VAL C 193 26.01 39.03 22.86
CA VAL C 193 24.59 38.77 22.98
C VAL C 193 24.21 37.79 21.87
N MET C 194 23.53 36.72 22.23
CA MET C 194 23.18 35.68 21.29
C MET C 194 21.77 35.20 21.57
N THR C 195 21.14 34.63 20.56
CA THR C 195 19.76 34.16 20.66
C THR C 195 19.68 32.74 20.11
N ILE C 196 19.00 31.88 20.85
CA ILE C 196 18.74 30.50 20.42
C ILE C 196 17.23 30.38 20.19
N ALA C 197 16.86 29.80 19.06
CA ALA C 197 15.45 29.64 18.73
C ALA C 197 15.09 28.16 18.71
N PRO C 198 14.81 27.57 19.87
CA PRO C 198 14.52 26.13 19.91
C PRO C 198 13.19 25.82 19.24
N GLY C 199 13.14 24.64 18.63
CA GLY C 199 11.91 24.14 18.07
C GLY C 199 11.08 23.46 19.14
N LEU C 200 10.52 22.30 18.84
CA LEU C 200 9.74 21.56 19.83
C LEU C 200 10.73 20.84 20.75
N PHE C 201 10.75 21.25 22.01
CA PHE C 201 11.62 20.71 23.03
C PHE C 201 10.80 20.11 24.17
N GLY C 202 11.33 19.05 24.77
CA GLY C 202 10.61 18.35 25.81
C GLY C 202 10.66 19.08 27.14
N THR C 203 10.42 20.39 27.11
CA THR C 203 10.26 21.18 28.31
C THR C 203 8.90 20.87 28.95
N PRO C 204 8.73 21.24 30.23
CA PRO C 204 7.41 21.00 30.87
C PRO C 204 6.25 21.67 30.15
N LEU C 205 6.50 22.70 29.33
CA LEU C 205 5.44 23.29 28.54
C LEU C 205 4.85 22.30 27.54
N LEU C 206 5.65 21.32 27.09
CA LEU C 206 5.20 20.35 26.11
C LEU C 206 4.99 18.95 26.67
N THR C 207 5.67 18.59 27.76
CA THR C 207 5.52 17.26 28.33
C THR C 207 4.17 17.08 29.02
N SER C 208 3.51 18.17 29.42
CA SER C 208 2.19 18.06 30.03
C SER C 208 1.11 17.70 29.01
N LEU C 209 1.40 17.82 27.72
CA LEU C 209 0.44 17.47 26.69
C LEU C 209 0.22 15.97 26.64
N PRO C 210 -0.91 15.52 26.09
CA PRO C 210 -1.14 14.07 25.95
C PRO C 210 -0.12 13.43 25.03
N GLU C 211 -0.03 12.11 25.13
CA GLU C 211 0.98 11.37 24.38
C GLU C 211 0.71 11.41 22.88
N LYS C 212 -0.55 11.49 22.47
CA LYS C 212 -0.87 11.52 21.04
C LYS C 212 -0.33 12.79 20.38
N VAL C 213 -0.64 13.95 20.95
CA VAL C 213 -0.15 15.19 20.38
C VAL C 213 1.36 15.30 20.56
N CYS C 214 1.91 14.71 21.63
CA CYS C 214 3.36 14.68 21.78
C CYS C 214 4.02 13.91 20.65
N ASN C 215 3.46 12.75 20.29
CA ASN C 215 3.98 11.98 19.17
C ASN C 215 3.83 12.75 17.86
N PHE C 216 2.68 13.41 17.68
CA PHE C 216 2.50 14.20 16.46
C PHE C 216 3.53 15.32 16.36
N LEU C 217 3.79 16.02 17.46
CA LEU C 217 4.79 17.08 17.46
C LEU C 217 6.18 16.53 17.20
N ALA C 218 6.50 15.36 17.80
CA ALA C 218 7.81 14.76 17.59
C ALA C 218 8.00 14.36 16.13
N SER C 219 6.96 13.83 15.50
CA SER C 219 7.07 13.38 14.11
C SER C 219 7.22 14.55 13.14
N GLN C 220 6.83 15.76 13.54
CA GLN C 220 6.87 16.89 12.61
C GLN C 220 8.30 17.32 12.30
N VAL C 221 9.25 17.03 13.19
CA VAL C 221 10.65 17.44 12.96
C VAL C 221 11.23 16.59 11.83
N PRO C 222 11.83 17.21 10.80
CA PRO C 222 12.46 16.42 9.73
C PRO C 222 13.53 15.47 10.25
N PHE C 223 14.57 16.02 10.89
CA PHE C 223 15.59 15.17 11.51
C PHE C 223 16.35 15.94 12.59
N PRO C 224 16.55 15.35 13.76
CA PRO C 224 16.06 14.04 14.22
C PRO C 224 14.58 14.09 14.57
N SER C 225 13.79 13.09 14.22
CA SER C 225 12.35 13.14 14.43
C SER C 225 12.03 12.84 15.89
N ARG C 226 12.33 13.82 16.74
CA ARG C 226 12.02 13.74 18.16
C ARG C 226 11.99 15.14 18.74
N LEU C 227 11.38 15.26 19.92
CA LEU C 227 11.44 16.51 20.65
C LEU C 227 12.88 16.77 21.11
N GLY C 228 13.28 18.03 21.11
CA GLY C 228 14.63 18.35 21.52
C GLY C 228 14.88 18.02 22.97
N ASP C 229 16.10 17.57 23.26
CA ASP C 229 16.48 17.24 24.62
C ASP C 229 17.16 18.45 25.25
N PRO C 230 16.68 18.96 26.39
CA PRO C 230 17.28 20.17 26.97
C PRO C 230 18.79 20.15 27.16
N ALA C 231 19.40 18.96 27.29
CA ALA C 231 20.86 18.90 27.36
C ALA C 231 21.50 19.36 26.07
N GLU C 232 20.82 19.21 24.94
CA GLU C 232 21.36 19.72 23.68
C GLU C 232 21.28 21.24 23.62
N TYR C 233 20.27 21.81 24.26
CA TYR C 233 20.22 23.27 24.38
C TYR C 233 21.36 23.74 25.28
N ALA C 234 21.61 23.02 26.38
CA ALA C 234 22.72 23.39 27.25
C ALA C 234 24.04 23.27 26.50
N HIS C 235 24.15 22.27 25.63
CA HIS C 235 25.36 22.09 24.84
C HIS C 235 25.59 23.28 23.92
N LEU C 236 24.52 23.73 23.24
CA LEU C 236 24.71 24.86 22.34
C LEU C 236 25.03 26.12 23.15
N VAL C 237 24.44 26.25 24.34
CA VAL C 237 24.77 27.39 25.19
C VAL C 237 26.24 27.38 25.55
N GLN C 238 26.77 26.22 25.92
CA GLN C 238 28.20 26.12 26.22
C GLN C 238 29.03 26.45 25.00
N ALA C 239 28.61 25.95 23.82
CA ALA C 239 29.36 26.22 22.59
C ALA C 239 29.39 27.71 22.29
N ILE C 240 28.29 28.41 22.56
CA ILE C 240 28.24 29.85 22.37
C ILE C 240 29.17 30.54 23.36
N ILE C 241 29.24 30.02 24.59
CA ILE C 241 30.14 30.60 25.58
C ILE C 241 31.59 30.47 25.14
N GLU C 242 31.97 29.30 24.61
CA GLU C 242 33.37 29.07 24.26
C GLU C 242 33.76 29.82 23.00
N ASN C 243 32.85 29.95 22.04
CA ASN C 243 33.22 30.49 20.73
C ASN C 243 33.20 32.01 20.77
N PRO C 244 34.35 32.67 20.58
CA PRO C 244 34.40 34.14 20.72
C PRO C 244 33.70 34.91 19.62
N PHE C 245 33.35 34.29 18.49
CA PHE C 245 32.91 35.04 17.33
C PHE C 245 31.42 34.95 17.04
N LEU C 246 30.66 34.17 17.81
CA LEU C 246 29.20 34.20 17.68
C LEU C 246 28.68 35.43 18.41
N ASN C 247 28.08 36.36 17.68
CA ASN C 247 27.52 37.56 18.29
C ASN C 247 26.40 38.09 17.40
N GLY C 248 25.34 38.56 18.04
CA GLY C 248 24.25 39.19 17.32
C GLY C 248 23.58 38.32 16.28
N GLU C 249 23.36 37.05 16.60
CA GLU C 249 22.82 36.09 15.65
C GLU C 249 21.73 35.28 16.31
N VAL C 250 20.79 34.80 15.51
CA VAL C 250 19.76 33.88 15.96
C VAL C 250 20.06 32.51 15.37
N ILE C 251 20.13 31.50 16.23
CA ILE C 251 20.38 30.13 15.82
C ILE C 251 19.09 29.35 16.06
N ARG C 252 18.56 28.74 15.00
CA ARG C 252 17.38 27.91 15.12
C ARG C 252 17.83 26.51 15.51
N LEU C 253 17.44 26.08 16.71
CA LEU C 253 17.72 24.72 17.17
C LEU C 253 16.40 23.98 17.05
N ASP C 254 16.08 23.54 15.84
CA ASP C 254 14.75 23.01 15.57
C ASP C 254 14.74 21.80 14.65
N GLY C 255 15.90 21.27 14.27
CA GLY C 255 15.90 20.15 13.35
C GLY C 255 15.28 20.44 12.01
N ALA C 256 15.37 21.68 11.53
CA ALA C 256 14.89 22.10 10.21
C ALA C 256 13.38 22.04 10.09
N ILE C 257 12.66 22.02 11.21
CA ILE C 257 11.21 22.02 11.18
C ILE C 257 10.67 23.38 10.74
N ARG C 258 9.52 23.34 10.05
CA ARG C 258 8.75 24.51 9.69
C ARG C 258 7.32 24.32 10.18
N MET C 259 6.78 25.33 10.85
CA MET C 259 5.50 25.19 11.52
C MET C 259 4.35 25.34 10.52
N GLN C 260 3.52 24.31 10.43
CA GLN C 260 2.31 24.38 9.62
C GLN C 260 1.29 25.29 10.30
N PRO C 261 0.52 26.07 9.52
CA PRO C 261 -0.51 26.97 10.08
C PRO C 261 -1.47 26.28 11.05
N VAL D 8 -11.68 51.32 -5.46
CA VAL D 8 -11.85 51.66 -4.05
C VAL D 8 -13.04 52.60 -3.87
N LYS D 9 -13.82 52.75 -4.95
CA LYS D 9 -15.01 53.59 -4.90
C LYS D 9 -16.01 53.05 -3.88
N GLY D 10 -16.51 53.93 -3.02
CA GLY D 10 -17.49 53.57 -2.03
C GLY D 10 -16.98 52.77 -0.85
N LEU D 11 -15.69 52.45 -0.80
CA LEU D 11 -15.17 51.63 0.28
C LEU D 11 -14.91 52.49 1.51
N VAL D 12 -15.06 51.86 2.68
CA VAL D 12 -14.95 52.55 3.96
C VAL D 12 -13.71 52.05 4.68
N ALA D 13 -12.86 52.98 5.12
CA ALA D 13 -11.61 52.64 5.78
C ALA D 13 -11.54 53.30 7.15
N VAL D 14 -10.91 52.60 8.09
CA VAL D 14 -10.56 53.16 9.39
C VAL D 14 -9.04 53.23 9.44
N ILE D 15 -8.53 54.43 9.65
CA ILE D 15 -7.10 54.71 9.52
C ILE D 15 -6.56 55.15 10.87
N THR D 16 -5.89 54.23 11.56
CA THR D 16 -5.33 54.53 12.87
C THR D 16 -4.13 55.46 12.72
N GLY D 17 -4.14 56.55 13.49
CA GLY D 17 -3.11 57.56 13.37
C GLY D 17 -3.29 58.46 12.16
N GLY D 18 -4.52 58.71 11.76
CA GLY D 18 -4.84 59.43 10.54
C GLY D 18 -4.69 60.92 10.61
N ALA D 19 -4.37 61.48 11.78
CA ALA D 19 -4.28 62.93 11.92
C ALA D 19 -3.05 63.49 11.22
N SER D 20 -2.05 62.66 10.95
CA SER D 20 -0.80 63.12 10.35
C SER D 20 -0.06 61.92 9.80
N GLY D 21 1.03 62.21 9.08
CA GLY D 21 1.96 61.21 8.62
C GLY D 21 1.37 60.26 7.58
N LEU D 22 1.82 59.00 7.65
CA LEU D 22 1.41 58.01 6.66
C LEU D 22 -0.10 57.77 6.69
N GLY D 23 -0.72 57.82 7.87
CA GLY D 23 -2.15 57.62 7.94
C GLY D 23 -2.90 58.71 7.22
N LEU D 24 -2.50 59.97 7.46
CA LEU D 24 -3.15 61.09 6.80
C LEU D 24 -2.93 61.06 5.29
N ALA D 25 -1.71 60.73 4.87
CA ALA D 25 -1.45 60.64 3.42
C ALA D 25 -2.27 59.53 2.78
N THR D 26 -2.51 58.45 3.50
CA THR D 26 -3.38 57.40 2.96
C THR D 26 -4.81 57.87 2.88
N ALA D 27 -5.31 58.54 3.92
CA ALA D 27 -6.68 59.03 3.86
C ALA D 27 -6.87 60.05 2.74
N GLU D 28 -5.91 60.97 2.58
CA GLU D 28 -6.04 61.96 1.52
C GLU D 28 -6.06 61.32 0.14
N ARG D 29 -5.17 60.35 -0.10
CA ARG D 29 -5.14 59.73 -1.43
C ARG D 29 -6.38 58.88 -1.67
N LEU D 30 -6.73 58.01 -0.72
CA LEU D 30 -7.82 57.06 -0.92
C LEU D 30 -9.16 57.78 -1.08
N VAL D 31 -9.40 58.82 -0.26
CA VAL D 31 -10.62 59.62 -0.41
C VAL D 31 -10.63 60.34 -1.75
N GLY D 32 -9.47 60.81 -2.20
CA GLY D 32 -9.39 61.41 -3.53
C GLY D 32 -9.81 60.41 -4.59
N GLN D 33 -9.40 59.15 -4.45
CA GLN D 33 -9.74 58.11 -5.40
C GLN D 33 -11.20 57.66 -5.27
N GLY D 34 -11.96 58.26 -4.36
CA GLY D 34 -13.36 57.95 -4.18
C GLY D 34 -13.72 57.05 -3.02
N ALA D 35 -12.79 56.76 -2.12
CA ALA D 35 -13.11 55.94 -0.96
C ALA D 35 -13.67 56.80 0.17
N SER D 36 -14.06 56.15 1.27
CA SER D 36 -14.50 56.81 2.49
C SER D 36 -13.58 56.43 3.64
N ALA D 37 -13.19 57.42 4.43
CA ALA D 37 -12.16 57.24 5.45
C ALA D 37 -12.65 57.71 6.81
N VAL D 38 -12.29 56.94 7.84
CA VAL D 38 -12.55 57.29 9.23
C VAL D 38 -11.19 57.48 9.91
N LEU D 39 -10.93 58.69 10.38
CA LEU D 39 -9.67 59.01 11.05
C LEU D 39 -9.78 58.69 12.53
N LEU D 40 -9.05 57.66 12.96
CA LEU D 40 -9.03 57.21 14.35
C LEU D 40 -7.72 57.69 14.95
N ASP D 41 -7.79 58.67 15.85
CA ASP D 41 -6.60 59.27 16.42
C ASP D 41 -7.00 59.90 17.76
N LEU D 42 -5.99 60.36 18.49
CA LEU D 42 -6.20 60.91 19.82
C LEU D 42 -7.13 62.13 19.77
N PRO D 43 -7.91 62.36 20.84
CA PRO D 43 -8.85 63.48 20.83
C PRO D 43 -8.20 64.85 20.61
N ASN D 44 -7.03 65.09 21.19
CA ASN D 44 -6.42 66.41 21.11
C ASN D 44 -5.61 66.62 19.84
N SER D 45 -5.60 65.65 18.93
CA SER D 45 -4.87 65.79 17.68
C SER D 45 -5.55 66.81 16.78
N GLY D 46 -4.79 67.33 15.82
CA GLY D 46 -5.31 68.35 14.93
C GLY D 46 -5.98 67.76 13.70
N GLY D 47 -6.27 66.45 13.77
CA GLY D 47 -6.93 65.76 12.66
C GLY D 47 -8.31 66.28 12.32
N GLU D 48 -8.94 67.03 13.23
CA GLU D 48 -10.27 67.56 12.94
C GLU D 48 -10.24 68.52 11.77
N ALA D 49 -9.15 69.31 11.65
CA ALA D 49 -8.99 70.18 10.50
C ALA D 49 -8.88 69.37 9.22
N GLN D 50 -8.18 68.23 9.28
CA GLN D 50 -8.05 67.38 8.11
C GLN D 50 -9.39 66.80 7.70
N ALA D 51 -10.16 66.31 8.68
CA ALA D 51 -11.47 65.74 8.38
C ALA D 51 -12.41 66.78 7.81
N LYS D 52 -12.28 68.04 8.25
CA LYS D 52 -12.99 69.13 7.60
C LYS D 52 -12.52 69.31 6.17
N LYS D 53 -11.21 69.25 5.96
CA LYS D 53 -10.63 69.49 4.63
C LYS D 53 -11.09 68.44 3.62
N LEU D 54 -11.15 67.17 4.03
CA LEU D 54 -11.49 66.11 3.07
C LEU D 54 -12.96 66.08 2.68
N GLY D 55 -13.82 66.85 3.34
CA GLY D 55 -15.22 66.87 2.98
C GLY D 55 -16.06 65.83 3.73
N ASN D 56 -17.30 65.73 3.26
CA ASN D 56 -18.34 64.98 3.97
C ASN D 56 -18.14 63.48 3.90
N ASN D 57 -17.22 62.99 3.07
CA ASN D 57 -16.91 61.56 3.02
C ASN D 57 -15.93 61.13 4.08
N CYS D 58 -15.41 62.06 4.89
CA CYS D 58 -14.43 61.74 5.91
C CYS D 58 -14.97 62.13 7.29
N VAL D 59 -14.63 61.32 8.29
CA VAL D 59 -15.06 61.55 9.66
C VAL D 59 -13.89 61.27 10.59
N PHE D 60 -13.74 62.12 11.61
CA PHE D 60 -12.70 61.97 12.62
C PHE D 60 -13.34 61.30 13.83
N ALA D 61 -12.72 60.23 14.32
CA ALA D 61 -13.22 59.53 15.49
C ALA D 61 -12.14 59.54 16.58
N PRO D 62 -12.36 60.24 17.68
CA PRO D 62 -11.37 60.30 18.77
C PRO D 62 -11.33 59.02 19.57
N ALA D 63 -10.14 58.42 19.67
CA ALA D 63 -9.96 57.16 20.35
C ALA D 63 -8.50 57.04 20.76
N ASP D 64 -8.26 56.59 21.99
CA ASP D 64 -6.94 56.20 22.44
C ASP D 64 -6.77 54.72 22.12
N VAL D 65 -5.79 54.41 21.27
CA VAL D 65 -5.64 53.05 20.76
C VAL D 65 -5.35 52.04 21.85
N THR D 66 -4.78 52.47 22.97
CA THR D 66 -4.50 51.51 24.03
C THR D 66 -5.75 51.15 24.84
N SER D 67 -6.85 51.87 24.65
CA SER D 67 -8.07 51.64 25.43
C SER D 67 -9.11 50.96 24.54
N GLU D 68 -9.66 49.85 25.04
CA GLU D 68 -10.69 49.13 24.28
C GLU D 68 -11.96 49.97 24.11
N LYS D 69 -12.36 50.73 25.15
CA LYS D 69 -13.59 51.50 25.06
C LYS D 69 -13.52 52.60 24.01
N ASP D 70 -12.40 53.32 23.94
CA ASP D 70 -12.32 54.44 23.00
C ASP D 70 -12.41 53.94 21.57
N VAL D 71 -11.71 52.85 21.28
CA VAL D 71 -11.72 52.31 19.92
C VAL D 71 -13.10 51.76 19.62
N GLN D 72 -13.73 51.11 20.60
CA GLN D 72 -15.06 50.55 20.40
C GLN D 72 -16.06 51.65 20.05
N THR D 73 -16.00 52.78 20.75
CA THR D 73 -16.92 53.88 20.44
C THR D 73 -16.59 54.52 19.09
N ALA D 74 -15.30 54.56 18.73
CA ALA D 74 -14.92 55.07 17.41
C ALA D 74 -15.49 54.18 16.32
N LEU D 75 -15.42 52.86 16.53
CA LEU D 75 -15.97 51.92 15.57
C LEU D 75 -17.49 52.03 15.51
N ALA D 76 -18.14 52.24 16.66
CA ALA D 76 -19.59 52.44 16.64
C ALA D 76 -19.94 53.69 15.84
N LEU D 77 -19.09 54.73 15.92
CA LEU D 77 -19.30 55.92 15.11
C LEU D 77 -19.17 55.60 13.63
N ALA D 78 -18.20 54.76 13.28
CA ALA D 78 -18.03 54.34 11.90
C ALA D 78 -19.26 53.57 11.42
N LYS D 79 -19.79 52.69 12.27
CA LYS D 79 -21.00 51.94 11.91
C LYS D 79 -22.18 52.88 11.72
N GLY D 80 -22.26 53.94 12.54
CA GLY D 80 -23.32 54.92 12.37
C GLY D 80 -23.21 55.69 11.07
N LYS D 81 -21.99 56.10 10.71
CA LYS D 81 -21.83 56.95 9.54
C LYS D 81 -21.90 56.16 8.23
N PHE D 82 -21.20 55.03 8.15
CA PHE D 82 -21.08 54.30 6.90
C PHE D 82 -21.64 52.89 6.91
N GLY D 83 -21.88 52.30 8.07
CA GLY D 83 -22.53 51.00 8.12
C GLY D 83 -21.60 49.82 7.96
N ARG D 84 -20.36 50.03 7.57
CA ARG D 84 -19.41 48.94 7.34
C ARG D 84 -17.99 49.48 7.39
N VAL D 85 -17.05 48.55 7.53
CA VAL D 85 -15.62 48.84 7.51
C VAL D 85 -14.98 47.86 6.55
N ASP D 86 -14.16 48.36 5.62
CA ASP D 86 -13.50 47.51 4.64
C ASP D 86 -11.99 47.45 4.81
N VAL D 87 -11.34 48.54 5.20
CA VAL D 87 -9.89 48.62 5.26
C VAL D 87 -9.49 49.22 6.60
N ALA D 88 -8.42 48.69 7.18
CA ALA D 88 -7.83 49.28 8.38
C ALA D 88 -6.34 49.46 8.13
N VAL D 89 -5.84 50.65 8.40
CA VAL D 89 -4.43 50.97 8.22
C VAL D 89 -3.86 51.46 9.55
N ASN D 90 -2.85 50.77 10.04
CA ASN D 90 -2.28 51.05 11.35
C ASN D 90 -1.01 51.86 11.11
N CYS D 91 -1.00 53.12 11.58
CA CYS D 91 0.16 53.97 11.40
C CYS D 91 0.60 54.71 12.67
N ALA D 92 -0.23 54.75 13.71
CA ALA D 92 0.12 55.54 14.89
C ALA D 92 1.36 54.97 15.55
N GLY D 93 2.17 55.85 16.12
CA GLY D 93 3.33 55.39 16.86
C GLY D 93 4.26 56.53 17.18
N ILE D 94 5.24 56.21 18.02
CA ILE D 94 6.29 57.14 18.44
C ILE D 94 7.62 56.40 18.40
N ALA D 95 8.71 57.14 18.52
CA ALA D 95 10.04 56.57 18.50
C ALA D 95 10.85 57.12 19.66
N VAL D 96 11.78 56.29 20.14
CA VAL D 96 12.72 56.68 21.18
C VAL D 96 14.10 56.13 20.83
N ALA D 97 15.12 56.95 21.03
CA ALA D 97 16.51 56.53 20.86
C ALA D 97 17.19 56.58 22.22
N SER D 98 17.66 55.43 22.69
CA SER D 98 18.41 55.34 23.95
C SER D 98 19.11 53.99 24.01
N LYS D 99 20.41 53.99 24.29
CA LYS D 99 21.15 52.75 24.40
C LYS D 99 20.75 51.97 25.64
N THR D 100 20.70 50.65 25.50
CA THR D 100 20.27 49.80 26.61
C THR D 100 21.12 50.04 27.85
N TYR D 101 22.44 50.03 27.67
CA TYR D 101 23.35 50.37 28.75
C TYR D 101 24.62 51.00 28.17
N ASN D 102 25.16 51.98 28.91
CA ASN D 102 26.27 52.81 28.48
C ASN D 102 27.35 52.84 29.56
N LEU D 103 28.36 51.98 29.43
CA LEU D 103 29.35 51.85 30.49
C LEU D 103 30.15 53.13 30.68
N LYS D 104 30.45 53.83 29.58
CA LYS D 104 31.23 55.05 29.65
C LYS D 104 30.50 56.19 30.37
N LYS D 105 29.19 56.04 30.62
CA LYS D 105 28.44 57.02 31.39
C LYS D 105 27.59 56.40 32.50
N GLY D 106 27.51 55.07 32.57
CA GLY D 106 26.74 54.42 33.61
C GLY D 106 25.25 54.72 33.55
N GLN D 107 24.65 54.67 32.37
CA GLN D 107 23.25 55.02 32.17
C GLN D 107 22.49 53.82 31.62
N THR D 108 21.35 53.54 32.21
CA THR D 108 20.50 52.42 31.81
C THR D 108 19.21 52.96 31.19
N HIS D 109 18.77 52.32 30.11
CA HIS D 109 17.47 52.61 29.53
C HIS D 109 16.38 52.47 30.59
N THR D 110 15.55 53.50 30.72
CA THR D 110 14.50 53.46 31.73
C THR D 110 13.36 52.54 31.29
N LEU D 111 12.76 51.85 32.25
CA LEU D 111 11.69 50.91 31.96
C LEU D 111 10.39 51.60 31.52
N GLU D 112 10.10 52.78 32.05
CA GLU D 112 8.85 53.45 31.71
C GLU D 112 8.78 53.83 30.24
N ASP D 113 9.90 54.32 29.70
CA ASP D 113 9.95 54.67 28.28
C ASP D 113 9.76 53.43 27.39
N PHE D 114 10.40 52.31 27.77
CA PHE D 114 10.22 51.06 27.03
C PHE D 114 8.77 50.61 27.09
N GLN D 115 8.16 50.70 28.27
CA GLN D 115 6.77 50.25 28.37
C GLN D 115 5.87 51.14 27.53
N ARG D 116 6.13 52.46 27.53
CA ARG D 116 5.27 53.37 26.79
C ARG D 116 5.38 53.13 25.28
N VAL D 117 6.60 52.90 24.77
CA VAL D 117 6.73 52.64 23.34
C VAL D 117 6.03 51.34 22.99
N LEU D 118 6.19 50.31 23.82
CA LEU D 118 5.51 49.04 23.55
C LEU D 118 4.00 49.25 23.55
N ASP D 119 3.52 50.07 24.50
CA ASP D 119 2.09 50.33 24.65
C ASP D 119 1.52 50.96 23.40
N VAL D 120 2.18 51.98 22.88
CA VAL D 120 1.61 52.68 21.74
C VAL D 120 1.78 51.87 20.46
N ASN D 121 2.99 51.34 20.23
CA ASN D 121 3.27 50.69 18.95
C ASN D 121 2.72 49.26 18.83
N LEU D 122 3.13 48.36 19.71
CA LEU D 122 2.80 46.95 19.46
C LEU D 122 1.42 46.51 19.96
N MET D 123 1.12 46.72 21.25
CA MET D 123 -0.17 46.30 21.77
C MET D 123 -1.34 47.14 21.24
N GLY D 124 -1.12 48.43 21.00
CA GLY D 124 -2.18 49.23 20.42
C GLY D 124 -2.58 48.74 19.04
N THR D 125 -1.60 48.27 18.27
CA THR D 125 -1.89 47.74 16.94
C THR D 125 -2.74 46.49 17.06
N PHE D 126 -2.38 45.57 17.97
CA PHE D 126 -3.19 44.37 18.16
C PHE D 126 -4.59 44.73 18.63
N ASN D 127 -4.70 45.72 19.52
CA ASN D 127 -6.03 46.12 20.02
C ASN D 127 -6.91 46.61 18.88
N VAL D 128 -6.31 47.36 17.94
CA VAL D 128 -7.07 47.83 16.78
C VAL D 128 -7.44 46.66 15.90
N ILE D 129 -6.50 45.74 15.68
CA ILE D 129 -6.77 44.59 14.81
C ILE D 129 -7.92 43.78 15.40
N ARG D 130 -7.83 43.47 16.69
CA ARG D 130 -8.82 42.60 17.34
C ARG D 130 -10.20 43.25 17.35
N LEU D 131 -10.27 44.58 17.38
CA LEU D 131 -11.60 45.17 17.43
C LEU D 131 -12.17 45.35 16.02
N VAL D 132 -11.36 45.87 15.09
CA VAL D 132 -11.86 46.08 13.75
C VAL D 132 -12.17 44.76 13.07
N ALA D 133 -11.45 43.68 13.45
CA ALA D 133 -11.82 42.38 12.90
C ALA D 133 -13.23 41.99 13.34
N GLY D 134 -13.64 42.38 14.55
CA GLY D 134 -15.01 42.13 14.95
C GLY D 134 -15.96 42.97 14.12
N GLU D 135 -15.54 44.18 13.77
CA GLU D 135 -16.37 45.02 12.90
C GLU D 135 -16.37 44.49 11.48
N MET D 136 -15.21 44.08 10.97
CA MET D 136 -15.08 43.56 9.61
C MET D 136 -15.84 42.25 9.43
N GLY D 137 -15.97 41.45 10.48
CA GLY D 137 -16.69 40.19 10.39
C GLY D 137 -18.16 40.32 10.05
N GLN D 138 -18.73 41.53 10.20
CA GLN D 138 -20.12 41.77 9.87
C GLN D 138 -20.36 42.08 8.40
N ASN D 139 -19.30 42.21 7.60
CA ASN D 139 -19.43 42.53 6.19
C ASN D 139 -19.90 41.31 5.39
N GLU D 140 -20.65 41.58 4.34
CA GLU D 140 -21.02 40.56 3.37
C GLU D 140 -19.86 40.27 2.43
N PRO D 141 -19.48 39.00 2.26
CA PRO D 141 -18.24 38.67 1.54
C PRO D 141 -18.21 39.23 0.12
N ASP D 142 -17.03 39.70 -0.27
CA ASP D 142 -16.76 40.10 -1.64
C ASP D 142 -16.88 38.89 -2.57
N GLN D 143 -17.05 39.17 -3.86
CA GLN D 143 -17.21 38.08 -4.83
C GLN D 143 -15.98 37.19 -4.88
N GLY D 144 -14.84 37.68 -4.40
CA GLY D 144 -13.63 36.94 -4.13
C GLY D 144 -13.57 36.28 -2.77
N GLY D 145 -14.62 36.39 -1.96
CA GLY D 145 -14.63 35.78 -0.64
C GLY D 145 -14.07 36.67 0.44
N GLN D 146 -13.55 37.85 0.08
CA GLN D 146 -12.88 38.73 1.02
C GLN D 146 -13.89 39.53 1.83
N ARG D 147 -13.61 39.69 3.12
CA ARG D 147 -14.40 40.55 3.99
C ARG D 147 -13.70 41.86 4.34
N GLY D 148 -12.37 41.89 4.37
CA GLY D 148 -11.67 43.11 4.69
C GLY D 148 -10.18 42.93 4.56
N VAL D 149 -9.46 44.04 4.75
CA VAL D 149 -8.01 44.08 4.64
C VAL D 149 -7.46 44.85 5.84
N ILE D 150 -6.44 44.29 6.48
CA ILE D 150 -5.75 44.93 7.60
C ILE D 150 -4.29 45.11 7.23
N ILE D 151 -3.78 46.33 7.38
CA ILE D 151 -2.42 46.68 6.99
C ILE D 151 -1.70 47.28 8.18
N ASN D 152 -0.50 46.77 8.46
CA ASN D 152 0.31 47.20 9.59
C ASN D 152 1.60 47.85 9.08
N THR D 153 2.22 48.65 9.94
CA THR D 153 3.48 49.32 9.63
C THR D 153 4.55 48.91 10.63
N ALA D 154 5.62 48.28 10.12
CA ALA D 154 6.72 47.83 10.97
C ALA D 154 8.03 48.19 10.26
N SER D 155 8.59 49.34 10.60
CA SER D 155 9.78 49.86 9.95
C SER D 155 10.91 48.85 9.89
N VAL D 156 11.87 49.04 8.97
CA VAL D 156 12.98 48.13 8.81
C VAL D 156 13.83 47.98 10.06
N ALA D 157 13.62 48.83 11.07
CA ALA D 157 14.29 48.67 12.35
C ALA D 157 14.00 47.31 12.99
N ALA D 158 12.92 46.65 12.58
CA ALA D 158 12.62 45.32 13.10
C ALA D 158 13.65 44.30 12.62
N PHE D 159 14.38 44.62 11.56
CA PHE D 159 15.35 43.74 10.93
C PHE D 159 16.78 44.20 11.15
N GLU D 160 17.08 45.49 11.01
CA GLU D 160 18.39 46.03 11.38
C GLU D 160 18.21 47.40 12.06
N GLY D 161 18.12 47.37 13.38
CA GLY D 161 17.99 48.58 14.15
C GLY D 161 19.31 49.30 14.35
N GLN D 162 19.24 50.60 14.57
CA GLN D 162 20.45 51.35 14.86
C GLN D 162 20.70 51.35 16.37
N VAL D 163 21.86 51.86 16.77
CA VAL D 163 22.19 51.97 18.18
C VAL D 163 21.17 52.83 18.90
N GLY D 164 20.66 52.33 20.03
CA GLY D 164 19.67 53.03 20.81
C GLY D 164 18.21 52.81 20.44
N GLN D 165 17.93 52.01 19.41
CA GLN D 165 16.58 51.71 18.97
C GLN D 165 16.03 50.41 19.53
N ALA D 166 16.65 49.88 20.60
CA ALA D 166 16.25 48.56 21.11
C ALA D 166 14.76 48.48 21.38
N ALA D 167 14.19 49.46 22.09
CA ALA D 167 12.76 49.41 22.37
C ALA D 167 11.93 49.53 21.09
N TYR D 168 12.37 50.41 20.18
CA TYR D 168 11.65 50.60 18.92
C TYR D 168 11.76 49.35 18.05
N SER D 169 12.97 48.78 17.98
CA SER D 169 13.16 47.59 17.16
C SER D 169 12.37 46.43 17.76
N ALA D 170 12.27 46.40 19.09
CA ALA D 170 11.49 45.36 19.77
C ALA D 170 10.02 45.46 19.37
N SER D 171 9.46 46.67 19.39
CA SER D 171 8.06 46.84 19.05
C SER D 171 7.80 46.49 17.58
N LYS D 172 8.65 46.98 16.67
CA LYS D 172 8.40 46.68 15.27
C LYS D 172 8.68 45.22 14.94
N GLY D 173 9.65 44.59 15.60
CA GLY D 173 9.82 43.15 15.43
C GLY D 173 8.64 42.39 15.99
N GLY D 174 7.99 42.93 17.01
CA GLY D 174 6.79 42.29 17.52
C GLY D 174 5.71 42.32 16.46
N ILE D 175 5.54 43.47 15.80
CA ILE D 175 4.50 43.57 14.77
C ILE D 175 4.83 42.63 13.61
N VAL D 176 6.11 42.53 13.28
CA VAL D 176 6.56 41.63 12.21
C VAL D 176 6.23 40.18 12.56
N GLY D 177 6.53 39.78 13.78
CA GLY D 177 6.18 38.44 14.21
C GLY D 177 4.69 38.25 14.27
N MET D 178 3.94 39.31 14.60
CA MET D 178 2.50 39.23 14.74
C MET D 178 1.78 39.11 13.40
N THR D 179 2.42 39.50 12.29
CA THR D 179 1.67 39.55 11.03
C THR D 179 1.16 38.17 10.62
N LEU D 180 2.05 37.17 10.59
CA LEU D 180 1.67 35.87 10.07
C LEU D 180 0.61 35.16 10.92
N PRO D 181 0.74 35.08 12.25
CA PRO D 181 -0.32 34.41 13.03
C PRO D 181 -1.67 35.08 12.96
N ILE D 182 -1.72 36.42 12.86
CA ILE D 182 -3.03 37.06 12.70
C ILE D 182 -3.63 36.75 11.34
N ALA D 183 -2.79 36.75 10.30
CA ALA D 183 -3.27 36.37 8.96
C ALA D 183 -3.81 34.95 8.96
N ARG D 184 -3.15 34.05 9.70
CA ARG D 184 -3.65 32.69 9.81
C ARG D 184 -4.90 32.61 10.66
N ASP D 185 -5.02 33.48 11.66
CA ASP D 185 -6.21 33.53 12.51
C ASP D 185 -7.44 33.94 11.71
N LEU D 186 -7.31 34.99 10.90
CA LEU D 186 -8.44 35.60 10.21
C LEU D 186 -8.68 35.02 8.82
N ALA D 187 -7.79 34.14 8.34
CA ALA D 187 -8.00 33.54 7.02
C ALA D 187 -9.36 32.87 6.86
N PRO D 188 -9.85 32.04 7.80
CA PRO D 188 -11.19 31.47 7.62
C PRO D 188 -12.31 32.49 7.69
N ILE D 189 -12.04 33.70 8.18
CA ILE D 189 -13.04 34.77 8.15
C ILE D 189 -12.98 35.56 6.85
N GLY D 190 -11.84 35.55 6.15
CA GLY D 190 -11.70 36.25 4.90
C GLY D 190 -11.08 37.64 5.02
N ILE D 191 -10.22 37.86 6.01
CA ILE D 191 -9.56 39.15 6.21
C ILE D 191 -8.08 38.96 5.89
N ARG D 192 -7.56 39.79 5.00
CA ARG D 192 -6.15 39.78 4.66
C ARG D 192 -5.37 40.69 5.59
N VAL D 193 -4.20 40.21 6.01
CA VAL D 193 -3.32 40.93 6.92
C VAL D 193 -1.98 41.09 6.22
N MET D 194 -1.51 42.33 6.13
CA MET D 194 -0.29 42.63 5.40
C MET D 194 0.53 43.63 6.21
N THR D 195 1.84 43.66 5.95
CA THR D 195 2.74 44.52 6.70
C THR D 195 3.66 45.27 5.73
N ILE D 196 3.81 46.56 6.00
CA ILE D 196 4.68 47.46 5.25
C ILE D 196 5.83 47.88 6.15
N ALA D 197 7.06 47.82 5.62
CA ALA D 197 8.24 48.16 6.40
C ALA D 197 8.83 49.47 5.90
N PRO D 198 8.29 50.61 6.35
CA PRO D 198 8.73 51.91 5.85
C PRO D 198 10.12 52.28 6.34
N GLY D 199 10.85 53.01 5.51
CA GLY D 199 12.14 53.50 5.93
C GLY D 199 12.46 54.95 5.64
N LEU D 200 12.79 55.68 6.70
CA LEU D 200 13.17 57.10 6.64
C LEU D 200 12.10 57.98 6.00
N PHE D 201 10.84 57.70 6.29
CA PHE D 201 9.75 58.48 5.70
C PHE D 201 9.58 59.81 6.44
N GLY D 202 9.10 60.80 5.71
CA GLY D 202 8.94 62.14 6.24
C GLY D 202 7.69 62.28 7.07
N PRO D 222 21.00 54.17 -1.42
CA PRO D 222 21.57 54.19 -2.77
C PRO D 222 20.64 54.85 -3.79
N PHE D 223 19.42 54.32 -3.92
CA PHE D 223 18.41 54.92 -4.77
C PHE D 223 17.02 54.43 -4.38
N PRO D 224 16.03 55.33 -4.27
CA PRO D 224 16.18 56.79 -4.40
C PRO D 224 16.86 57.38 -3.16
N SER D 225 17.74 58.36 -3.36
CA SER D 225 18.61 58.83 -2.28
C SER D 225 17.91 59.85 -1.38
N ARG D 226 16.79 60.40 -1.82
CA ARG D 226 16.05 61.36 -1.00
C ARG D 226 15.22 60.61 0.05
N LEU D 227 14.67 61.36 0.99
CA LEU D 227 13.71 60.77 1.92
C LEU D 227 12.46 60.32 1.17
N GLY D 228 11.82 59.28 1.70
CA GLY D 228 10.59 58.81 1.11
C GLY D 228 9.45 59.82 1.25
N ASP D 229 8.57 59.81 0.25
CA ASP D 229 7.37 60.64 0.22
C ASP D 229 6.18 59.81 0.68
N PRO D 230 5.42 60.29 1.67
CA PRO D 230 4.28 59.52 2.20
C PRO D 230 3.27 59.09 1.15
N ALA D 231 3.23 59.82 0.02
CA ALA D 231 2.36 59.43 -1.08
C ALA D 231 2.75 58.08 -1.67
N GLU D 232 4.04 57.72 -1.66
CA GLU D 232 4.41 56.41 -2.14
C GLU D 232 3.91 55.32 -1.19
N TYR D 233 3.85 55.63 0.11
CA TYR D 233 3.23 54.70 1.05
C TYR D 233 1.75 54.57 0.78
N ALA D 234 1.08 55.69 0.50
CA ALA D 234 -0.35 55.61 0.22
C ALA D 234 -0.60 54.79 -1.04
N HIS D 235 0.26 54.95 -2.05
CA HIS D 235 0.13 54.20 -3.28
C HIS D 235 0.27 52.71 -3.00
N LEU D 236 1.27 52.34 -2.18
CA LEU D 236 1.43 50.93 -1.85
C LEU D 236 0.22 50.40 -1.11
N VAL D 237 -0.35 51.21 -0.20
CA VAL D 237 -1.54 50.78 0.52
C VAL D 237 -2.69 50.50 -0.44
N GLN D 238 -2.89 51.39 -1.42
CA GLN D 238 -3.93 51.14 -2.42
C GLN D 238 -3.64 49.87 -3.21
N ALA D 239 -2.36 49.65 -3.57
CA ALA D 239 -2.00 48.47 -4.33
C ALA D 239 -2.29 47.21 -3.53
N ILE D 240 -2.00 47.23 -2.24
CA ILE D 240 -2.27 46.07 -1.39
C ILE D 240 -3.77 45.84 -1.27
N ILE D 241 -4.55 46.93 -1.17
CA ILE D 241 -6.00 46.80 -1.09
C ILE D 241 -6.53 46.15 -2.38
N GLU D 242 -6.03 46.58 -3.53
CA GLU D 242 -6.57 46.12 -4.80
C GLU D 242 -6.16 44.69 -5.10
N ASN D 243 -4.91 44.33 -4.81
CA ASN D 243 -4.39 43.03 -5.22
C ASN D 243 -4.94 41.94 -4.30
N PRO D 244 -5.68 40.97 -4.82
CA PRO D 244 -6.34 39.98 -3.95
C PRO D 244 -5.41 38.94 -3.36
N PHE D 245 -4.15 38.85 -3.80
CA PHE D 245 -3.31 37.72 -3.45
C PHE D 245 -2.16 38.06 -2.51
N LEU D 246 -1.99 39.34 -2.15
CA LEU D 246 -0.99 39.71 -1.17
C LEU D 246 -1.52 39.43 0.23
N ASN D 247 -0.87 38.51 0.95
CA ASN D 247 -1.29 38.20 2.31
C ASN D 247 -0.11 37.68 3.12
N GLY D 248 -0.08 38.05 4.40
CA GLY D 248 0.90 37.51 5.33
C GLY D 248 2.35 37.79 5.01
N GLU D 249 2.63 38.92 4.35
CA GLU D 249 3.98 39.20 3.89
C GLU D 249 4.42 40.57 4.38
N VAL D 250 5.72 40.72 4.59
CA VAL D 250 6.32 42.01 4.92
C VAL D 250 7.06 42.50 3.70
N ILE D 251 6.77 43.74 3.30
CA ILE D 251 7.41 44.37 2.15
C ILE D 251 8.25 45.54 2.64
N ARG D 252 9.57 45.47 2.45
CA ARG D 252 10.38 46.62 2.81
C ARG D 252 10.25 47.64 1.69
N LEU D 253 9.78 48.83 2.04
CA LEU D 253 9.66 49.95 1.10
C LEU D 253 10.65 50.97 1.66
N ASP D 254 11.92 50.77 1.30
CA ASP D 254 13.00 51.50 1.93
C ASP D 254 14.06 51.98 0.96
N GLY D 255 13.85 51.83 -0.34
CA GLY D 255 14.81 52.23 -1.34
C GLY D 255 16.15 51.55 -1.19
N ALA D 256 16.17 50.37 -0.58
CA ALA D 256 17.32 49.49 -0.44
C ALA D 256 18.41 50.01 0.49
N ILE D 257 18.16 51.02 1.32
CA ILE D 257 19.23 51.45 2.23
C ILE D 257 19.33 50.46 3.37
N GLY E 26 -35.81 -36.31 14.01
CA GLY E 26 -35.82 -36.74 12.62
C GLY E 26 -35.22 -35.73 11.67
N PRO E 27 -34.59 -36.21 10.59
CA PRO E 27 -34.02 -35.30 9.60
C PRO E 27 -35.08 -34.54 8.84
N ASN E 28 -34.68 -33.35 8.37
CA ASN E 28 -35.55 -32.42 7.68
C ASN E 28 -35.56 -32.63 6.16
N THR E 29 -34.47 -33.12 5.57
CA THR E 29 -34.40 -33.36 4.14
C THR E 29 -33.83 -34.75 3.87
N VAL E 30 -34.43 -35.43 2.89
CA VAL E 30 -34.03 -36.76 2.44
C VAL E 30 -34.24 -36.84 0.93
N TYR E 31 -33.23 -37.28 0.19
CA TYR E 31 -33.38 -37.36 -1.26
C TYR E 31 -32.53 -38.50 -1.80
N LEU E 32 -32.92 -39.00 -2.97
CA LEU E 32 -32.20 -40.05 -3.67
C LEU E 32 -31.33 -39.47 -4.78
N GLN E 33 -30.45 -40.32 -5.31
CA GLN E 33 -29.56 -39.94 -6.39
C GLN E 33 -29.13 -41.18 -7.14
N VAL E 34 -29.10 -41.08 -8.48
CA VAL E 34 -28.78 -42.21 -9.34
C VAL E 34 -27.31 -42.11 -9.70
N VAL E 35 -26.47 -42.90 -9.03
CA VAL E 35 -25.05 -42.93 -9.35
C VAL E 35 -24.82 -43.58 -10.71
N ALA E 36 -25.45 -44.72 -10.96
CA ALA E 36 -25.32 -45.44 -12.23
C ALA E 36 -26.70 -45.80 -12.75
N ALA E 37 -26.88 -45.68 -14.07
CA ALA E 37 -28.20 -45.74 -14.70
C ALA E 37 -28.51 -47.07 -15.35
N GLY E 38 -27.75 -48.13 -15.06
CA GLY E 38 -28.06 -49.43 -15.61
C GLY E 38 -27.39 -49.78 -16.93
N SER E 39 -26.60 -48.87 -17.49
CA SER E 39 -25.89 -49.17 -18.73
C SER E 39 -25.02 -50.43 -18.58
N ARG E 40 -24.84 -51.12 -19.70
CA ARG E 40 -24.16 -52.42 -19.69
C ARG E 40 -22.77 -52.34 -19.08
N ASP E 41 -22.12 -51.18 -19.14
CA ASP E 41 -20.76 -51.03 -18.64
C ASP E 41 -20.69 -50.49 -17.22
N SER E 42 -21.83 -50.24 -16.58
CA SER E 42 -21.82 -49.68 -15.24
C SER E 42 -22.80 -50.32 -14.26
N GLY E 43 -23.77 -51.10 -14.72
CA GLY E 43 -24.76 -51.61 -13.82
C GLY E 43 -25.67 -50.47 -13.34
N ALA E 44 -26.42 -50.77 -12.28
CA ALA E 44 -27.38 -49.83 -11.74
C ALA E 44 -27.16 -49.72 -10.24
N ALA E 45 -27.39 -48.53 -9.70
CA ALA E 45 -27.20 -48.27 -8.28
C ALA E 45 -27.87 -46.96 -7.90
N LEU E 46 -28.47 -46.93 -6.72
CA LEU E 46 -29.06 -45.73 -6.14
C LEU E 46 -28.17 -45.19 -5.04
N TYR E 47 -28.62 -44.11 -4.39
CA TYR E 47 -27.88 -43.52 -3.29
C TYR E 47 -28.84 -42.70 -2.44
N VAL E 48 -29.22 -43.24 -1.29
CA VAL E 48 -30.17 -42.59 -0.38
C VAL E 48 -29.43 -41.65 0.55
N PHE E 49 -29.74 -40.36 0.45
CA PHE E 49 -29.14 -39.31 1.25
C PHE E 49 -30.07 -38.90 2.38
N SER E 50 -29.50 -38.75 3.58
CA SER E 50 -30.21 -38.18 4.72
C SER E 50 -29.20 -37.48 5.62
N GLU E 51 -29.72 -36.56 6.44
CA GLU E 51 -28.88 -35.79 7.36
C GLU E 51 -28.20 -36.63 8.44
N PHE E 52 -28.81 -37.73 8.87
CA PHE E 52 -28.28 -38.55 9.95
C PHE E 52 -27.57 -39.82 9.50
N ASN E 53 -27.95 -40.38 8.36
CA ASN E 53 -27.42 -41.65 7.88
C ASN E 53 -27.29 -41.60 6.38
N ARG E 54 -26.49 -42.50 5.83
CA ARG E 54 -26.40 -42.59 4.39
C ARG E 54 -26.53 -44.04 3.98
N TYR E 55 -27.14 -44.27 2.81
CA TYR E 55 -27.38 -45.63 2.35
C TYR E 55 -27.04 -45.80 0.88
N LEU E 56 -26.77 -47.05 0.51
CA LEU E 56 -26.47 -47.50 -0.83
C LEU E 56 -27.27 -48.76 -1.10
N PHE E 57 -27.65 -48.99 -2.37
CA PHE E 57 -28.42 -50.18 -2.71
C PHE E 57 -27.83 -51.03 -3.82
N ASN E 58 -26.62 -50.74 -4.30
CA ASN E 58 -25.94 -51.62 -5.24
C ASN E 58 -24.44 -51.43 -5.08
N CYS E 59 -23.70 -52.52 -5.16
CA CYS E 59 -22.23 -52.53 -5.10
C CYS E 59 -21.64 -53.41 -6.20
N GLY E 60 -21.93 -53.09 -7.46
CA GLY E 60 -21.45 -53.86 -8.58
C GLY E 60 -20.08 -53.38 -9.05
N GLU E 61 -19.70 -53.86 -10.23
CA GLU E 61 -18.42 -53.45 -10.79
C GLU E 61 -18.46 -52.01 -11.28
N GLY E 62 -17.41 -51.27 -10.95
CA GLY E 62 -17.21 -49.90 -11.35
C GLY E 62 -18.00 -48.88 -10.56
N VAL E 63 -18.79 -49.32 -9.57
CA VAL E 63 -19.54 -48.37 -8.75
C VAL E 63 -18.58 -47.52 -7.93
N GLN E 64 -17.51 -48.13 -7.41
CA GLN E 64 -16.54 -47.39 -6.61
C GLN E 64 -15.89 -46.28 -7.44
N ARG E 65 -15.51 -46.59 -8.68
CA ARG E 65 -14.89 -45.59 -9.55
C ARG E 65 -15.85 -44.46 -9.87
N LEU E 66 -17.11 -44.80 -10.16
CA LEU E 66 -18.10 -43.79 -10.51
C LEU E 66 -18.36 -42.84 -9.34
N MET E 67 -18.49 -43.39 -8.13
CA MET E 67 -18.77 -42.54 -6.98
C MET E 67 -17.60 -41.62 -6.65
N GLN E 68 -16.36 -42.10 -6.82
CA GLN E 68 -15.21 -41.23 -6.62
C GLN E 68 -15.15 -40.12 -7.67
N GLU E 69 -15.48 -40.46 -8.92
CA GLU E 69 -15.42 -39.47 -9.99
C GLU E 69 -16.41 -38.34 -9.77
N HIS E 70 -17.61 -38.66 -9.31
CA HIS E 70 -18.66 -37.67 -9.14
C HIS E 70 -18.68 -37.07 -7.74
N LYS E 71 -17.61 -37.26 -6.96
CA LYS E 71 -17.46 -36.65 -5.65
C LYS E 71 -18.64 -37.01 -4.75
N LEU E 72 -18.76 -38.31 -4.49
CA LEU E 72 -19.76 -38.85 -3.57
C LEU E 72 -19.00 -39.36 -2.34
N LYS E 73 -19.17 -38.66 -1.23
CA LYS E 73 -18.43 -38.99 -0.02
C LYS E 73 -18.85 -40.36 0.52
N VAL E 74 -17.87 -41.11 1.03
CA VAL E 74 -18.13 -42.40 1.66
C VAL E 74 -17.84 -42.37 3.16
N ALA E 75 -17.62 -41.18 3.75
CA ALA E 75 -17.16 -41.11 5.13
C ALA E 75 -18.17 -41.73 6.09
N ARG E 76 -19.45 -41.42 5.90
CA ARG E 76 -20.50 -41.85 6.82
C ARG E 76 -21.47 -42.80 6.14
N LEU E 77 -20.93 -43.74 5.36
CA LEU E 77 -21.73 -44.77 4.69
C LEU E 77 -21.95 -45.87 5.71
N ASP E 78 -22.98 -45.68 6.54
CA ASP E 78 -23.23 -46.58 7.65
C ASP E 78 -23.64 -47.96 7.16
N ASN E 79 -24.61 -48.01 6.23
CA ASN E 79 -25.19 -49.25 5.78
C ASN E 79 -25.08 -49.40 4.27
N ILE E 80 -24.88 -50.64 3.82
CA ILE E 80 -24.88 -50.97 2.40
C ILE E 80 -25.92 -52.07 2.14
N PHE E 81 -26.85 -51.79 1.24
CA PHE E 81 -27.95 -52.69 0.88
C PHE E 81 -27.67 -53.34 -0.46
N LEU E 82 -27.69 -54.67 -0.50
CA LEU E 82 -27.49 -55.39 -1.76
C LEU E 82 -28.79 -56.06 -2.17
N THR E 83 -29.30 -55.72 -3.35
CA THR E 83 -30.61 -56.22 -3.76
C THR E 83 -30.57 -57.60 -4.38
N ARG E 84 -29.39 -58.14 -4.70
CA ARG E 84 -29.31 -59.47 -5.31
C ARG E 84 -27.89 -59.97 -5.25
N MET E 85 -27.74 -61.24 -4.88
CA MET E 85 -26.45 -61.93 -4.86
C MET E 85 -25.97 -62.30 -6.26
N HIS E 86 -25.25 -61.40 -6.90
CA HIS E 86 -24.78 -61.69 -8.25
C HIS E 86 -23.55 -60.84 -8.49
N TRP E 87 -22.59 -61.36 -9.25
CA TRP E 87 -21.34 -60.63 -9.42
C TRP E 87 -21.55 -59.31 -10.12
N SER E 88 -22.62 -59.18 -10.92
CA SER E 88 -22.95 -57.89 -11.51
C SER E 88 -23.50 -56.91 -10.49
N ASN E 89 -23.80 -57.39 -9.28
CA ASN E 89 -24.33 -56.56 -8.20
C ASN E 89 -23.43 -56.49 -6.98
N VAL E 90 -22.42 -57.35 -6.87
CA VAL E 90 -21.53 -57.39 -5.72
C VAL E 90 -20.09 -57.31 -6.21
N GLY E 91 -19.94 -56.92 -7.47
CA GLY E 91 -18.63 -56.93 -8.11
C GLY E 91 -17.62 -56.02 -7.43
N GLY E 92 -18.04 -54.79 -7.13
CA GLY E 92 -17.11 -53.84 -6.55
C GLY E 92 -17.10 -53.84 -5.03
N LEU E 93 -17.61 -54.91 -4.44
CA LEU E 93 -17.74 -54.98 -2.98
C LEU E 93 -16.36 -54.98 -2.33
N SER E 94 -15.42 -55.74 -2.89
CA SER E 94 -14.08 -55.79 -2.31
C SER E 94 -13.42 -54.42 -2.35
N GLY E 95 -13.59 -53.68 -3.45
CA GLY E 95 -13.01 -52.36 -3.53
C GLY E 95 -13.58 -51.43 -2.48
N MET E 96 -14.90 -51.49 -2.27
CA MET E 96 -15.53 -50.70 -1.22
C MET E 96 -15.03 -51.10 0.16
N ILE E 97 -14.89 -52.40 0.43
CA ILE E 97 -14.46 -52.85 1.75
C ILE E 97 -13.08 -52.30 2.07
N LEU E 98 -12.17 -52.36 1.09
CA LEU E 98 -10.83 -51.80 1.29
C LEU E 98 -10.92 -50.29 1.51
N THR E 99 -11.76 -49.61 0.72
CA THR E 99 -11.90 -48.16 0.88
C THR E 99 -12.45 -47.77 2.24
N LEU E 100 -13.47 -48.49 2.75
CA LEU E 100 -14.01 -48.16 4.07
C LEU E 100 -12.96 -48.38 5.16
N LYS E 101 -12.17 -49.45 5.05
CA LYS E 101 -11.11 -49.67 6.03
C LYS E 101 -10.11 -48.53 6.02
N GLU E 102 -9.73 -48.05 4.82
CA GLU E 102 -8.86 -46.88 4.70
C GLU E 102 -9.53 -45.58 5.16
N THR E 103 -10.86 -45.50 5.15
CA THR E 103 -11.51 -44.28 5.63
C THR E 103 -11.48 -44.15 7.14
N GLY E 104 -11.37 -45.26 7.88
CA GLY E 104 -11.37 -45.22 9.32
C GLY E 104 -12.71 -45.50 9.97
N LEU E 105 -13.70 -45.95 9.20
CA LEU E 105 -15.00 -46.26 9.76
C LEU E 105 -14.90 -47.44 10.70
N PRO E 106 -15.43 -47.35 11.92
CA PRO E 106 -15.29 -48.49 12.84
C PRO E 106 -16.13 -49.69 12.44
N LYS E 107 -17.37 -49.48 12.02
CA LYS E 107 -18.25 -50.59 11.69
C LYS E 107 -19.09 -50.26 10.47
N CYS E 108 -19.23 -51.24 9.58
CA CYS E 108 -20.12 -51.16 8.43
C CYS E 108 -21.01 -52.39 8.44
N VAL E 109 -22.29 -52.19 8.14
CA VAL E 109 -23.29 -53.24 8.22
C VAL E 109 -23.85 -53.51 6.82
N LEU E 110 -23.81 -54.78 6.40
CA LEU E 110 -24.36 -55.17 5.11
C LEU E 110 -25.74 -55.78 5.31
N SER E 111 -26.59 -55.63 4.29
CA SER E 111 -27.95 -56.14 4.33
C SER E 111 -28.33 -56.73 2.98
N GLY E 112 -28.96 -57.90 3.00
CA GLY E 112 -29.33 -58.59 1.80
C GLY E 112 -29.49 -60.07 2.07
N PRO E 113 -29.17 -60.92 1.10
CA PRO E 113 -29.34 -62.35 1.32
C PRO E 113 -28.44 -62.83 2.44
N PRO E 114 -28.85 -63.86 3.18
CA PRO E 114 -28.02 -64.36 4.29
C PRO E 114 -26.71 -64.99 3.85
N GLN E 115 -26.53 -65.26 2.55
CA GLN E 115 -25.31 -65.89 2.07
C GLN E 115 -24.10 -64.95 2.11
N LEU E 116 -24.33 -63.67 2.44
CA LEU E 116 -23.23 -62.71 2.47
C LEU E 116 -22.13 -63.15 3.42
N GLU E 117 -22.50 -63.77 4.54
CA GLU E 117 -21.50 -64.22 5.50
C GLU E 117 -20.51 -65.18 4.83
N LYS E 118 -21.03 -66.16 4.07
CA LYS E 118 -20.15 -67.04 3.32
C LYS E 118 -19.35 -66.26 2.29
N TYR E 119 -19.97 -65.26 1.65
CA TYR E 119 -19.25 -64.42 0.69
C TYR E 119 -18.12 -63.69 1.39
N LEU E 120 -18.39 -63.17 2.58
CA LEU E 120 -17.37 -62.46 3.35
C LEU E 120 -16.22 -63.38 3.71
N GLU E 121 -16.52 -64.65 4.01
CA GLU E 121 -15.46 -65.61 4.29
C GLU E 121 -14.56 -65.80 3.07
N ALA E 122 -15.15 -65.84 1.89
CA ALA E 122 -14.38 -66.07 0.67
C ALA E 122 -13.48 -64.87 0.35
N ILE E 123 -13.89 -63.67 0.73
CA ILE E 123 -13.11 -62.48 0.42
C ILE E 123 -11.75 -62.51 1.13
N LYS E 124 -11.70 -63.02 2.36
CA LYS E 124 -10.45 -63.01 3.11
C LYS E 124 -9.34 -63.88 2.52
N ILE E 125 -9.62 -64.79 1.58
CA ILE E 125 -8.54 -65.65 1.09
C ILE E 125 -7.47 -64.83 0.37
N PHE E 126 -7.88 -63.92 -0.51
CA PHE E 126 -6.94 -63.08 -1.25
C PHE E 126 -6.76 -61.71 -0.62
N SER E 127 -7.23 -61.52 0.61
CA SER E 127 -7.01 -60.31 1.40
C SER E 127 -6.68 -60.73 2.83
N GLY E 128 -6.70 -59.77 3.75
CA GLY E 128 -6.50 -60.06 5.15
C GLY E 128 -7.85 -60.37 5.76
N PRO E 129 -7.87 -61.02 6.94
CA PRO E 129 -9.17 -61.21 7.61
C PRO E 129 -9.67 -60.12 8.54
N LEU E 130 -10.53 -59.28 7.99
CA LEU E 130 -11.24 -58.19 8.69
C LEU E 130 -10.29 -57.32 9.51
N LYS E 131 -9.24 -56.84 8.85
CA LYS E 131 -8.18 -56.10 9.54
C LYS E 131 -8.67 -54.76 10.09
N GLY E 132 -8.68 -54.60 11.42
CA GLY E 132 -9.22 -53.37 11.95
C GLY E 132 -10.72 -53.12 11.99
N ILE E 133 -11.33 -53.03 10.81
CA ILE E 133 -12.76 -52.74 10.71
C ILE E 133 -13.59 -53.97 11.05
N GLU E 134 -14.85 -53.72 11.40
CA GLU E 134 -15.81 -54.74 11.79
C GLU E 134 -16.92 -54.82 10.76
N LEU E 135 -17.28 -56.06 10.40
CA LEU E 135 -18.29 -56.33 9.38
C LEU E 135 -19.48 -57.00 10.02
N ALA E 136 -20.69 -56.55 9.65
CA ALA E 136 -21.93 -57.15 10.12
C ALA E 136 -22.89 -57.35 8.95
N VAL E 137 -23.77 -58.34 9.11
CA VAL E 137 -24.73 -58.73 8.08
C VAL E 137 -26.13 -58.70 8.68
N ARG E 138 -27.07 -58.11 7.95
CA ARG E 138 -28.48 -58.08 8.34
C ARG E 138 -29.27 -58.78 7.24
N PRO E 139 -29.45 -60.10 7.34
CA PRO E 139 -30.21 -60.83 6.32
C PRO E 139 -31.69 -60.46 6.35
N HIS E 140 -32.38 -60.88 5.29
CA HIS E 140 -33.82 -60.60 5.18
C HIS E 140 -34.60 -61.23 6.32
N SER E 141 -34.18 -62.40 6.80
CA SER E 141 -34.88 -63.06 7.91
C SER E 141 -34.70 -62.31 9.22
N ALA E 142 -33.70 -61.44 9.33
CA ALA E 142 -33.51 -60.72 10.58
C ALA E 142 -34.65 -59.73 10.76
N PRO E 143 -34.93 -59.31 12.00
CA PRO E 143 -36.00 -58.33 12.20
C PRO E 143 -35.67 -57.01 11.52
N GLU E 144 -36.71 -56.25 11.21
CA GLU E 144 -36.54 -55.01 10.48
C GLU E 144 -35.66 -54.05 11.28
N TYR E 145 -34.92 -53.21 10.58
CA TYR E 145 -34.03 -52.26 11.22
C TYR E 145 -34.57 -50.86 10.98
N GLU E 146 -34.62 -50.07 12.05
CA GLU E 146 -35.06 -48.69 11.95
C GLU E 146 -34.00 -47.78 12.55
N ASP E 147 -34.01 -46.54 12.08
CA ASP E 147 -33.04 -45.54 12.49
C ASP E 147 -33.78 -44.27 12.87
N GLU E 148 -33.04 -43.20 13.10
CA GLU E 148 -33.62 -41.90 13.39
C GLU E 148 -34.20 -41.25 12.14
N THR E 149 -34.00 -41.86 10.96
CA THR E 149 -34.45 -41.27 9.72
C THR E 149 -35.21 -42.21 8.80
N MET E 150 -35.20 -43.52 9.05
CA MET E 150 -35.76 -44.43 8.06
C MET E 150 -36.03 -45.77 8.74
N THR E 151 -37.14 -46.41 8.38
CA THR E 151 -37.42 -47.78 8.80
C THR E 151 -37.32 -48.67 7.56
N VAL E 152 -36.59 -49.78 7.67
CA VAL E 152 -36.31 -50.62 6.51
C VAL E 152 -36.87 -52.02 6.71
N TYR E 153 -37.64 -52.49 5.72
CA TYR E 153 -38.15 -53.85 5.66
C TYR E 153 -37.58 -54.57 4.44
N GLN E 154 -37.17 -55.81 4.63
CA GLN E 154 -36.61 -56.62 3.56
C GLN E 154 -37.68 -57.64 3.14
N ILE E 155 -37.98 -57.68 1.85
CA ILE E 155 -38.98 -58.56 1.28
C ILE E 155 -38.28 -59.62 0.44
N PRO E 156 -38.32 -60.88 0.85
CA PRO E 156 -37.75 -61.95 0.02
C PRO E 156 -38.72 -62.38 -1.07
N ILE E 157 -38.19 -62.55 -2.27
CA ILE E 157 -38.96 -62.98 -3.44
C ILE E 157 -38.24 -64.16 -4.06
N HIS E 158 -38.97 -65.25 -4.26
CA HIS E 158 -38.43 -66.47 -4.86
C HIS E 158 -38.98 -66.61 -6.27
N SER E 159 -38.09 -66.84 -7.23
CA SER E 159 -38.50 -67.03 -8.61
C SER E 159 -39.26 -68.34 -8.79
N GLU E 160 -39.96 -68.43 -9.92
CA GLU E 160 -40.61 -69.66 -10.30
C GLU E 160 -39.58 -70.73 -10.65
N GLN E 161 -39.95 -71.99 -10.44
CA GLN E 161 -39.06 -73.12 -10.69
C GLN E 161 -37.77 -73.01 -9.88
N VAL E 206 -25.62 -72.03 1.99
CA VAL E 206 -26.53 -72.72 1.08
C VAL E 206 -26.85 -71.82 -0.10
N ARG E 207 -26.41 -72.23 -1.29
CA ARG E 207 -26.66 -71.46 -2.50
C ARG E 207 -28.12 -71.53 -2.91
N ASP E 208 -28.68 -70.37 -3.25
CA ASP E 208 -30.04 -70.24 -3.75
C ASP E 208 -29.98 -69.28 -4.94
N SER E 209 -30.29 -69.80 -6.13
CA SER E 209 -30.16 -69.03 -7.36
C SER E 209 -31.48 -68.42 -7.83
N SER E 210 -32.51 -68.44 -7.00
CA SER E 210 -33.82 -67.94 -7.40
C SER E 210 -34.37 -67.00 -6.33
N LEU E 211 -33.50 -66.27 -5.66
CA LEU E 211 -33.88 -65.32 -4.62
C LEU E 211 -33.47 -63.91 -5.03
N VAL E 212 -34.39 -62.96 -4.90
CA VAL E 212 -34.13 -61.55 -5.14
C VAL E 212 -34.83 -60.78 -4.03
N VAL E 213 -34.12 -59.81 -3.44
CA VAL E 213 -34.65 -59.05 -2.31
C VAL E 213 -34.99 -57.64 -2.77
N ALA E 214 -36.20 -57.20 -2.46
CA ALA E 214 -36.70 -55.86 -2.72
C ALA E 214 -36.89 -55.13 -1.40
N PHE E 215 -36.65 -53.82 -1.41
CA PHE E 215 -36.65 -53.03 -0.17
C PHE E 215 -37.78 -52.01 -0.20
N ILE E 216 -38.42 -51.83 0.95
CA ILE E 216 -39.45 -50.82 1.16
C ILE E 216 -39.07 -49.98 2.38
N CYS E 217 -38.70 -48.72 2.14
CA CYS E 217 -38.20 -47.85 3.19
C CYS E 217 -39.29 -46.84 3.56
N LYS E 218 -39.65 -46.81 4.84
CA LYS E 218 -40.70 -45.93 5.35
C LYS E 218 -40.07 -44.86 6.23
N LEU E 219 -40.34 -43.60 5.91
CA LEU E 219 -39.85 -42.46 6.66
C LEU E 219 -40.62 -42.25 7.97
N HIS E 220 -39.97 -41.54 8.87
CA HIS E 220 -40.48 -41.13 10.17
C HIS E 220 -41.44 -39.95 10.07
N LEU E 221 -42.42 -39.94 10.97
CA LEU E 221 -43.42 -38.88 11.04
C LEU E 221 -42.77 -37.57 11.44
N LYS E 222 -43.12 -36.52 10.69
CA LYS E 222 -42.61 -35.16 10.88
C LYS E 222 -43.70 -34.31 11.52
N ARG E 223 -43.39 -33.75 12.68
CA ARG E 223 -44.30 -32.85 13.37
C ARG E 223 -44.55 -31.60 12.55
N GLY E 224 -45.80 -31.14 12.57
CA GLY E 224 -46.18 -29.97 11.81
C GLY E 224 -45.56 -28.68 12.33
N ASN E 225 -45.58 -27.67 11.47
CA ASN E 225 -45.03 -26.37 11.84
C ASN E 225 -45.91 -25.68 12.86
N PHE E 226 -45.31 -24.76 13.61
CA PHE E 226 -46.00 -24.01 14.64
C PHE E 226 -46.43 -22.66 14.07
N LEU E 227 -47.71 -22.33 14.19
CA LEU E 227 -48.27 -21.13 13.59
C LEU E 227 -48.18 -19.99 14.60
N VAL E 228 -47.18 -19.11 14.40
CA VAL E 228 -46.93 -18.04 15.34
C VAL E 228 -47.81 -16.83 15.05
N LEU E 229 -48.15 -16.61 13.77
CA LEU E 229 -48.91 -15.42 13.39
C LEU E 229 -50.23 -15.35 14.14
N LYS E 230 -50.95 -16.47 14.21
CA LYS E 230 -52.19 -16.54 14.97
C LYS E 230 -51.97 -16.96 16.41
N ALA E 231 -50.73 -17.29 16.81
CA ALA E 231 -50.47 -17.65 18.20
C ALA E 231 -50.63 -16.46 19.12
N LYS E 232 -50.36 -15.25 18.64
CA LYS E 232 -50.56 -14.06 19.44
C LYS E 232 -52.02 -13.74 19.69
N GLU E 233 -52.92 -14.32 18.88
CA GLU E 233 -54.34 -14.03 19.05
C GLU E 233 -54.86 -14.52 20.40
N MET E 234 -54.45 -15.72 20.81
CA MET E 234 -54.78 -16.19 22.15
C MET E 234 -53.81 -15.67 23.21
N GLY E 235 -52.69 -15.08 22.80
CA GLY E 235 -51.79 -14.44 23.73
C GLY E 235 -50.61 -15.27 24.19
N LEU E 236 -50.21 -16.29 23.43
CA LEU E 236 -49.04 -17.07 23.80
C LEU E 236 -47.78 -16.22 23.64
N PRO E 237 -46.82 -16.33 24.56
CA PRO E 237 -45.58 -15.56 24.43
C PRO E 237 -44.81 -15.94 23.17
N VAL E 238 -44.15 -14.94 22.59
CA VAL E 238 -43.37 -15.13 21.37
C VAL E 238 -42.03 -14.42 21.55
N GLY E 239 -40.94 -15.10 21.18
CA GLY E 239 -39.62 -14.52 21.24
C GLY E 239 -38.83 -14.81 22.49
N THR E 240 -39.27 -15.74 23.32
CA THR E 240 -38.56 -16.09 24.56
C THR E 240 -38.47 -17.60 24.68
N ALA E 241 -37.52 -18.05 25.50
CA ALA E 241 -37.34 -19.48 25.73
C ALA E 241 -38.50 -20.10 26.49
N ALA E 242 -39.36 -19.29 27.10
CA ALA E 242 -40.52 -19.81 27.81
C ALA E 242 -41.49 -20.53 26.87
N ILE E 243 -41.47 -20.21 25.58
CA ILE E 243 -42.35 -20.87 24.62
C ILE E 243 -41.81 -22.22 24.16
N ALA E 244 -40.55 -22.53 24.47
CA ALA E 244 -39.97 -23.80 24.03
C ALA E 244 -40.70 -25.01 24.60
N PRO E 245 -40.99 -25.10 25.90
CA PRO E 245 -41.81 -26.24 26.37
C PRO E 245 -43.21 -26.23 25.78
N ILE E 246 -43.77 -25.06 25.51
CA ILE E 246 -45.11 -24.98 24.93
C ILE E 246 -45.10 -25.57 23.52
N ILE E 247 -44.09 -25.23 22.72
CA ILE E 247 -44.02 -25.73 21.35
C ILE E 247 -43.78 -27.23 21.34
N ALA E 248 -42.94 -27.72 22.26
CA ALA E 248 -42.67 -29.16 22.33
C ALA E 248 -43.93 -29.95 22.63
N ALA E 249 -44.77 -29.44 23.54
CA ALA E 249 -45.99 -30.15 23.91
C ALA E 249 -46.96 -30.23 22.75
N VAL E 250 -47.21 -29.10 22.08
CA VAL E 250 -48.20 -29.08 20.99
C VAL E 250 -47.70 -29.88 19.80
N LYS E 251 -46.38 -29.84 19.54
CA LYS E 251 -45.82 -30.62 18.45
C LYS E 251 -45.91 -32.12 18.69
N ASP E 252 -46.03 -32.54 19.96
CA ASP E 252 -46.16 -33.94 20.31
C ASP E 252 -47.61 -34.38 20.44
N GLY E 253 -48.56 -33.50 20.09
CA GLY E 253 -49.97 -33.81 20.21
C GLY E 253 -50.59 -33.55 21.57
N LYS E 254 -49.83 -33.00 22.51
CA LYS E 254 -50.34 -32.70 23.84
C LYS E 254 -50.82 -31.25 23.89
N SER E 255 -52.05 -31.06 24.34
CA SER E 255 -52.63 -29.73 24.44
C SER E 255 -51.93 -28.92 25.54
N ILE E 256 -51.73 -27.63 25.28
CA ILE E 256 -51.16 -26.76 26.29
C ILE E 256 -52.18 -26.57 27.42
N THR E 257 -51.66 -26.35 28.63
CA THR E 257 -52.48 -26.34 29.83
C THR E 257 -53.35 -25.09 29.87
N HIS E 258 -54.09 -24.94 30.98
CA HIS E 258 -55.10 -23.89 31.14
C HIS E 258 -54.43 -22.56 31.41
N GLU E 259 -53.99 -21.91 30.34
CA GLU E 259 -53.48 -20.53 30.40
C GLU E 259 -54.66 -19.57 30.25
N GLY E 260 -55.49 -19.55 31.27
CA GLY E 260 -56.79 -18.89 31.21
C GLY E 260 -57.83 -19.63 30.42
N ARG E 261 -57.41 -20.49 29.49
CA ARG E 261 -58.27 -21.40 28.73
C ARG E 261 -57.35 -22.35 27.98
N GLU E 262 -57.87 -23.55 27.68
CA GLU E 262 -57.06 -24.57 27.05
C GLU E 262 -57.04 -24.40 25.54
N ILE E 263 -55.89 -24.72 24.95
CA ILE E 263 -55.70 -24.71 23.49
C ILE E 263 -55.13 -26.06 23.10
N LEU E 264 -55.71 -26.68 22.07
CA LEU E 264 -55.37 -28.05 21.74
C LEU E 264 -55.07 -28.19 20.25
N ALA E 265 -53.98 -28.90 19.94
CA ALA E 265 -53.66 -29.41 18.61
C ALA E 265 -53.80 -28.39 17.49
N GLU E 266 -54.77 -28.62 16.59
CA GLU E 266 -54.88 -27.88 15.36
C GLU E 266 -55.21 -26.40 15.56
N GLU E 267 -55.67 -26.01 16.75
CA GLU E 267 -55.96 -24.60 16.99
C GLU E 267 -54.72 -23.72 16.92
N LEU E 268 -53.52 -24.31 17.03
CA LEU E 268 -52.30 -23.54 16.91
C LEU E 268 -51.18 -24.27 16.17
N CYS E 269 -51.44 -25.46 15.60
CA CYS E 269 -50.36 -26.27 15.07
C CYS E 269 -50.74 -26.97 13.78
N THR E 270 -49.76 -27.05 12.88
CA THR E 270 -49.93 -27.72 11.58
C THR E 270 -50.12 -29.22 11.79
N PRO E 271 -51.09 -29.84 11.13
CA PRO E 271 -51.26 -31.29 11.27
C PRO E 271 -50.02 -32.03 10.79
N PRO E 272 -49.66 -33.12 11.47
CA PRO E 272 -48.47 -33.89 11.10
C PRO E 272 -48.56 -34.63 9.78
N ASP E 273 -47.37 -34.88 9.22
CA ASP E 273 -47.15 -35.59 7.96
C ASP E 273 -46.77 -37.02 8.31
N PRO E 274 -47.57 -38.03 7.96
CA PRO E 274 -47.19 -39.40 8.27
C PRO E 274 -45.95 -39.94 7.56
N GLY E 275 -45.42 -39.27 6.54
CA GLY E 275 -44.25 -39.86 5.92
C GLY E 275 -44.46 -40.48 4.56
N ALA E 276 -43.59 -40.16 3.61
CA ALA E 276 -43.67 -40.74 2.26
C ALA E 276 -42.61 -41.81 2.10
N ALA E 277 -43.03 -42.98 1.64
CA ALA E 277 -42.20 -44.18 1.51
C ALA E 277 -41.82 -44.41 0.06
N PHE E 278 -40.65 -45.00 -0.15
CA PHE E 278 -40.20 -45.36 -1.49
C PHE E 278 -39.73 -46.80 -1.53
N VAL E 279 -39.92 -47.43 -2.69
CA VAL E 279 -39.69 -48.86 -2.87
C VAL E 279 -38.67 -49.06 -4.00
N VAL E 280 -37.71 -49.95 -3.77
CA VAL E 280 -36.74 -50.33 -4.78
C VAL E 280 -37.00 -51.77 -5.18
N VAL E 281 -37.25 -52.02 -6.47
CA VAL E 281 -37.62 -53.35 -6.96
C VAL E 281 -36.65 -53.75 -8.06
N GLU E 282 -36.14 -54.98 -7.97
CA GLU E 282 -35.28 -55.57 -8.99
C GLU E 282 -36.00 -56.79 -9.55
N CYS E 283 -36.19 -56.82 -10.87
CA CYS E 283 -36.85 -57.94 -11.55
C CYS E 283 -35.99 -58.37 -12.73
N PRO E 284 -34.97 -59.19 -12.49
CA PRO E 284 -34.01 -59.52 -13.56
C PRO E 284 -34.63 -60.27 -14.72
N ASP E 285 -35.76 -60.93 -14.54
CA ASP E 285 -36.33 -61.74 -15.61
C ASP E 285 -37.83 -61.90 -15.39
N GLU E 286 -38.48 -62.51 -16.37
CA GLU E 286 -39.93 -62.71 -16.35
C GLU E 286 -40.36 -63.63 -15.21
N SER E 287 -39.49 -64.51 -14.75
CA SER E 287 -39.86 -65.48 -13.71
C SER E 287 -40.27 -64.82 -12.40
N PHE E 288 -39.90 -63.56 -12.15
CA PHE E 288 -40.23 -62.90 -10.90
C PHE E 288 -41.54 -62.13 -10.92
N ILE E 289 -42.22 -62.02 -12.07
CA ILE E 289 -43.37 -61.13 -12.16
C ILE E 289 -44.49 -61.59 -11.22
N GLN E 290 -44.84 -62.88 -11.29
CA GLN E 290 -45.91 -63.40 -10.44
C GLN E 290 -45.56 -63.33 -8.95
N PRO E 291 -44.36 -63.73 -8.51
CA PRO E 291 -44.06 -63.61 -7.07
C PRO E 291 -44.19 -62.19 -6.54
N ILE E 292 -43.82 -61.19 -7.35
CA ILE E 292 -44.04 -59.80 -6.96
C ILE E 292 -45.52 -59.50 -6.83
N CYS E 293 -46.32 -59.96 -7.79
CA CYS E 293 -47.76 -59.69 -7.76
C CYS E 293 -48.42 -60.37 -6.57
N GLU E 294 -48.03 -61.60 -6.25
CA GLU E 294 -48.69 -62.38 -5.22
C GLU E 294 -48.19 -62.05 -3.82
N ASN E 295 -47.17 -61.22 -3.68
CA ASN E 295 -46.63 -60.92 -2.36
C ASN E 295 -47.66 -60.15 -1.53
N ALA E 296 -47.88 -60.61 -0.30
CA ALA E 296 -48.86 -59.96 0.57
C ALA E 296 -48.33 -58.68 1.17
N THR E 297 -47.02 -58.63 1.49
CA THR E 297 -46.48 -57.46 2.17
C THR E 297 -46.57 -56.21 1.29
N PHE E 298 -46.37 -56.36 -0.02
CA PHE E 298 -46.52 -55.21 -0.91
C PHE E 298 -47.96 -54.69 -0.88
N GLN E 299 -48.93 -55.60 -0.86
CA GLN E 299 -50.34 -55.22 -0.81
C GLN E 299 -50.68 -54.44 0.46
N ARG E 300 -49.88 -54.59 1.51
CA ARG E 300 -50.11 -53.83 2.74
C ARG E 300 -50.01 -52.34 2.50
N TYR E 301 -49.03 -51.91 1.70
CA TYR E 301 -48.82 -50.50 1.37
C TYR E 301 -49.53 -50.08 0.08
N GLN E 302 -49.54 -50.95 -0.92
CA GLN E 302 -50.09 -50.61 -2.22
C GLN E 302 -51.57 -50.25 -2.13
N GLY E 303 -52.42 -51.20 -1.73
CA GLY E 303 -53.84 -50.94 -1.69
C GLY E 303 -54.47 -50.34 -0.44
N LYS E 304 -54.20 -49.06 -0.19
CA LYS E 304 -54.69 -48.36 0.99
C LYS E 304 -54.43 -46.86 0.79
N ALA E 305 -54.91 -46.04 1.72
CA ALA E 305 -54.53 -44.62 1.71
C ALA E 305 -53.48 -44.25 2.74
N ASP E 306 -52.97 -45.20 3.52
CA ASP E 306 -51.98 -44.88 4.54
C ASP E 306 -50.66 -44.56 3.85
N ALA E 307 -50.32 -43.27 3.83
CA ALA E 307 -49.10 -42.71 3.26
C ALA E 307 -48.67 -43.39 1.96
N PRO E 308 -49.44 -43.23 0.87
CA PRO E 308 -49.15 -43.88 -0.41
C PRO E 308 -47.70 -43.79 -0.88
N VAL E 309 -47.03 -44.91 -1.08
CA VAL E 309 -45.59 -44.94 -1.34
C VAL E 309 -45.29 -43.93 -2.44
N ALA E 310 -44.38 -42.99 -2.15
CA ALA E 310 -44.12 -41.88 -3.05
C ALA E 310 -43.51 -42.32 -4.38
N LEU E 311 -42.51 -43.18 -4.36
CA LEU E 311 -41.80 -43.51 -5.58
C LEU E 311 -41.29 -44.94 -5.53
N VAL E 312 -41.36 -45.63 -6.67
CA VAL E 312 -40.93 -47.01 -6.79
C VAL E 312 -39.86 -47.08 -7.89
N VAL E 313 -38.65 -47.48 -7.50
CA VAL E 313 -37.53 -47.63 -8.42
C VAL E 313 -37.53 -49.05 -8.97
N HIS E 314 -37.68 -49.18 -10.28
CA HIS E 314 -37.66 -50.46 -10.96
C HIS E 314 -36.32 -50.63 -11.66
N MET E 315 -35.66 -51.75 -11.38
CA MET E 315 -34.42 -52.15 -12.05
C MET E 315 -34.72 -53.51 -12.69
N ALA E 316 -35.18 -53.48 -13.93
CA ALA E 316 -35.60 -54.68 -14.63
C ALA E 316 -35.43 -54.47 -16.13
N PRO E 317 -35.10 -55.53 -16.88
CA PRO E 317 -34.90 -55.38 -18.32
C PRO E 317 -36.19 -54.91 -18.98
N ALA E 318 -36.04 -54.20 -20.10
CA ALA E 318 -37.19 -53.60 -20.77
C ALA E 318 -38.24 -54.63 -21.15
N SER E 319 -37.81 -55.86 -21.47
CA SER E 319 -38.77 -56.91 -21.78
C SER E 319 -39.72 -57.20 -20.61
N VAL E 320 -39.25 -57.04 -19.36
CA VAL E 320 -40.15 -57.26 -18.22
C VAL E 320 -41.20 -56.16 -18.12
N LEU E 321 -40.81 -54.89 -18.32
CA LEU E 321 -41.76 -53.80 -18.11
C LEU E 321 -42.95 -53.88 -19.06
N VAL E 322 -42.71 -54.23 -20.32
CA VAL E 322 -43.79 -54.23 -21.31
C VAL E 322 -44.84 -55.31 -21.06
N ASP E 323 -44.61 -56.22 -20.11
CA ASP E 323 -45.61 -57.23 -19.82
C ASP E 323 -46.85 -56.55 -19.25
N SER E 324 -48.04 -57.03 -19.66
CA SER E 324 -49.27 -56.41 -19.21
C SER E 324 -49.47 -56.56 -17.71
N ARG E 325 -49.20 -57.75 -17.17
CA ARG E 325 -49.40 -58.00 -15.75
C ARG E 325 -48.51 -57.11 -14.90
N TYR E 326 -47.24 -56.98 -15.27
CA TYR E 326 -46.34 -56.08 -14.55
C TYR E 326 -46.78 -54.64 -14.66
N GLN E 327 -47.21 -54.22 -15.85
CA GLN E 327 -47.64 -52.85 -16.10
C GLN E 327 -48.80 -52.42 -15.21
N GLN E 328 -49.81 -53.30 -15.05
CA GLN E 328 -50.93 -52.99 -14.15
C GLN E 328 -50.49 -52.91 -12.69
N TRP E 329 -49.46 -53.68 -12.31
CA TRP E 329 -49.01 -53.67 -10.92
C TRP E 329 -48.50 -52.30 -10.49
N MET E 330 -47.69 -51.64 -11.33
CA MET E 330 -47.23 -50.30 -10.97
C MET E 330 -48.40 -49.33 -10.86
N GLU E 331 -49.37 -49.43 -11.76
CA GLU E 331 -50.46 -48.47 -11.80
C GLU E 331 -51.34 -48.53 -10.55
N ARG E 332 -51.39 -49.67 -9.87
CA ARG E 332 -52.24 -49.81 -8.69
C ARG E 332 -51.69 -49.04 -7.50
N PHE E 333 -50.47 -48.51 -7.60
CA PHE E 333 -49.85 -47.75 -6.52
C PHE E 333 -50.47 -46.37 -6.37
N GLY E 334 -51.32 -45.96 -7.31
CA GLY E 334 -51.95 -44.66 -7.30
C GLY E 334 -51.41 -43.77 -8.41
N PRO E 335 -52.11 -42.67 -8.69
CA PRO E 335 -51.68 -41.77 -9.77
C PRO E 335 -50.51 -40.89 -9.39
N ASP E 336 -50.41 -40.54 -8.10
CA ASP E 336 -49.38 -39.62 -7.65
C ASP E 336 -48.00 -40.27 -7.58
N THR E 337 -47.94 -41.60 -7.56
CA THR E 337 -46.67 -42.29 -7.40
C THR E 337 -45.83 -42.18 -8.67
N GLN E 338 -44.56 -41.84 -8.50
CA GLN E 338 -43.60 -41.83 -9.60
C GLN E 338 -43.04 -43.23 -9.83
N HIS E 339 -42.24 -43.35 -10.89
CA HIS E 339 -41.61 -44.62 -11.24
C HIS E 339 -40.28 -44.32 -11.91
N LEU E 340 -39.18 -44.77 -11.29
CA LEU E 340 -37.85 -44.61 -11.85
C LEU E 340 -37.32 -45.94 -12.35
N VAL E 341 -36.73 -45.90 -13.54
CA VAL E 341 -36.29 -47.08 -14.30
C VAL E 341 -34.85 -46.83 -14.71
N LEU E 342 -33.93 -47.69 -14.26
CA LEU E 342 -32.55 -47.61 -14.69
C LEU E 342 -32.16 -48.74 -15.63
N ASN E 343 -32.99 -49.05 -16.62
CA ASN E 343 -32.84 -50.28 -17.36
C ASN E 343 -31.62 -50.20 -18.29
N GLU E 344 -31.41 -51.29 -19.04
CA GLU E 344 -30.40 -51.38 -20.09
C GLU E 344 -30.61 -50.50 -21.33
N ASN E 345 -31.63 -49.65 -21.33
CA ASN E 345 -31.84 -48.73 -22.45
C ASN E 345 -31.31 -47.32 -22.21
N CYS E 346 -30.64 -47.05 -21.08
CA CYS E 346 -30.14 -45.70 -20.86
C CYS E 346 -29.04 -45.35 -21.84
N ALA E 347 -28.99 -44.07 -22.20
CA ALA E 347 -27.94 -43.51 -23.06
C ALA E 347 -27.30 -42.30 -22.38
N SER E 348 -26.28 -42.55 -21.54
CA SER E 348 -25.66 -41.47 -20.80
C SER E 348 -24.21 -41.80 -20.53
N VAL E 349 -23.35 -40.78 -20.62
CA VAL E 349 -21.93 -40.94 -20.36
C VAL E 349 -21.68 -40.91 -18.85
N HIS E 350 -20.97 -41.92 -18.35
CA HIS E 350 -20.69 -42.03 -16.93
C HIS E 350 -19.33 -41.46 -16.54
N ASN E 351 -18.30 -41.71 -17.36
CA ASN E 351 -16.94 -41.25 -17.07
C ASN E 351 -16.60 -40.08 -17.98
N LEU E 352 -16.91 -38.86 -17.52
CA LEU E 352 -16.67 -37.68 -18.34
C LEU E 352 -15.18 -37.46 -18.57
N ARG E 353 -14.36 -37.59 -17.51
CA ARG E 353 -12.94 -37.35 -17.66
C ARG E 353 -12.31 -38.37 -18.62
N SER E 354 -12.75 -39.63 -18.55
CA SER E 354 -12.27 -40.63 -19.49
C SER E 354 -12.62 -40.26 -20.92
N HIS E 355 -13.86 -39.79 -21.13
CA HIS E 355 -14.28 -39.36 -22.46
C HIS E 355 -13.47 -38.15 -22.91
N LYS E 356 -13.20 -37.22 -21.99
CA LYS E 356 -12.41 -36.04 -22.33
C LYS E 356 -11.02 -36.44 -22.82
N ILE E 357 -10.34 -37.30 -22.06
CA ILE E 357 -8.95 -37.65 -22.41
C ILE E 357 -8.89 -38.36 -23.75
N GLN E 358 -9.81 -39.31 -23.99
CA GLN E 358 -9.78 -40.03 -25.25
C GLN E 358 -10.04 -39.10 -26.43
N THR E 359 -11.01 -38.19 -26.28
CA THR E 359 -11.27 -37.22 -27.33
C THR E 359 -10.07 -36.30 -27.52
N GLN E 360 -9.45 -35.89 -26.42
CA GLN E 360 -8.28 -35.02 -26.48
C GLN E 360 -7.11 -35.71 -27.19
N LEU E 361 -6.80 -36.93 -26.78
CA LEU E 361 -5.69 -37.66 -27.37
C LEU E 361 -5.93 -38.03 -28.83
N ASN E 362 -7.18 -38.26 -29.22
CA ASN E 362 -7.51 -38.58 -30.60
C ASN E 362 -7.05 -37.52 -31.59
N LEU E 363 -6.94 -36.26 -31.15
CA LEU E 363 -6.44 -35.23 -32.06
C LEU E 363 -4.99 -35.48 -32.45
N ILE E 364 -4.25 -36.26 -31.67
CA ILE E 364 -2.86 -36.54 -31.99
C ILE E 364 -2.75 -37.63 -33.05
N HIS E 365 -3.24 -38.82 -32.73
CA HIS E 365 -3.18 -39.92 -33.68
C HIS E 365 -4.50 -40.70 -33.66
N PRO E 366 -5.32 -40.58 -34.69
CA PRO E 366 -6.66 -41.24 -34.65
C PRO E 366 -6.60 -42.75 -34.45
N ASP E 367 -5.63 -43.42 -35.07
CA ASP E 367 -5.59 -44.88 -34.97
C ASP E 367 -5.11 -45.32 -33.59
N ILE E 368 -4.10 -44.65 -33.06
CA ILE E 368 -3.53 -45.02 -31.76
C ILE E 368 -4.52 -44.73 -30.65
N PHE E 369 -5.32 -43.65 -30.76
CA PHE E 369 -6.27 -43.27 -29.72
C PHE E 369 -7.67 -43.19 -30.31
N PRO E 370 -8.32 -44.34 -30.50
CA PRO E 370 -9.67 -44.35 -31.08
C PRO E 370 -10.69 -43.75 -30.14
N LEU E 371 -11.80 -43.30 -30.72
CA LEU E 371 -12.88 -42.72 -29.94
C LEU E 371 -13.65 -43.80 -29.19
N LEU E 372 -14.18 -43.43 -28.04
CA LEU E 372 -15.01 -44.34 -27.23
C LEU E 372 -16.42 -44.36 -27.79
N THR E 373 -17.32 -45.06 -27.09
CA THR E 373 -18.70 -45.15 -27.53
C THR E 373 -19.67 -44.98 -26.37
N VAL E 386 -48.83 -46.21 -18.91
CA VAL E 386 -48.31 -46.00 -17.56
C VAL E 386 -47.13 -45.03 -17.58
N PRO E 387 -47.19 -44.01 -16.74
CA PRO E 387 -46.10 -43.04 -16.66
C PRO E 387 -44.79 -43.71 -16.25
N MET E 388 -43.70 -43.25 -16.85
CA MET E 388 -42.39 -43.82 -16.56
C MET E 388 -41.30 -42.79 -16.84
N VAL E 389 -40.21 -42.90 -16.08
CA VAL E 389 -39.09 -41.96 -16.17
C VAL E 389 -37.81 -42.76 -16.37
N GLN E 390 -37.13 -42.55 -17.48
CA GLN E 390 -35.89 -43.28 -17.74
C GLN E 390 -34.76 -42.66 -16.94
N GLY E 391 -34.01 -43.49 -16.23
CA GLY E 391 -32.99 -42.98 -15.33
C GLY E 391 -31.81 -42.38 -16.07
N GLU E 392 -31.15 -41.42 -15.42
CA GLU E 392 -29.92 -40.81 -15.92
C GLU E 392 -28.90 -40.73 -14.79
N CYS E 393 -27.65 -40.47 -15.17
CA CYS E 393 -26.60 -40.31 -14.17
C CYS E 393 -26.81 -39.04 -13.38
N LEU E 394 -26.63 -39.13 -12.05
CA LEU E 394 -26.77 -38.01 -11.13
C LEU E 394 -28.20 -37.49 -11.07
N LEU E 395 -29.18 -38.28 -11.54
CA LEU E 395 -30.57 -37.89 -11.40
C LEU E 395 -31.02 -38.06 -9.96
N LYS E 396 -31.78 -37.10 -9.47
CA LYS E 396 -32.17 -37.02 -8.07
C LYS E 396 -33.67 -36.96 -7.94
N TYR E 397 -34.14 -37.16 -6.69
CA TYR E 397 -35.56 -37.08 -6.36
C TYR E 397 -35.60 -36.78 -4.87
N GLN E 398 -35.97 -35.55 -4.53
CA GLN E 398 -36.07 -35.13 -3.15
C GLN E 398 -37.31 -35.77 -2.53
N LEU E 399 -37.28 -35.95 -1.21
CA LEU E 399 -38.45 -36.57 -0.59
C LEU E 399 -39.08 -35.79 0.56
N ARG E 400 -38.29 -35.21 1.47
CA ARG E 400 -39.00 -34.55 2.56
C ARG E 400 -39.56 -33.22 2.02
N PRO E 401 -38.73 -32.32 1.44
CA PRO E 401 -39.27 -31.05 0.90
C PRO E 401 -40.30 -31.29 -0.19
N ARG E 402 -40.73 -30.21 -0.86
CA ARG E 402 -41.58 -30.32 -2.05
C ARG E 402 -41.16 -31.53 -2.89
N ARG E 403 -42.11 -32.44 -3.10
CA ARG E 403 -41.85 -33.66 -3.88
C ARG E 403 -41.81 -33.30 -5.35
N GLU E 404 -40.60 -33.11 -5.87
CA GLU E 404 -40.36 -32.72 -7.25
C GLU E 404 -39.14 -33.45 -7.80
N TRP E 405 -39.10 -33.59 -9.12
CA TRP E 405 -37.95 -34.15 -9.84
C TRP E 405 -36.89 -33.06 -10.04
N GLN E 406 -35.60 -33.45 -9.99
CA GLN E 406 -34.53 -32.45 -9.97
C GLN E 406 -33.49 -32.74 -11.03
N ARG E 407 -33.49 -31.92 -12.07
CA ARG E 407 -32.50 -31.96 -13.16
C ARG E 407 -31.47 -30.86 -12.95
N ASP E 408 -30.66 -30.97 -11.90
CA ASP E 408 -29.62 -29.97 -11.69
C ASP E 408 -28.19 -30.49 -11.76
N ALA E 409 -27.96 -31.79 -11.61
CA ALA E 409 -26.60 -32.31 -11.62
C ALA E 409 -26.37 -33.23 -12.81
N ILE E 410 -27.28 -33.20 -13.79
CA ILE E 410 -27.20 -34.06 -14.97
C ILE E 410 -25.87 -33.87 -15.70
N ILE E 411 -25.18 -34.97 -15.97
CA ILE E 411 -23.89 -34.90 -16.64
C ILE E 411 -24.14 -34.43 -18.08
N THR E 412 -23.25 -33.58 -18.60
CA THR E 412 -23.38 -33.10 -19.97
C THR E 412 -22.08 -33.32 -20.73
N CYS E 413 -22.18 -34.09 -21.83
CA CYS E 413 -21.04 -34.43 -22.66
C CYS E 413 -21.08 -33.59 -23.93
N ASN E 414 -20.00 -32.85 -24.20
CA ASN E 414 -19.90 -32.02 -25.40
C ASN E 414 -18.48 -32.13 -25.94
N PRO E 415 -18.28 -32.88 -27.02
CA PRO E 415 -16.91 -33.00 -27.58
C PRO E 415 -16.32 -31.67 -28.04
N GLU E 416 -17.16 -30.71 -28.47
CA GLU E 416 -16.63 -29.45 -28.98
C GLU E 416 -15.86 -28.69 -27.92
N GLU E 417 -16.38 -28.66 -26.69
CA GLU E 417 -15.67 -28.01 -25.58
C GLU E 417 -14.35 -28.71 -25.30
N PHE E 418 -14.31 -30.04 -25.38
CA PHE E 418 -13.09 -30.77 -25.05
C PHE E 418 -11.98 -30.43 -26.05
N ILE E 419 -12.30 -30.43 -27.35
CA ILE E 419 -11.29 -30.11 -28.37
C ILE E 419 -10.88 -28.64 -28.27
N VAL E 420 -11.81 -27.78 -27.87
CA VAL E 420 -11.51 -26.36 -27.68
C VAL E 420 -10.47 -26.17 -26.59
N GLU E 421 -10.62 -26.89 -25.47
CA GLU E 421 -9.65 -26.78 -24.38
C GLU E 421 -8.26 -27.23 -24.81
N ALA E 422 -8.18 -28.31 -25.61
CA ALA E 422 -6.87 -28.77 -26.06
C ALA E 422 -6.21 -27.73 -26.97
N LEU E 423 -6.99 -27.12 -27.86
CA LEU E 423 -6.41 -26.18 -28.81
C LEU E 423 -5.94 -24.89 -28.15
N GLN E 424 -6.59 -24.46 -27.07
CA GLN E 424 -6.18 -23.23 -26.40
C GLN E 424 -4.95 -23.40 -25.52
N LEU E 425 -4.39 -24.61 -25.43
CA LEU E 425 -3.20 -24.82 -24.62
C LEU E 425 -2.01 -24.05 -25.21
N PRO E 426 -1.07 -23.61 -24.37
CA PRO E 426 0.00 -22.73 -24.87
C PRO E 426 0.85 -23.38 -25.96
N ASN E 427 1.14 -24.67 -25.84
CA ASN E 427 2.07 -25.34 -26.73
C ASN E 427 1.47 -26.54 -27.44
N PHE E 428 0.22 -26.90 -27.14
CA PHE E 428 -0.37 -28.09 -27.73
C PHE E 428 -0.59 -27.93 -29.24
N GLN E 429 -1.06 -26.77 -29.69
CA GLN E 429 -1.47 -26.61 -31.08
C GLN E 429 -0.33 -26.69 -32.10
N GLN E 430 0.77 -25.96 -31.88
CA GLN E 430 1.87 -26.00 -32.85
C GLN E 430 2.51 -27.39 -32.91
N SER E 431 2.62 -28.06 -31.78
CA SER E 431 3.27 -29.37 -31.73
C SER E 431 2.52 -30.42 -32.57
N VAL E 432 1.19 -30.48 -32.46
CA VAL E 432 0.48 -31.49 -33.25
C VAL E 432 0.59 -31.21 -34.75
N GLN E 433 0.63 -29.95 -35.17
CA GLN E 433 0.86 -29.67 -36.59
C GLN E 433 2.23 -30.20 -37.00
N GLU E 434 3.24 -29.95 -36.17
CA GLU E 434 4.60 -30.38 -36.44
C GLU E 434 4.68 -31.89 -36.52
N TYR E 435 3.96 -32.58 -35.62
CA TYR E 435 3.98 -34.04 -35.61
C TYR E 435 3.40 -34.64 -36.89
N ARG E 436 2.29 -34.08 -37.40
CA ARG E 436 1.68 -34.74 -38.56
C ARG E 436 2.53 -34.58 -39.81
N ARG E 437 3.21 -33.44 -39.96
CA ARG E 437 4.06 -33.23 -41.12
C ARG E 437 5.33 -34.08 -41.06
N SER E 438 5.63 -34.69 -39.91
CA SER E 438 6.80 -35.56 -39.81
C SER E 438 6.66 -36.77 -40.72
N ALA E 439 5.48 -37.39 -40.75
CA ALA E 439 5.25 -38.55 -41.59
C ALA E 439 4.99 -38.14 -43.04
N GLN E 451 -3.95 -54.41 -38.93
CA GLN E 451 -2.69 -55.13 -38.85
C GLN E 451 -2.69 -55.95 -37.57
N TYR E 452 -1.89 -57.02 -37.52
CA TYR E 452 -1.86 -57.87 -36.33
C TYR E 452 -0.43 -58.25 -36.01
N PRO E 453 -0.11 -58.48 -34.71
CA PRO E 453 -0.99 -58.39 -33.54
C PRO E 453 -1.15 -56.94 -33.10
N GLU E 454 -2.19 -56.60 -32.33
CA GLU E 454 -2.37 -55.27 -31.79
C GLU E 454 -2.67 -55.32 -30.30
N ILE E 455 -2.10 -54.39 -29.54
CA ILE E 455 -2.19 -54.39 -28.09
C ILE E 455 -3.10 -53.24 -27.69
N ILE E 456 -4.06 -53.53 -26.81
CA ILE E 456 -4.98 -52.52 -26.28
C ILE E 456 -4.79 -52.48 -24.77
N PHE E 457 -4.44 -51.31 -24.24
CA PHE E 457 -4.21 -51.17 -22.80
C PHE E 457 -5.50 -50.72 -22.09
N LEU E 458 -6.26 -51.69 -21.59
CA LEU E 458 -7.52 -51.39 -20.92
C LEU E 458 -7.30 -50.74 -19.55
N GLY E 459 -6.26 -51.16 -18.83
CA GLY E 459 -6.00 -50.65 -17.49
C GLY E 459 -4.55 -50.60 -17.06
N THR E 460 -4.14 -49.47 -16.49
CA THR E 460 -2.76 -49.24 -16.11
C THR E 460 -2.59 -48.70 -14.70
N GLY E 461 -3.68 -48.36 -14.00
CA GLY E 461 -3.58 -47.91 -12.63
C GLY E 461 -3.47 -49.02 -11.59
N SER E 462 -2.79 -48.69 -10.50
CA SER E 462 -2.28 -49.60 -9.47
C SER E 462 -3.36 -49.94 -8.46
N ALA E 463 -2.92 -50.31 -7.24
CA ALA E 463 -3.75 -50.88 -6.19
C ALA E 463 -5.17 -50.34 -6.17
N ILE E 464 -5.35 -49.04 -5.95
CA ILE E 464 -6.72 -48.55 -5.81
C ILE E 464 -7.12 -47.90 -7.13
N PRO E 465 -8.38 -48.05 -7.55
CA PRO E 465 -8.91 -47.28 -8.68
C PRO E 465 -8.90 -45.78 -8.42
N MET E 466 -8.59 -45.01 -9.47
CA MET E 466 -8.53 -43.56 -9.35
C MET E 466 -9.46 -42.96 -10.43
N LYS E 467 -9.45 -41.64 -10.54
CA LYS E 467 -10.36 -40.94 -11.47
C LYS E 467 -10.10 -41.25 -12.95
N ILE E 468 -8.84 -41.37 -13.36
CA ILE E 468 -8.51 -41.48 -14.77
C ILE E 468 -8.02 -42.88 -15.16
N ARG E 469 -7.36 -43.59 -14.27
CA ARG E 469 -6.76 -44.88 -14.58
C ARG E 469 -7.50 -45.95 -13.79
N ASN E 470 -7.94 -46.99 -14.49
CA ASN E 470 -8.58 -48.14 -13.85
C ASN E 470 -7.50 -49.10 -13.37
N VAL E 471 -7.90 -50.29 -12.91
CA VAL E 471 -6.95 -51.30 -12.49
C VAL E 471 -6.36 -52.00 -13.70
N SER E 472 -5.32 -52.80 -13.48
CA SER E 472 -4.53 -53.35 -14.58
C SER E 472 -5.36 -54.27 -15.47
N ALA E 473 -5.08 -54.22 -16.78
CA ALA E 473 -5.68 -55.08 -17.79
C ALA E 473 -4.95 -54.85 -19.10
N THR E 474 -5.00 -55.85 -19.98
CA THR E 474 -4.33 -55.75 -21.28
C THR E 474 -4.90 -56.80 -22.21
N LEU E 475 -5.47 -56.35 -23.34
CA LEU E 475 -6.04 -57.24 -24.35
C LEU E 475 -5.09 -57.37 -25.52
N VAL E 476 -4.87 -58.61 -25.97
CA VAL E 476 -4.00 -58.91 -27.11
C VAL E 476 -4.83 -59.57 -28.19
N ASN E 477 -4.74 -59.07 -29.41
CA ASN E 477 -5.49 -59.60 -30.55
C ASN E 477 -4.45 -60.30 -31.42
N ILE E 478 -4.25 -61.59 -31.17
CA ILE E 478 -3.28 -62.36 -31.94
C ILE E 478 -3.75 -62.52 -33.38
N SER E 479 -4.99 -62.92 -33.56
CA SER E 479 -5.59 -63.17 -34.86
C SER E 479 -6.99 -62.57 -34.87
N PRO E 480 -7.55 -62.32 -36.05
CA PRO E 480 -8.94 -61.80 -36.10
C PRO E 480 -9.95 -62.69 -35.42
N ASP E 481 -9.61 -63.94 -35.13
CA ASP E 481 -10.53 -64.88 -34.50
C ASP E 481 -10.13 -65.23 -33.07
N THR E 482 -8.97 -64.77 -32.60
CA THR E 482 -8.52 -65.10 -31.26
C THR E 482 -7.97 -63.88 -30.53
N SER E 483 -8.06 -63.91 -29.20
CA SER E 483 -7.63 -62.81 -28.36
C SER E 483 -7.20 -63.38 -27.03
N LEU E 484 -6.38 -62.62 -26.29
CA LEU E 484 -5.88 -63.07 -25.00
C LEU E 484 -5.88 -61.93 -23.98
N LEU E 485 -6.50 -62.18 -22.82
CA LEU E 485 -6.59 -61.20 -21.75
C LEU E 485 -5.46 -61.43 -20.74
N LEU E 486 -4.62 -60.41 -20.54
CA LEU E 486 -3.39 -60.59 -19.77
C LEU E 486 -3.56 -60.32 -18.27
N ASP E 487 -4.63 -59.65 -17.87
CA ASP E 487 -4.94 -59.41 -16.47
C ASP E 487 -6.36 -58.86 -16.39
N CYS E 488 -7.12 -59.34 -15.41
CA CYS E 488 -8.52 -58.99 -15.27
C CYS E 488 -8.79 -58.25 -13.95
N GLY E 489 -8.65 -56.93 -13.99
CA GLY E 489 -8.98 -56.13 -12.83
C GLY E 489 -10.46 -55.87 -12.72
N GLU E 490 -10.85 -55.25 -11.60
CA GLU E 490 -12.25 -54.93 -11.37
C GLU E 490 -12.75 -53.93 -12.41
N GLY E 491 -13.94 -54.22 -12.96
CA GLY E 491 -14.51 -53.34 -13.97
C GLY E 491 -13.79 -53.31 -15.29
N THR E 492 -13.02 -54.35 -15.61
CA THR E 492 -12.33 -54.38 -16.89
C THR E 492 -13.32 -54.42 -18.05
N PHE E 493 -14.38 -55.24 -17.92
CA PHE E 493 -15.38 -55.33 -18.98
C PHE E 493 -16.04 -53.98 -19.27
N GLY E 494 -16.22 -53.15 -18.24
CA GLY E 494 -16.78 -51.83 -18.48
C GLY E 494 -15.91 -50.99 -19.39
N GLN E 495 -14.60 -50.99 -19.16
CA GLN E 495 -13.70 -50.24 -20.02
C GLN E 495 -13.68 -50.84 -21.43
N LEU E 496 -13.72 -52.17 -21.53
CA LEU E 496 -13.74 -52.81 -22.84
C LEU E 496 -15.00 -52.46 -23.62
N CYS E 497 -16.15 -52.46 -22.94
CA CYS E 497 -17.41 -52.13 -23.61
C CYS E 497 -17.43 -50.70 -24.13
N ARG E 498 -16.91 -49.75 -23.34
CA ARG E 498 -16.85 -48.36 -23.79
C ARG E 498 -15.96 -48.20 -25.01
N HIS E 499 -14.84 -48.93 -25.06
CA HIS E 499 -13.88 -48.76 -26.14
C HIS E 499 -14.44 -49.29 -27.45
N TYR E 500 -15.15 -50.42 -27.40
CA TYR E 500 -15.59 -51.14 -28.59
C TYR E 500 -17.06 -50.94 -28.91
N GLY E 501 -17.85 -50.41 -27.97
CA GLY E 501 -19.26 -50.17 -28.24
C GLY E 501 -20.01 -51.46 -28.49
N ASP E 502 -20.76 -51.49 -29.59
CA ASP E 502 -21.60 -52.64 -29.92
C ASP E 502 -20.78 -53.84 -30.42
N GLN E 503 -19.48 -53.65 -30.68
CA GLN E 503 -18.65 -54.76 -31.14
C GLN E 503 -18.17 -55.64 -30.00
N VAL E 504 -18.55 -55.33 -28.76
CA VAL E 504 -18.00 -56.03 -27.60
C VAL E 504 -18.36 -57.52 -27.66
N ASP E 505 -19.57 -57.83 -28.13
CA ASP E 505 -20.03 -59.22 -28.19
C ASP E 505 -19.17 -60.07 -29.12
N ARG E 506 -18.81 -59.52 -30.29
CA ARG E 506 -17.94 -60.26 -31.21
C ARG E 506 -16.57 -60.53 -30.61
N VAL E 507 -15.99 -59.54 -29.92
CA VAL E 507 -14.64 -59.70 -29.36
C VAL E 507 -14.60 -60.82 -28.32
N LEU E 508 -15.58 -60.84 -27.41
CA LEU E 508 -15.60 -61.88 -26.39
C LEU E 508 -15.72 -63.27 -27.01
N GLY E 509 -16.36 -63.37 -28.18
CA GLY E 509 -16.40 -64.64 -28.87
C GLY E 509 -15.01 -65.11 -29.24
N THR E 510 -14.13 -64.17 -29.59
CA THR E 510 -12.76 -64.49 -29.96
C THR E 510 -11.87 -64.71 -28.74
N LEU E 511 -12.38 -64.44 -27.54
CA LEU E 511 -11.60 -64.57 -26.31
C LEU E 511 -11.26 -66.04 -26.07
N ALA E 512 -9.97 -66.37 -26.17
CA ALA E 512 -9.50 -67.74 -26.04
C ALA E 512 -9.02 -68.07 -24.64
N ALA E 513 -8.24 -67.19 -24.00
CA ALA E 513 -7.68 -67.49 -22.70
C ALA E 513 -7.49 -66.20 -21.91
N VAL E 514 -7.40 -66.36 -20.59
CA VAL E 514 -7.20 -65.26 -19.64
C VAL E 514 -6.04 -65.67 -18.73
N PHE E 515 -5.10 -64.76 -18.53
CA PHE E 515 -3.92 -65.01 -17.71
C PHE E 515 -3.93 -64.21 -16.42
N VAL E 516 -3.73 -64.92 -15.32
CA VAL E 516 -3.69 -64.38 -13.96
C VAL E 516 -2.29 -64.66 -13.46
N SER E 517 -1.58 -63.62 -13.05
CA SER E 517 -0.17 -63.76 -12.69
C SER E 517 0.13 -63.61 -11.21
N HIS E 518 -0.65 -62.83 -10.48
CA HIS E 518 -0.43 -62.71 -9.05
C HIS E 518 -1.70 -62.19 -8.40
N LEU E 519 -2.01 -62.74 -7.22
CA LEU E 519 -3.35 -62.66 -6.64
C LEU E 519 -3.36 -61.39 -5.80
N HIS E 520 -3.58 -60.27 -6.48
CA HIS E 520 -3.75 -58.97 -5.87
C HIS E 520 -5.19 -58.53 -6.07
N ALA E 521 -5.70 -57.72 -5.15
CA ALA E 521 -7.05 -57.14 -5.27
C ALA E 521 -7.25 -56.27 -6.51
N ASN E 522 -6.19 -55.95 -7.25
CA ASN E 522 -6.31 -55.17 -8.47
C ASN E 522 -5.78 -55.88 -9.70
N HIS E 523 -5.35 -57.14 -9.56
CA HIS E 523 -5.03 -57.99 -10.70
C HIS E 523 -6.02 -59.11 -11.04
N HIS E 524 -6.96 -59.48 -10.17
CA HIS E 524 -7.82 -60.60 -10.54
C HIS E 524 -9.31 -60.49 -10.28
N THR E 525 -9.80 -59.50 -9.55
CA THR E 525 -11.22 -59.49 -9.15
C THR E 525 -12.19 -59.33 -10.32
N GLY E 526 -11.74 -58.85 -11.47
CA GLY E 526 -12.66 -58.71 -12.59
C GLY E 526 -12.98 -59.95 -13.39
N LEU E 527 -12.43 -61.11 -13.04
CA LEU E 527 -12.64 -62.32 -13.83
C LEU E 527 -14.11 -62.76 -13.90
N PRO E 528 -14.85 -62.85 -12.79
CA PRO E 528 -16.25 -63.33 -12.89
C PRO E 528 -17.13 -62.50 -13.81
N SER E 529 -16.93 -61.18 -13.86
CA SER E 529 -17.69 -60.34 -14.77
C SER E 529 -17.45 -60.73 -16.23
N ILE E 530 -16.20 -61.03 -16.58
CA ILE E 530 -15.86 -61.42 -17.95
C ILE E 530 -16.59 -62.71 -18.37
N LEU E 531 -16.65 -63.70 -17.48
CA LEU E 531 -17.26 -64.98 -17.85
C LEU E 531 -18.75 -64.81 -18.18
N LEU E 532 -19.49 -64.10 -17.33
CA LEU E 532 -20.92 -63.93 -17.59
C LEU E 532 -21.16 -63.13 -18.87
N GLN E 533 -20.40 -62.06 -19.08
CA GLN E 533 -20.55 -61.29 -20.31
C GLN E 533 -20.11 -62.10 -21.52
N ARG E 534 -19.07 -62.93 -21.36
CA ARG E 534 -18.66 -63.80 -22.45
C ARG E 534 -19.76 -64.78 -22.84
N GLU E 535 -20.42 -65.36 -21.83
CA GLU E 535 -21.53 -66.27 -22.10
C GLU E 535 -22.65 -65.54 -22.84
N ARG E 536 -22.97 -64.32 -22.40
CA ARG E 536 -24.01 -63.54 -23.07
C ARG E 536 -23.60 -63.23 -24.51
N ALA E 537 -22.32 -62.87 -24.71
CA ALA E 537 -21.84 -62.55 -26.05
C ALA E 537 -21.87 -63.78 -26.95
N LEU E 538 -21.49 -64.94 -26.42
CA LEU E 538 -21.53 -66.17 -27.19
C LEU E 538 -22.96 -66.52 -27.60
N ALA E 539 -23.91 -66.34 -26.68
CA ALA E 539 -25.31 -66.62 -26.98
C ALA E 539 -25.82 -65.70 -28.08
N SER E 540 -25.49 -64.41 -28.02
CA SER E 540 -25.95 -63.47 -29.05
C SER E 540 -25.33 -63.79 -30.40
N LEU E 541 -24.04 -64.13 -30.41
CA LEU E 541 -23.32 -64.42 -31.65
C LEU E 541 -23.61 -65.81 -32.19
N GLY E 542 -24.29 -66.65 -31.42
CA GLY E 542 -24.61 -68.00 -31.84
C GLY E 542 -23.44 -68.96 -31.85
N LYS E 543 -22.31 -68.56 -31.27
CA LYS E 543 -21.17 -69.44 -31.19
C LYS E 543 -21.47 -70.57 -30.22
N PRO E 544 -20.84 -71.73 -30.38
CA PRO E 544 -21.05 -72.80 -29.40
C PRO E 544 -20.49 -72.40 -28.04
N LEU E 545 -21.12 -72.89 -26.98
CA LEU E 545 -20.69 -72.55 -25.63
C LEU E 545 -19.55 -73.49 -25.22
N HIS E 546 -18.34 -73.12 -25.64
CA HIS E 546 -17.18 -73.86 -25.19
C HIS E 546 -16.53 -73.17 -24.00
N PRO E 547 -16.12 -73.92 -22.98
CA PRO E 547 -15.59 -73.30 -21.76
C PRO E 547 -14.33 -72.50 -22.05
N LEU E 548 -14.15 -71.41 -21.31
CA LEU E 548 -12.95 -70.61 -21.45
C LEU E 548 -11.78 -71.28 -20.74
N LEU E 549 -10.57 -70.94 -21.17
CA LEU E 549 -9.35 -71.46 -20.56
C LEU E 549 -8.69 -70.40 -19.69
N VAL E 550 -8.44 -70.72 -18.42
CA VAL E 550 -7.83 -69.79 -17.48
C VAL E 550 -6.55 -70.43 -16.95
N VAL E 551 -5.45 -69.69 -17.07
CA VAL E 551 -4.15 -70.11 -16.55
C VAL E 551 -3.84 -69.22 -15.35
N ALA E 552 -3.78 -69.80 -14.16
CA ALA E 552 -3.70 -68.97 -12.95
C ALA E 552 -3.11 -69.80 -11.82
N PRO E 553 -2.60 -69.15 -10.78
CA PRO E 553 -2.12 -69.87 -9.59
C PRO E 553 -3.23 -70.66 -8.90
N ASN E 554 -2.83 -71.79 -8.30
CA ASN E 554 -3.80 -72.67 -7.64
C ASN E 554 -4.52 -72.01 -6.45
N GLN E 555 -3.95 -70.97 -5.83
CA GLN E 555 -4.68 -70.32 -4.74
C GLN E 555 -6.00 -69.72 -5.22
N LEU E 556 -6.06 -69.33 -6.50
CA LEU E 556 -7.30 -68.77 -7.03
C LEU E 556 -8.41 -69.81 -7.06
N LYS E 557 -8.05 -71.10 -7.07
CA LYS E 557 -9.05 -72.16 -7.07
C LYS E 557 -9.95 -72.06 -5.85
N ALA E 558 -9.34 -71.84 -4.67
CA ALA E 558 -10.12 -71.80 -3.44
C ALA E 558 -11.13 -70.66 -3.45
N TRP E 559 -10.70 -69.48 -3.91
CA TRP E 559 -11.59 -68.33 -3.94
C TRP E 559 -12.80 -68.58 -4.84
N LEU E 560 -12.56 -69.02 -6.08
CA LEU E 560 -13.67 -69.33 -6.97
C LEU E 560 -14.48 -70.52 -6.49
N GLN E 561 -13.81 -71.51 -5.88
CA GLN E 561 -14.55 -72.68 -5.40
C GLN E 561 -15.56 -72.31 -4.34
N GLN E 562 -15.16 -71.47 -3.38
CA GLN E 562 -16.08 -71.05 -2.34
C GLN E 562 -17.18 -70.17 -2.91
N TYR E 563 -16.82 -69.24 -3.80
CA TYR E 563 -17.82 -68.39 -4.44
C TYR E 563 -18.80 -69.21 -5.27
N HIS E 564 -18.30 -70.19 -6.01
CA HIS E 564 -19.17 -71.04 -6.81
C HIS E 564 -20.12 -71.86 -5.94
N ASN E 565 -19.62 -72.37 -4.81
CA ASN E 565 -20.43 -73.25 -3.97
C ASN E 565 -21.46 -72.47 -3.17
N GLN E 566 -21.09 -71.30 -2.66
CA GLN E 566 -21.93 -70.55 -1.72
C GLN E 566 -22.81 -69.51 -2.38
N CYS E 567 -22.33 -68.81 -3.41
CA CYS E 567 -22.99 -67.61 -3.91
C CYS E 567 -23.62 -67.79 -5.28
N GLN E 568 -22.84 -68.18 -6.29
CA GLN E 568 -23.36 -68.18 -7.65
C GLN E 568 -22.54 -69.13 -8.52
N GLU E 569 -23.25 -69.93 -9.32
CA GLU E 569 -22.60 -70.96 -10.12
C GLU E 569 -21.72 -70.32 -11.18
N VAL E 570 -20.43 -70.66 -11.17
CA VAL E 570 -19.50 -70.12 -12.15
C VAL E 570 -18.76 -71.28 -12.82
N LEU E 571 -18.22 -72.19 -12.01
CA LEU E 571 -17.26 -73.18 -12.49
C LEU E 571 -17.75 -74.00 -13.69
N HIS E 572 -19.07 -74.08 -13.93
CA HIS E 572 -19.47 -74.85 -15.11
C HIS E 572 -19.16 -74.13 -16.43
N HIS E 573 -18.45 -73.01 -16.33
CA HIS E 573 -18.09 -72.16 -17.45
C HIS E 573 -16.59 -72.15 -17.71
N ILE E 574 -15.79 -72.70 -16.80
CA ILE E 574 -14.35 -72.57 -16.89
C ILE E 574 -13.70 -73.94 -16.79
N SER E 575 -12.53 -74.07 -17.44
CA SER E 575 -11.65 -75.22 -17.34
C SER E 575 -10.27 -74.70 -16.92
N MET E 576 -9.95 -74.79 -15.64
CA MET E 576 -8.79 -74.07 -15.13
C MET E 576 -7.53 -74.91 -15.19
N ILE E 577 -6.45 -74.27 -15.60
CA ILE E 577 -5.13 -74.89 -15.76
C ILE E 577 -4.17 -74.25 -14.76
N PRO E 578 -3.53 -75.01 -13.89
CA PRO E 578 -2.57 -74.40 -12.96
C PRO E 578 -1.42 -73.74 -13.71
N ALA E 579 -0.96 -72.60 -13.16
CA ALA E 579 0.09 -71.81 -13.79
C ALA E 579 1.43 -72.50 -13.73
N LYS E 580 1.66 -73.34 -12.72
CA LYS E 580 2.94 -74.02 -12.55
C LYS E 580 3.20 -75.01 -13.69
N CYS E 581 2.15 -75.54 -14.32
CA CYS E 581 2.36 -76.53 -15.37
C CYS E 581 2.99 -75.95 -16.63
N LEU E 582 3.01 -74.62 -16.77
CA LEU E 582 3.60 -73.99 -17.95
C LEU E 582 5.00 -73.45 -17.68
N GLN E 583 5.60 -73.79 -16.54
CA GLN E 583 6.93 -73.34 -16.23
C GLN E 583 7.97 -73.96 -17.16
N GLU E 584 9.16 -73.34 -17.18
CA GLU E 584 10.24 -73.87 -18.01
C GLU E 584 10.66 -75.25 -17.54
N GLY E 585 10.76 -75.44 -16.23
CA GLY E 585 11.14 -76.70 -15.61
C GLY E 585 9.97 -77.54 -15.12
N ALA E 586 8.76 -77.26 -15.60
CA ALA E 586 7.60 -77.98 -15.10
C ALA E 586 7.57 -79.42 -15.60
N GLU E 587 6.73 -80.21 -14.94
CA GLU E 587 6.53 -81.62 -15.26
C GLU E 587 5.05 -81.90 -15.45
N ILE E 588 4.74 -82.91 -16.26
CA ILE E 588 3.35 -83.24 -16.55
C ILE E 588 2.66 -83.81 -15.31
N SER E 589 1.78 -83.02 -14.69
CA SER E 589 1.08 -83.52 -13.51
C SER E 589 0.04 -84.58 -13.87
N SER E 590 -0.80 -84.30 -14.87
CA SER E 590 -1.87 -85.20 -15.29
C SER E 590 -2.04 -85.15 -16.80
N PRO E 591 -2.48 -86.24 -17.42
CA PRO E 591 -2.78 -86.18 -18.86
C PRO E 591 -3.87 -85.19 -19.22
N ALA E 592 -4.86 -84.99 -18.33
CA ALA E 592 -5.91 -84.01 -18.58
C ALA E 592 -5.38 -82.57 -18.68
N VAL E 593 -4.43 -82.20 -17.81
CA VAL E 593 -3.83 -80.87 -17.88
C VAL E 593 -3.13 -80.65 -19.22
N GLU E 594 -2.40 -81.65 -19.69
CA GLU E 594 -1.69 -81.56 -20.97
C GLU E 594 -2.65 -81.34 -22.13
N ARG E 595 -3.81 -82.00 -22.11
CA ARG E 595 -4.77 -81.76 -23.19
C ARG E 595 -5.22 -80.30 -23.22
N LEU E 596 -5.48 -79.69 -22.06
CA LEU E 596 -5.92 -78.29 -22.08
C LEU E 596 -4.82 -77.36 -22.57
N ILE E 597 -3.59 -77.52 -22.07
CA ILE E 597 -2.53 -76.62 -22.49
C ILE E 597 -2.20 -76.82 -23.97
N SER E 598 -2.26 -78.07 -24.44
CA SER E 598 -2.12 -78.33 -25.87
C SER E 598 -3.27 -77.69 -26.63
N SER E 599 -4.48 -77.75 -26.06
CA SER E 599 -5.63 -77.08 -26.66
C SER E 599 -5.44 -75.58 -26.70
N LEU E 600 -4.85 -75.01 -25.65
CA LEU E 600 -4.61 -73.57 -25.63
C LEU E 600 -3.71 -73.15 -26.79
N LEU E 601 -2.62 -73.89 -27.01
CA LEU E 601 -1.73 -73.50 -28.10
C LEU E 601 -2.42 -73.58 -29.46
N ARG E 602 -3.18 -74.65 -29.71
CA ARG E 602 -3.91 -74.73 -30.98
C ARG E 602 -4.98 -73.64 -31.09
N THR E 603 -5.75 -73.42 -30.02
CA THR E 603 -6.85 -72.45 -30.10
C THR E 603 -6.34 -71.03 -30.29
N CYS E 604 -5.34 -70.64 -29.52
CA CYS E 604 -4.75 -69.31 -29.59
C CYS E 604 -3.70 -69.19 -30.68
N ASP E 605 -3.46 -70.28 -31.41
CA ASP E 605 -2.52 -70.34 -32.54
C ASP E 605 -1.09 -70.05 -32.13
N LEU E 606 -0.78 -70.10 -30.84
CA LEU E 606 0.57 -69.80 -30.40
C LEU E 606 1.48 -70.98 -30.76
N GLU E 607 2.77 -70.69 -30.94
CA GLU E 607 3.73 -71.77 -31.15
C GLU E 607 4.11 -72.43 -29.82
N GLU E 608 4.26 -71.64 -28.76
CA GLU E 608 4.62 -72.15 -27.44
C GLU E 608 4.20 -71.14 -26.39
N PHE E 609 3.87 -71.64 -25.20
CA PHE E 609 3.53 -70.81 -24.05
C PHE E 609 4.44 -71.14 -22.88
N GLN E 610 4.98 -70.11 -22.24
CA GLN E 610 5.92 -70.28 -21.13
C GLN E 610 5.56 -69.30 -20.01
N THR E 611 5.93 -69.67 -18.79
CA THR E 611 5.74 -68.84 -17.61
C THR E 611 6.97 -68.88 -16.72
N CYS E 612 7.15 -67.84 -15.90
CA CYS E 612 8.27 -67.80 -14.97
C CYS E 612 7.85 -67.05 -13.70
N LEU E 613 8.53 -67.37 -12.60
CA LEU E 613 8.26 -66.80 -11.29
C LEU E 613 9.03 -65.51 -11.06
N VAL E 614 8.33 -64.38 -11.02
CA VAL E 614 8.96 -63.11 -10.67
C VAL E 614 8.95 -63.01 -9.15
N ARG E 615 9.75 -62.09 -8.61
CA ARG E 615 9.93 -61.97 -7.16
C ARG E 615 9.05 -60.82 -6.64
N HIS E 616 7.75 -61.09 -6.51
CA HIS E 616 6.85 -60.14 -5.89
C HIS E 616 6.18 -60.72 -4.66
N CYS E 617 5.57 -61.90 -4.76
CA CYS E 617 4.95 -62.56 -3.62
C CYS E 617 5.08 -64.06 -3.83
N LYS E 618 4.33 -64.83 -3.04
CA LYS E 618 4.28 -66.27 -3.22
C LYS E 618 3.40 -66.64 -4.40
N HIS E 619 3.96 -67.42 -5.32
CA HIS E 619 3.28 -67.86 -6.54
C HIS E 619 2.86 -66.67 -7.41
N ALA E 620 3.87 -65.89 -7.80
CA ALA E 620 3.72 -64.78 -8.73
C ALA E 620 4.41 -65.19 -10.02
N PHE E 621 3.69 -65.10 -11.14
CA PHE E 621 4.17 -65.66 -12.39
C PHE E 621 4.27 -64.59 -13.46
N GLY E 622 5.28 -64.71 -14.32
CA GLY E 622 5.33 -63.98 -15.56
C GLY E 622 4.78 -64.85 -16.67
N CYS E 623 5.04 -64.43 -17.91
CA CYS E 623 4.61 -65.21 -19.06
C CYS E 623 5.41 -64.78 -20.28
N ALA E 624 5.39 -65.62 -21.31
CA ALA E 624 6.01 -65.28 -22.58
C ALA E 624 5.33 -66.07 -23.67
N LEU E 625 4.99 -65.40 -24.77
CA LEU E 625 4.36 -66.01 -25.92
C LEU E 625 5.21 -65.79 -27.17
N VAL E 626 5.39 -66.85 -27.95
CA VAL E 626 6.05 -66.77 -29.23
C VAL E 626 5.11 -67.31 -30.30
N HIS E 627 4.87 -66.51 -31.33
CA HIS E 627 4.02 -66.87 -32.44
C HIS E 627 4.82 -67.47 -33.58
N THR E 628 4.12 -68.19 -34.46
CA THR E 628 4.77 -68.76 -35.64
C THR E 628 5.37 -67.66 -36.52
N SER E 629 4.79 -66.46 -36.49
CA SER E 629 5.37 -65.34 -37.24
C SER E 629 6.74 -64.96 -36.70
N GLY E 630 7.02 -65.26 -35.43
CA GLY E 630 8.33 -65.04 -34.86
C GLY E 630 8.41 -63.98 -33.78
N TRP E 631 7.38 -63.16 -33.61
CA TRP E 631 7.41 -62.12 -32.59
C TRP E 631 7.13 -62.70 -31.20
N LYS E 632 7.82 -62.16 -30.20
CA LYS E 632 7.73 -62.64 -28.83
C LYS E 632 7.29 -61.49 -27.92
N VAL E 633 6.34 -61.77 -27.04
CA VAL E 633 5.84 -60.79 -26.08
C VAL E 633 6.05 -61.34 -24.67
N VAL E 634 6.60 -60.51 -23.78
CA VAL E 634 6.92 -60.91 -22.42
C VAL E 634 6.20 -59.96 -21.46
N TYR E 635 5.47 -60.52 -20.50
CA TYR E 635 4.76 -59.75 -19.49
C TYR E 635 5.40 -60.03 -18.14
N SER E 636 5.87 -58.97 -17.47
CA SER E 636 6.56 -59.11 -16.20
C SER E 636 5.60 -59.30 -15.03
N GLY E 637 4.66 -58.36 -14.86
CA GLY E 637 3.87 -58.29 -13.65
C GLY E 637 4.59 -57.50 -12.58
N ASP E 638 3.91 -57.33 -11.44
CA ASP E 638 4.56 -56.75 -10.26
C ASP E 638 5.90 -57.44 -9.97
N THR E 639 6.98 -56.67 -9.97
CA THR E 639 8.31 -57.25 -9.76
C THR E 639 9.32 -56.13 -9.51
N MET E 640 10.56 -56.54 -9.28
CA MET E 640 11.77 -55.73 -9.24
C MET E 640 12.77 -56.34 -10.22
N PRO E 641 13.82 -55.59 -10.61
CA PRO E 641 14.83 -56.17 -11.51
C PRO E 641 15.36 -57.52 -11.04
N CYS E 642 15.08 -58.55 -11.84
CA CYS E 642 15.37 -59.94 -11.50
C CYS E 642 16.27 -60.53 -12.58
N GLU E 643 16.99 -61.59 -12.22
CA GLU E 643 17.90 -62.25 -13.13
C GLU E 643 17.28 -63.46 -13.86
N ALA E 644 16.36 -64.18 -13.19
CA ALA E 644 15.70 -65.29 -13.88
C ALA E 644 14.88 -64.78 -15.07
N LEU E 645 14.22 -63.64 -14.89
CA LEU E 645 13.44 -63.03 -15.97
C LEU E 645 14.33 -62.63 -17.15
N VAL E 646 15.49 -62.05 -16.87
CA VAL E 646 16.40 -61.62 -17.93
C VAL E 646 16.88 -62.79 -18.78
N ARG E 647 17.26 -63.91 -18.16
CA ARG E 647 17.73 -65.04 -18.94
C ARG E 647 16.64 -65.58 -19.86
N MET E 648 15.40 -65.66 -19.36
CA MET E 648 14.33 -66.26 -20.16
C MET E 648 13.82 -65.35 -21.27
N GLY E 649 13.76 -64.03 -21.05
CA GLY E 649 13.13 -63.17 -22.04
C GLY E 649 14.04 -62.44 -23.02
N LYS E 650 15.23 -62.99 -23.27
CA LYS E 650 16.19 -62.29 -24.11
C LYS E 650 15.65 -62.08 -25.52
N ASP E 651 15.92 -60.90 -26.08
CA ASP E 651 15.54 -60.54 -27.46
C ASP E 651 14.02 -60.56 -27.67
N ALA E 652 13.28 -60.05 -26.69
CA ALA E 652 11.83 -60.01 -26.78
C ALA E 652 11.42 -58.90 -27.76
N THR E 653 10.33 -59.14 -28.50
CA THR E 653 9.88 -58.10 -29.42
C THR E 653 9.24 -56.96 -28.64
N LEU E 654 8.42 -57.26 -27.64
CA LEU E 654 7.80 -56.22 -26.85
C LEU E 654 7.70 -56.71 -25.41
N LEU E 655 8.13 -55.87 -24.47
CA LEU E 655 8.12 -56.21 -23.04
C LEU E 655 7.25 -55.18 -22.33
N ILE E 656 6.38 -55.67 -21.45
CA ILE E 656 5.54 -54.80 -20.63
C ILE E 656 6.00 -54.98 -19.19
N HIS E 657 6.45 -53.88 -18.58
CA HIS E 657 7.04 -53.91 -17.25
C HIS E 657 6.39 -52.89 -16.34
N GLU E 658 6.34 -53.23 -15.05
CA GLU E 658 5.82 -52.36 -14.03
C GLU E 658 6.70 -51.12 -13.84
N ALA E 659 6.05 -49.96 -13.71
CA ALA E 659 6.74 -48.68 -13.53
C ALA E 659 6.08 -47.87 -12.43
N THR E 660 5.86 -48.51 -11.28
CA THR E 660 5.05 -47.92 -10.21
C THR E 660 5.59 -46.58 -9.74
N LEU E 661 6.90 -46.50 -9.53
CA LEU E 661 7.51 -45.33 -8.89
C LEU E 661 8.61 -44.77 -9.79
N GLU E 662 9.14 -43.60 -9.39
CA GLU E 662 10.23 -42.98 -10.11
C GLU E 662 11.58 -43.16 -9.42
N ASP E 663 12.60 -42.47 -9.94
CA ASP E 663 13.97 -42.58 -9.45
C ASP E 663 14.16 -41.99 -8.07
N GLY E 664 13.25 -41.13 -7.61
CA GLY E 664 13.45 -40.48 -6.33
C GLY E 664 13.39 -41.45 -5.15
N LEU E 665 12.49 -42.43 -5.23
CA LEU E 665 12.14 -43.33 -4.13
C LEU E 665 12.47 -44.81 -4.38
N GLU E 666 13.67 -45.13 -4.89
CA GLU E 666 14.01 -46.53 -5.11
C GLU E 666 13.98 -47.38 -3.84
N GLU E 667 14.28 -46.80 -2.68
CA GLU E 667 14.20 -47.56 -1.43
C GLU E 667 12.77 -48.00 -1.11
N GLU E 668 11.78 -47.11 -1.27
CA GLU E 668 10.40 -47.52 -1.00
C GLU E 668 9.94 -48.62 -1.95
N ALA E 669 10.33 -48.52 -3.23
CA ALA E 669 9.96 -49.55 -4.20
C ALA E 669 10.49 -50.93 -3.79
N VAL E 670 11.74 -50.97 -3.33
CA VAL E 670 12.32 -52.22 -2.83
C VAL E 670 11.54 -52.72 -1.61
N GLU E 671 11.17 -51.81 -0.71
CA GLU E 671 10.44 -52.21 0.49
C GLU E 671 9.06 -52.75 0.11
N LYS E 672 8.39 -52.13 -0.85
CA LYS E 672 7.07 -52.54 -1.28
C LYS E 672 7.12 -53.54 -2.42
N THR E 673 8.32 -54.00 -2.80
CA THR E 673 8.53 -54.97 -3.88
C THR E 673 7.90 -54.48 -5.19
N HIS E 674 8.47 -53.39 -5.69
CA HIS E 674 8.05 -52.82 -6.95
C HIS E 674 9.27 -52.24 -7.64
N SER E 675 9.16 -51.95 -8.93
CA SER E 675 10.29 -51.44 -9.69
C SER E 675 10.10 -49.96 -10.01
N THR E 676 11.21 -49.23 -10.04
CA THR E 676 11.22 -47.83 -10.42
C THR E 676 11.48 -47.70 -11.92
N THR E 677 11.47 -46.45 -12.41
CA THR E 677 11.61 -46.23 -13.84
C THR E 677 13.00 -46.65 -14.33
N SER E 678 14.06 -46.17 -13.69
CA SER E 678 15.39 -46.54 -14.14
C SER E 678 15.68 -48.02 -13.93
N GLN E 679 15.15 -48.61 -12.86
CA GLN E 679 15.33 -50.05 -12.70
C GLN E 679 14.70 -50.80 -13.87
N ALA E 680 13.46 -50.41 -14.23
CA ALA E 680 12.81 -51.02 -15.38
C ALA E 680 13.55 -50.71 -16.68
N ILE E 681 13.96 -49.45 -16.83
CA ILE E 681 14.69 -49.00 -18.03
C ILE E 681 16.01 -49.75 -18.17
N SER E 682 16.73 -49.92 -17.07
CA SER E 682 18.00 -50.68 -17.10
C SER E 682 17.74 -52.11 -17.54
N VAL E 683 16.63 -52.66 -17.08
CA VAL E 683 16.22 -54.02 -17.43
C VAL E 683 16.03 -54.15 -18.94
N GLY E 684 15.38 -53.16 -19.55
CA GLY E 684 15.15 -53.22 -20.99
C GLY E 684 16.40 -53.26 -21.85
N MET E 685 17.42 -52.42 -21.55
CA MET E 685 18.61 -52.53 -22.40
C MET E 685 19.24 -53.91 -22.22
N ARG E 686 19.30 -54.40 -20.98
CA ARG E 686 19.87 -55.71 -20.71
C ARG E 686 19.06 -56.81 -21.38
N MET E 687 17.72 -56.72 -21.34
CA MET E 687 16.92 -57.73 -22.01
C MET E 687 16.96 -57.60 -23.51
N ASN E 688 17.40 -56.46 -24.02
CA ASN E 688 17.58 -56.21 -25.46
C ASN E 688 16.23 -56.39 -26.15
N ALA E 689 15.25 -55.62 -25.68
CA ALA E 689 13.94 -55.61 -26.30
C ALA E 689 13.83 -54.57 -27.40
N GLU E 690 12.99 -54.88 -28.40
CA GLU E 690 12.77 -53.94 -29.48
C GLU E 690 12.08 -52.68 -28.99
N PHE E 691 11.08 -52.86 -28.11
CA PHE E 691 10.32 -51.77 -27.53
C PHE E 691 10.03 -52.10 -26.07
N ILE E 692 9.83 -51.06 -25.26
CA ILE E 692 9.61 -51.19 -23.83
C ILE E 692 8.30 -50.49 -23.48
N MET E 693 7.46 -51.16 -22.68
CA MET E 693 6.19 -50.59 -22.25
C MET E 693 6.10 -50.64 -20.73
N LEU E 694 5.46 -49.62 -20.15
CA LEU E 694 5.36 -49.46 -18.71
C LEU E 694 3.90 -49.40 -18.27
N ASN E 695 3.64 -49.88 -17.05
CA ASN E 695 2.29 -49.83 -16.49
C ASN E 695 2.38 -49.92 -14.96
N HIS E 696 1.23 -50.18 -14.33
CA HIS E 696 1.12 -50.30 -12.86
C HIS E 696 1.56 -49.02 -12.14
N PHE E 697 1.17 -47.86 -12.69
CA PHE E 697 1.57 -46.59 -12.09
C PHE E 697 0.88 -46.40 -10.74
N SER E 698 1.56 -45.68 -9.84
CA SER E 698 1.10 -45.55 -8.47
C SER E 698 -0.05 -44.55 -8.33
N GLN E 699 -0.75 -44.65 -7.19
CA GLN E 699 -1.84 -43.73 -6.89
C GLN E 699 -1.36 -42.30 -6.68
N ARG E 700 -0.11 -42.12 -6.23
CA ARG E 700 0.50 -40.80 -6.19
C ARG E 700 0.42 -40.14 -7.55
N TYR E 701 0.69 -40.92 -8.59
CA TYR E 701 0.67 -40.45 -9.98
C TYR E 701 -0.75 -40.27 -10.48
N ALA E 702 -1.00 -39.11 -11.09
CA ALA E 702 -2.35 -38.74 -11.50
C ALA E 702 -2.54 -39.11 -12.97
N LYS E 703 -1.71 -38.58 -13.86
CA LYS E 703 -1.80 -38.88 -15.28
C LYS E 703 -0.54 -39.50 -15.85
N VAL E 704 0.62 -38.89 -15.64
CA VAL E 704 1.85 -39.36 -16.27
C VAL E 704 2.95 -39.52 -15.22
N PRO E 705 3.95 -40.35 -15.52
CA PRO E 705 5.15 -40.41 -14.67
C PRO E 705 6.19 -39.43 -15.18
N LEU E 706 7.37 -39.39 -14.56
CA LEU E 706 8.40 -38.45 -14.98
C LEU E 706 9.16 -39.01 -16.17
N PHE E 707 9.25 -38.21 -17.23
CA PHE E 707 9.94 -38.60 -18.46
C PHE E 707 11.38 -38.11 -18.36
N SER E 708 12.24 -38.96 -17.76
CA SER E 708 13.63 -38.63 -17.61
C SER E 708 14.35 -38.60 -18.97
N PRO E 709 15.48 -37.87 -19.05
CA PRO E 709 16.25 -37.87 -20.30
C PRO E 709 16.77 -39.23 -20.70
N ASN E 710 16.84 -40.19 -19.77
CA ASN E 710 17.25 -41.56 -20.10
C ASN E 710 16.24 -42.25 -21.03
N PHE E 711 15.05 -41.66 -21.19
CA PHE E 711 14.01 -42.17 -22.08
C PHE E 711 14.48 -42.15 -23.53
N SER E 712 14.81 -43.32 -24.08
CA SER E 712 15.31 -43.40 -25.45
C SER E 712 14.15 -43.68 -26.41
N GLU E 713 14.49 -43.99 -27.67
CA GLU E 713 13.48 -44.35 -28.65
C GLU E 713 12.82 -45.71 -28.41
N LYS E 714 13.34 -46.55 -27.52
CA LYS E 714 12.72 -47.84 -27.33
C LYS E 714 11.71 -47.86 -26.18
N VAL E 715 11.86 -46.96 -25.22
CA VAL E 715 11.02 -46.96 -24.03
C VAL E 715 9.80 -46.09 -24.30
N GLY E 716 8.62 -46.64 -24.05
CA GLY E 716 7.37 -45.93 -24.21
C GLY E 716 6.60 -45.81 -22.92
N VAL E 717 5.38 -45.29 -23.00
CA VAL E 717 4.50 -45.19 -21.84
C VAL E 717 3.11 -45.62 -22.29
N ALA E 718 2.29 -45.97 -21.32
CA ALA E 718 0.97 -46.52 -21.58
C ALA E 718 -0.11 -45.64 -20.98
N PHE E 719 -1.23 -45.59 -21.68
CA PHE E 719 -2.41 -44.91 -21.19
C PHE E 719 -3.60 -45.83 -21.44
N ASP E 720 -4.67 -45.59 -20.69
CA ASP E 720 -5.89 -46.34 -20.84
C ASP E 720 -6.48 -46.14 -22.22
N HIS E 721 -6.89 -47.23 -22.87
CA HIS E 721 -7.66 -47.19 -24.10
C HIS E 721 -6.80 -46.83 -25.31
N MET E 722 -5.49 -46.99 -25.21
CA MET E 722 -4.55 -46.80 -26.32
C MET E 722 -4.38 -48.06 -27.16
N LYS E 723 -4.10 -47.86 -28.44
CA LYS E 723 -3.86 -48.94 -29.39
C LYS E 723 -2.40 -48.92 -29.82
N VAL E 724 -1.71 -50.05 -29.67
CA VAL E 724 -0.30 -50.14 -30.02
C VAL E 724 -0.15 -51.26 -31.04
N CYS E 725 0.41 -50.94 -32.21
CA CYS E 725 0.76 -51.96 -33.17
C CYS E 725 2.27 -52.02 -33.34
N PHE E 726 2.74 -53.12 -33.94
CA PHE E 726 4.18 -53.31 -34.09
C PHE E 726 4.80 -52.26 -35.00
N GLY E 727 4.02 -51.72 -35.94
CA GLY E 727 4.46 -50.67 -36.84
C GLY E 727 4.55 -49.29 -36.25
N ASP E 728 4.03 -49.09 -35.03
CA ASP E 728 3.99 -47.78 -34.41
C ASP E 728 5.20 -47.49 -33.54
N PHE E 729 6.16 -48.43 -33.46
CA PHE E 729 7.33 -48.21 -32.62
C PHE E 729 8.14 -46.98 -33.04
N PRO E 730 8.47 -46.77 -34.33
CA PRO E 730 9.18 -45.53 -34.69
C PRO E 730 8.38 -44.27 -34.39
N THR E 731 7.05 -44.36 -34.42
CA THR E 731 6.20 -43.19 -34.21
C THR E 731 6.23 -42.75 -32.74
N MET E 732 6.29 -43.71 -31.82
CA MET E 732 6.14 -43.43 -30.39
C MET E 732 7.05 -42.34 -29.84
N PRO E 733 8.36 -42.29 -30.15
CA PRO E 733 9.17 -41.17 -29.65
C PRO E 733 8.69 -39.81 -30.10
N LYS E 734 8.14 -39.70 -31.31
CA LYS E 734 7.66 -38.40 -31.78
C LYS E 734 6.49 -37.87 -30.96
N LEU E 735 5.77 -38.74 -30.27
CA LEU E 735 4.60 -38.33 -29.50
C LEU E 735 4.93 -37.71 -28.14
N ILE E 736 6.20 -37.74 -27.72
CA ILE E 736 6.54 -37.23 -26.38
C ILE E 736 6.23 -35.74 -26.23
N PRO E 737 6.60 -34.85 -27.17
CA PRO E 737 6.33 -33.42 -26.97
C PRO E 737 4.84 -33.12 -26.87
N PRO E 738 3.99 -33.63 -27.78
CA PRO E 738 2.55 -33.34 -27.63
C PRO E 738 1.94 -33.82 -26.32
N LEU E 739 2.35 -35.00 -25.83
CA LEU E 739 1.81 -35.48 -24.56
C LEU E 739 2.25 -34.62 -23.38
N LYS E 740 3.49 -34.12 -23.42
CA LYS E 740 3.93 -33.19 -22.38
C LYS E 740 3.08 -31.92 -22.38
N ALA E 741 2.81 -31.37 -23.57
CA ALA E 741 2.04 -30.14 -23.66
C ALA E 741 0.60 -30.33 -23.21
N LEU E 742 -0.05 -31.41 -23.67
CA LEU E 742 -1.45 -31.65 -23.33
C LEU E 742 -1.67 -31.88 -21.84
N PHE E 743 -0.65 -32.32 -21.12
CA PHE E 743 -0.72 -32.56 -19.68
C PHE E 743 0.28 -31.67 -18.96
N ALA E 744 0.31 -30.40 -19.38
CA ALA E 744 1.16 -29.41 -18.74
C ALA E 744 0.75 -29.18 -17.30
N GLY E 745 -0.55 -28.98 -17.07
CA GLY E 745 -1.00 -28.58 -15.74
C GLY E 745 -0.78 -29.67 -14.70
N ASP E 746 -1.19 -30.90 -15.01
CA ASP E 746 -1.08 -31.97 -14.01
C ASP E 746 0.37 -32.26 -13.66
N ILE E 747 1.26 -32.32 -14.66
CA ILE E 747 2.67 -32.54 -14.37
C ILE E 747 3.20 -31.39 -13.53
N GLU E 748 2.71 -30.18 -13.80
CA GLU E 748 3.02 -29.03 -12.96
C GLU E 748 2.45 -29.26 -11.54
N GLU E 749 1.21 -29.76 -11.47
CA GLU E 749 0.57 -30.07 -10.17
C GLU E 749 1.32 -31.14 -9.38
N MET E 750 1.78 -32.21 -10.04
CA MET E 750 2.53 -33.24 -9.31
C MET E 750 3.81 -32.68 -8.68
N GLU E 751 4.56 -31.86 -9.43
CA GLU E 751 5.78 -31.26 -8.88
C GLU E 751 5.51 -30.41 -7.65
N GLU E 752 4.45 -29.57 -7.66
CA GLU E 752 4.17 -28.77 -6.47
C GLU E 752 3.87 -29.65 -5.26
N ARG E 753 3.10 -30.72 -5.45
CA ARG E 753 2.81 -31.65 -4.35
C ARG E 753 4.09 -32.27 -3.82
N ARG E 754 4.99 -32.71 -4.69
CA ARG E 754 6.24 -33.29 -4.22
C ARG E 754 7.03 -32.24 -3.45
N GLU E 755 7.02 -31.00 -3.94
CA GLU E 755 7.67 -29.89 -3.25
C GLU E 755 7.05 -29.65 -1.88
N LYS E 756 5.71 -29.67 -1.79
CA LYS E 756 5.03 -29.45 -0.51
C LYS E 756 5.39 -30.53 0.50
N ARG E 757 5.46 -31.79 0.09
CA ARG E 757 5.86 -32.84 1.03
C ARG E 757 7.27 -32.55 1.56
N GLU E 758 8.17 -32.14 0.68
CA GLU E 758 9.53 -31.76 1.08
C GLU E 758 9.50 -30.58 2.04
N LEU E 759 8.67 -29.57 1.77
CA LEU E 759 8.57 -28.41 2.64
C LEU E 759 8.13 -28.79 4.04
N ARG E 760 7.12 -29.65 4.17
CA ARG E 760 6.69 -30.08 5.50
C ARG E 760 7.83 -30.80 6.21
N GLN E 761 8.58 -31.63 5.49
CA GLN E 761 9.76 -32.27 6.05
C GLN E 761 10.78 -31.23 6.50
N VAL E 762 11.07 -30.27 5.63
CA VAL E 762 12.02 -29.21 5.95
C VAL E 762 11.55 -28.40 7.15
N ARG E 763 10.26 -28.03 7.16
CA ARG E 763 9.74 -27.22 8.26
C ARG E 763 9.58 -28.01 9.55
N ALA E 764 9.73 -29.33 9.51
CA ALA E 764 9.69 -30.13 10.73
C ALA E 764 10.96 -29.94 11.55
N ALA F 4 -44.54 -2.20 -1.24
CA ALA F 4 -45.29 -2.13 0.03
C ALA F 4 -45.78 -3.55 0.30
N ALA F 5 -45.84 -4.38 -0.73
CA ALA F 5 -46.21 -5.79 -0.53
C ALA F 5 -45.20 -6.37 0.43
N THR F 6 -43.93 -6.13 0.12
CA THR F 6 -42.84 -6.69 0.95
C THR F 6 -42.77 -5.92 2.25
N ARG F 7 -43.18 -4.65 2.27
CA ARG F 7 -43.19 -3.97 3.59
C ARG F 7 -44.15 -4.74 4.50
N GLU F 8 -45.30 -5.11 3.94
CA GLU F 8 -46.30 -5.87 4.73
C GLU F 8 -45.68 -7.23 5.11
N PHE F 9 -44.95 -7.81 4.17
CA PHE F 9 -44.29 -9.11 4.43
C PHE F 9 -43.37 -8.96 5.64
N ILE F 10 -42.62 -7.86 5.72
CA ILE F 10 -41.63 -7.73 6.83
C ILE F 10 -42.43 -7.46 8.09
N GLU F 11 -43.50 -6.68 7.99
CA GLU F 11 -44.32 -6.52 9.21
C GLU F 11 -44.67 -7.91 9.73
N MET F 12 -45.10 -8.77 8.81
CA MET F 12 -45.46 -10.16 9.18
C MET F 12 -44.26 -10.80 9.89
N TRP F 13 -43.18 -11.02 9.15
CA TRP F 13 -42.07 -11.71 9.83
C TRP F 13 -41.85 -11.02 11.19
N ARG F 14 -42.04 -9.69 11.25
CA ARG F 14 -41.85 -9.06 12.56
C ARG F 14 -42.92 -9.52 13.54
N LEU F 15 -44.16 -9.67 13.04
CA LEU F 15 -45.27 -10.20 13.83
C LEU F 15 -45.01 -11.65 14.21
N LEU F 16 -44.26 -12.36 13.38
CA LEU F 16 -43.77 -13.72 13.64
C LEU F 16 -42.69 -13.70 14.71
N GLY F 17 -42.17 -12.52 15.06
CA GLY F 17 -41.03 -12.30 15.93
C GLY F 17 -39.64 -12.67 15.47
N ARG F 18 -39.34 -12.46 14.20
CA ARG F 18 -38.06 -12.87 13.64
C ARG F 18 -37.07 -11.73 13.83
N GLU F 19 -35.80 -12.01 13.61
CA GLU F 19 -34.81 -10.95 13.66
C GLU F 19 -35.00 -10.11 12.41
N VAL F 20 -35.81 -9.07 12.50
CA VAL F 20 -35.95 -8.08 11.43
C VAL F 20 -36.01 -6.68 12.02
N PRO F 21 -35.65 -5.66 11.23
CA PRO F 21 -35.52 -4.31 11.78
C PRO F 21 -36.87 -3.67 12.07
N GLU F 22 -36.82 -2.64 12.93
CA GLU F 22 -38.04 -1.88 13.26
C GLU F 22 -38.60 -1.15 12.04
N HIS F 23 -37.75 -0.58 11.20
CA HIS F 23 -38.20 0.13 10.02
C HIS F 23 -37.29 -0.21 8.84
N ILE F 24 -37.70 0.22 7.66
CA ILE F 24 -36.90 0.04 6.44
C ILE F 24 -37.11 1.25 5.53
N THR F 25 -36.02 1.71 4.92
CA THR F 25 -36.01 2.77 3.92
C THR F 25 -36.25 2.20 2.52
N GLU F 26 -36.59 3.10 1.59
CA GLU F 26 -36.95 2.68 0.24
C GLU F 26 -35.75 2.04 -0.46
N GLU F 27 -34.59 2.70 -0.43
CA GLU F 27 -33.45 2.22 -1.21
C GLU F 27 -32.92 0.90 -0.67
N GLU F 28 -32.94 0.73 0.66
CA GLU F 28 -32.56 -0.56 1.23
C GLU F 28 -33.64 -1.62 1.02
N LEU F 29 -34.90 -1.23 0.83
CA LEU F 29 -35.91 -2.21 0.44
C LEU F 29 -35.68 -2.68 -1.00
N LYS F 30 -35.40 -1.73 -1.90
CA LYS F 30 -35.04 -2.08 -3.27
C LYS F 30 -33.77 -2.91 -3.30
N THR F 31 -32.90 -2.75 -2.30
CA THR F 31 -31.76 -3.65 -2.19
C THR F 31 -32.22 -5.00 -1.68
N LEU F 32 -33.23 -5.01 -0.81
CA LEU F 32 -33.72 -6.26 -0.26
C LEU F 32 -34.29 -7.15 -1.35
N MET F 33 -35.00 -6.56 -2.31
CA MET F 33 -35.55 -7.40 -3.37
C MET F 33 -34.47 -7.95 -4.30
N GLU F 34 -33.22 -7.49 -4.17
CA GLU F 34 -32.07 -8.04 -4.90
C GLU F 34 -31.52 -9.29 -4.22
N CYS F 35 -32.33 -10.33 -4.17
CA CYS F 35 -31.89 -11.62 -3.65
C CYS F 35 -32.93 -12.70 -3.94
N VAL F 36 -32.61 -13.62 -4.84
CA VAL F 36 -33.59 -14.61 -5.28
C VAL F 36 -33.89 -15.58 -4.14
N SER F 37 -32.86 -16.02 -3.43
CA SER F 37 -33.04 -17.01 -2.38
C SER F 37 -33.62 -16.33 -1.15
N ASN F 38 -34.58 -17.00 -0.51
CA ASN F 38 -35.16 -16.52 0.74
C ASN F 38 -34.15 -16.50 1.89
N THR F 39 -33.14 -17.39 1.83
CA THR F 39 -32.04 -17.35 2.78
C THR F 39 -31.24 -16.06 2.65
N ALA F 40 -31.01 -15.59 1.42
CA ALA F 40 -30.32 -14.33 1.23
C ALA F 40 -31.11 -13.18 1.85
N LYS F 41 -32.43 -13.18 1.67
CA LYS F 41 -33.25 -12.14 2.29
C LYS F 41 -33.16 -12.22 3.80
N LYS F 42 -33.17 -13.43 4.35
CA LYS F 42 -32.98 -13.62 5.79
C LYS F 42 -31.67 -13.00 6.27
N LYS F 43 -30.54 -13.34 5.62
CA LYS F 43 -29.26 -12.84 6.07
C LYS F 43 -29.15 -11.32 5.92
N TYR F 44 -29.69 -10.77 4.83
CA TYR F 44 -29.70 -9.31 4.66
C TYR F 44 -30.48 -8.65 5.79
N LEU F 45 -31.67 -9.19 6.07
CA LEU F 45 -32.52 -8.59 7.10
C LEU F 45 -31.84 -8.69 8.46
N LYS F 46 -31.23 -9.83 8.76
CA LYS F 46 -30.52 -9.95 10.03
C LYS F 46 -29.38 -8.94 10.13
N TYR F 47 -28.74 -8.63 9.00
CA TYR F 47 -27.71 -7.59 9.01
C TYR F 47 -28.29 -6.22 9.34
N LEU F 48 -29.43 -5.88 8.75
CA LEU F 48 -30.10 -4.63 9.12
C LEU F 48 -30.57 -4.64 10.58
N TYR F 49 -31.14 -5.76 11.03
CA TYR F 49 -31.61 -5.84 12.40
C TYR F 49 -30.46 -5.57 13.36
N THR F 50 -29.32 -6.22 13.12
CA THR F 50 -28.19 -6.10 14.03
C THR F 50 -27.59 -4.71 13.97
N LYS F 51 -27.64 -4.07 12.79
CA LYS F 51 -27.23 -2.68 12.69
C LYS F 51 -28.09 -1.81 13.58
N GLU F 52 -29.41 -1.98 13.51
CA GLU F 52 -30.31 -1.22 14.36
C GLU F 52 -30.03 -1.52 15.83
N LYS F 53 -29.79 -2.79 16.15
CA LYS F 53 -29.57 -3.23 17.52
C LYS F 53 -28.38 -2.52 18.13
N VAL F 54 -27.25 -2.52 17.42
CA VAL F 54 -26.05 -1.90 17.98
C VAL F 54 -26.19 -0.38 17.95
N LYS F 55 -26.83 0.18 16.93
CA LYS F 55 -27.01 1.63 16.86
C LYS F 55 -27.81 2.14 18.05
N LYS F 56 -28.88 1.43 18.41
CA LYS F 56 -29.68 1.83 19.56
C LYS F 56 -28.94 1.56 20.87
N ALA F 57 -28.27 0.42 20.98
CA ALA F 57 -27.50 0.16 22.19
C ALA F 57 -26.46 1.25 22.42
N ARG F 58 -25.79 1.68 21.36
CA ARG F 58 -24.78 2.70 21.59
C ARG F 58 -25.42 4.03 21.89
N GLN F 59 -26.60 4.32 21.31
CA GLN F 59 -27.22 5.58 21.69
C GLN F 59 -27.54 5.57 23.18
N ILE F 60 -27.94 4.40 23.69
CA ILE F 60 -28.27 4.29 25.11
C ILE F 60 -27.05 4.57 25.96
N LYS F 61 -25.94 3.90 25.65
CA LYS F 61 -24.76 4.15 26.45
C LYS F 61 -24.29 5.59 26.33
N LYS F 62 -24.50 6.23 25.17
CA LYS F 62 -24.15 7.64 25.06
C LYS F 62 -24.96 8.48 26.03
N GLU F 63 -26.25 8.14 26.18
CA GLU F 63 -27.13 8.87 27.09
C GLU F 63 -26.79 8.59 28.54
N MET F 64 -26.24 7.41 28.83
CA MET F 64 -25.86 7.08 30.20
C MET F 64 -24.66 7.88 30.67
N LYS F 65 -23.62 7.98 29.85
CA LYS F 65 -22.44 8.71 30.30
C LYS F 65 -22.74 10.20 30.50
N ALA F 66 -23.71 10.74 29.76
CA ALA F 66 -24.07 12.14 29.91
C ALA F 66 -24.54 12.48 31.32
N ALA F 67 -25.00 11.48 32.07
CA ALA F 67 -25.44 11.70 33.44
C ALA F 67 -24.29 12.00 34.39
N ALA F 68 -23.06 11.67 34.01
CA ALA F 68 -21.90 11.92 34.86
C ALA F 68 -21.68 13.40 35.08
N ASN F 88 -1.64 28.59 30.76
CA ASN F 88 -0.30 28.83 30.23
C ASN F 88 0.09 27.89 29.08
N PHE F 89 -0.93 27.35 28.41
CA PHE F 89 -0.72 26.49 27.26
C PHE F 89 -0.06 27.25 26.10
N LEU F 90 0.74 26.52 25.33
CA LEU F 90 1.47 27.09 24.20
C LEU F 90 0.68 27.03 22.91
N PHE F 91 -0.17 26.01 22.75
CA PHE F 91 -0.96 25.79 21.55
C PHE F 91 -2.42 25.56 21.91
N LEU F 92 -3.30 26.02 21.03
CA LEU F 92 -4.69 25.58 21.10
C LEU F 92 -4.74 24.12 20.68
N ARG F 93 -5.68 23.37 21.25
CA ARG F 93 -5.85 21.95 20.97
C ARG F 93 -5.64 21.66 19.48
N LEU F 94 -4.60 20.87 19.20
CA LEU F 94 -4.20 20.46 17.85
C LEU F 94 -5.15 19.41 17.26
N TRP F 95 -6.26 19.91 16.71
CA TRP F 95 -7.39 19.05 16.37
C TRP F 95 -7.03 18.11 15.22
N ASP F 96 -8.01 17.29 14.85
CA ASP F 96 -7.84 16.23 13.86
C ASP F 96 -7.50 16.81 12.49
N ARG F 97 -8.06 17.98 12.16
CA ARG F 97 -7.79 18.67 10.90
C ARG F 97 -6.32 19.05 10.75
N ASN F 98 -5.65 19.49 11.81
CA ASN F 98 -4.26 19.90 11.62
C ASN F 98 -3.41 18.68 11.26
N MET F 99 -3.67 17.55 11.93
CA MET F 99 -2.98 16.31 11.61
C MET F 99 -3.28 15.89 10.19
N ASP F 100 -4.54 16.04 9.76
CA ASP F 100 -4.94 15.69 8.40
C ASP F 100 -4.18 16.53 7.38
N ILE F 101 -4.02 17.83 7.65
CA ILE F 101 -3.30 18.67 6.70
C ILE F 101 -1.83 18.26 6.63
N ALA F 102 -1.23 17.92 7.77
CA ALA F 102 0.17 17.49 7.72
C ALA F 102 0.30 16.20 6.91
N MET F 103 -0.63 15.26 7.11
CA MET F 103 -0.63 14.04 6.30
C MET F 103 -0.91 14.36 4.84
N GLY F 104 -1.65 15.44 4.58
CA GLY F 104 -1.86 15.88 3.21
C GLY F 104 -0.56 16.28 2.56
N TRP F 105 0.24 17.06 3.27
CA TRP F 105 1.53 17.50 2.71
C TRP F 105 2.43 16.30 2.44
N LYS F 106 2.49 15.35 3.38
CA LYS F 106 3.27 14.15 3.14
C LYS F 106 2.75 13.36 1.94
N GLY F 107 1.42 13.27 1.80
CA GLY F 107 0.85 12.60 0.64
C GLY F 107 1.21 13.29 -0.66
N ALA F 108 1.13 14.62 -0.67
CA ALA F 108 1.46 15.37 -1.88
C ALA F 108 2.92 15.20 -2.26
N GLN F 109 3.79 14.97 -1.27
CA GLN F 109 5.18 14.68 -1.64
C GLN F 109 5.31 13.27 -2.18
N ALA F 110 4.57 12.32 -1.59
CA ALA F 110 4.63 10.93 -2.03
C ALA F 110 4.14 10.79 -3.46
N MET F 111 3.12 11.57 -3.83
CA MET F 111 2.55 11.51 -5.17
C MET F 111 3.54 11.96 -6.24
N GLN F 112 4.62 12.63 -5.84
CA GLN F 112 5.63 13.09 -6.77
C GLN F 112 6.88 12.23 -6.77
N PHE F 113 7.34 11.82 -5.59
CA PHE F 113 8.62 11.10 -5.48
C PHE F 113 8.50 9.74 -4.82
N GLY F 114 7.31 9.35 -4.35
CA GLY F 114 7.15 8.10 -3.67
C GLY F 114 7.21 6.92 -4.63
N GLN F 115 7.41 5.74 -4.07
CA GLN F 115 7.42 4.53 -4.88
C GLN F 115 5.98 4.17 -5.25
N PRO F 116 5.71 3.85 -6.51
CA PRO F 116 4.34 3.49 -6.90
C PRO F 116 3.89 2.19 -6.25
N LEU F 117 2.61 2.17 -5.88
CA LEU F 117 1.89 0.97 -5.48
C LEU F 117 0.56 0.98 -6.20
N VAL F 118 0.22 -0.16 -6.81
CA VAL F 118 -0.92 -0.26 -7.71
C VAL F 118 -1.99 -1.13 -7.05
N PHE F 119 -3.22 -0.63 -7.04
CA PHE F 119 -4.39 -1.45 -6.79
C PHE F 119 -5.05 -1.69 -8.13
N ASP F 120 -5.16 -2.96 -8.50
CA ASP F 120 -5.61 -3.38 -9.82
C ASP F 120 -7.11 -3.72 -9.79
N MET F 121 -7.92 -2.80 -10.29
CA MET F 121 -9.37 -2.96 -10.30
C MET F 121 -9.71 -3.92 -11.44
N ALA F 122 -10.94 -3.84 -11.94
CA ALA F 122 -11.57 -4.65 -12.98
C ALA F 122 -12.22 -5.92 -12.42
N TYR F 123 -12.13 -6.17 -11.12
CA TYR F 123 -12.65 -7.40 -10.55
C TYR F 123 -14.12 -7.24 -10.17
N GLU F 124 -14.72 -6.11 -10.55
CA GLU F 124 -16.10 -5.81 -10.18
C GLU F 124 -17.05 -6.89 -10.66
N ASN F 125 -16.68 -7.60 -11.73
CA ASN F 125 -17.58 -8.61 -12.29
C ASN F 125 -17.70 -9.80 -11.35
N TYR F 126 -16.61 -10.14 -10.66
CA TYR F 126 -16.51 -11.40 -9.96
C TYR F 126 -17.07 -11.33 -8.54
N MET F 127 -17.57 -10.15 -8.13
CA MET F 127 -17.77 -9.85 -6.71
C MET F 127 -19.25 -9.66 -6.40
N LYS F 128 -19.73 -10.40 -5.41
CA LYS F 128 -21.07 -10.18 -4.89
C LYS F 128 -21.09 -8.88 -4.10
N ARG F 129 -22.30 -8.37 -3.84
CA ARG F 129 -22.43 -7.03 -3.26
C ARG F 129 -21.72 -6.96 -1.91
N LYS F 130 -21.86 -8.00 -1.09
CA LYS F 130 -21.19 -8.07 0.19
C LYS F 130 -19.68 -7.92 0.03
N GLU F 131 -19.11 -8.64 -0.95
CA GLU F 131 -17.68 -8.57 -1.16
C GLU F 131 -17.26 -7.20 -1.68
N LEU F 132 -18.07 -6.59 -2.55
CA LEU F 132 -17.70 -5.29 -3.07
C LEU F 132 -17.70 -4.24 -1.95
N GLN F 133 -18.70 -4.32 -1.06
CA GLN F 133 -18.72 -3.42 0.09
C GLN F 133 -17.49 -3.63 0.96
N ASN F 134 -17.14 -4.89 1.22
CA ASN F 134 -16.03 -5.13 2.13
C ASN F 134 -14.72 -4.69 1.48
N THR F 135 -14.62 -4.85 0.16
CA THR F 135 -13.45 -4.36 -0.56
C THR F 135 -13.32 -2.85 -0.41
N VAL F 136 -14.44 -2.13 -0.53
CA VAL F 136 -14.39 -0.68 -0.36
C VAL F 136 -13.91 -0.32 1.05
N SER F 137 -14.42 -1.04 2.05
CA SER F 137 -14.00 -0.79 3.43
C SER F 137 -12.51 -1.04 3.63
N GLN F 138 -12.00 -2.12 3.05
CA GLN F 138 -10.58 -2.42 3.17
C GLN F 138 -9.73 -1.39 2.42
N LEU F 139 -10.21 -0.92 1.27
CA LEU F 139 -9.46 0.13 0.56
C LEU F 139 -9.42 1.42 1.38
N LEU F 140 -10.53 1.75 2.02
CA LEU F 140 -10.57 2.95 2.87
C LEU F 140 -9.56 2.83 4.01
N GLU F 141 -9.52 1.66 4.67
CA GLU F 141 -8.58 1.49 5.77
C GLU F 141 -7.13 1.48 5.27
N SER F 142 -6.89 0.82 4.14
CA SER F 142 -5.54 0.73 3.61
C SER F 142 -5.01 2.12 3.26
N GLU F 143 -5.85 2.94 2.61
CA GLU F 143 -5.43 4.30 2.29
C GLU F 143 -5.20 5.10 3.57
N GLY F 144 -6.03 4.87 4.59
CA GLY F 144 -5.83 5.58 5.85
C GLY F 144 -4.47 5.27 6.45
N TRP F 145 -4.13 3.97 6.52
CA TRP F 145 -2.82 3.57 7.04
C TRP F 145 -1.69 4.09 6.16
N ASN F 146 -1.94 4.24 4.86
CA ASN F 146 -0.93 4.77 3.96
C ASN F 146 -0.63 6.24 4.25
N ARG F 147 -1.68 7.04 4.50
CA ARG F 147 -1.46 8.46 4.76
C ARG F 147 -0.62 8.70 6.02
N ARG F 148 -0.87 7.94 7.09
CA ARG F 148 -0.17 8.18 8.35
C ARG F 148 1.28 7.75 8.31
N ASN F 149 1.68 6.90 7.37
CA ASN F 149 3.03 6.35 7.36
C ASN F 149 4.06 7.45 7.08
N VAL F 150 5.30 7.22 7.51
CA VAL F 150 6.35 8.20 7.33
C VAL F 150 6.78 8.36 5.88
N ASP F 151 6.55 7.37 5.02
CA ASP F 151 7.00 7.43 3.62
C ASP F 151 5.99 6.69 2.76
N PRO F 152 4.88 7.33 2.42
CA PRO F 152 3.79 6.62 1.75
C PRO F 152 4.17 6.18 0.35
N PHE F 153 3.43 5.21 -0.15
CA PHE F 153 3.45 4.88 -1.57
C PHE F 153 2.65 5.91 -2.36
N HIS F 154 2.87 5.88 -3.68
CA HIS F 154 1.98 6.56 -4.63
C HIS F 154 0.97 5.54 -5.12
N ILE F 155 -0.25 5.62 -4.57
CA ILE F 155 -1.27 4.63 -4.85
C ILE F 155 -1.90 4.92 -6.20
N TYR F 156 -2.01 3.89 -7.05
CA TYR F 156 -2.74 3.97 -8.31
C TYR F 156 -3.98 3.09 -8.24
N PHE F 157 -5.11 3.62 -8.69
CA PHE F 157 -6.27 2.80 -8.99
C PHE F 157 -6.38 2.64 -10.51
N CYS F 158 -6.00 1.48 -11.01
CA CYS F 158 -6.01 1.22 -12.44
C CYS F 158 -7.24 0.39 -12.78
N ASN F 159 -7.69 0.46 -14.04
CA ASN F 159 -8.87 -0.27 -14.48
C ASN F 159 -10.11 0.10 -13.66
N LEU F 160 -10.10 1.28 -13.06
CA LEU F 160 -11.18 1.79 -12.20
C LEU F 160 -12.27 2.39 -13.08
N LYS F 161 -13.33 1.62 -13.31
CA LYS F 161 -14.43 2.10 -14.15
C LYS F 161 -15.07 3.31 -13.50
N ILE F 162 -15.24 4.37 -14.28
CA ILE F 162 -15.92 5.59 -13.84
C ILE F 162 -17.35 5.32 -13.39
N ASP F 163 -18.14 4.64 -14.22
CA ASP F 163 -19.52 4.35 -13.83
C ASP F 163 -19.72 2.98 -13.22
N GLY F 164 -18.65 2.24 -12.96
CA GLY F 164 -18.79 0.98 -12.26
C GLY F 164 -19.27 1.12 -10.82
N ALA F 165 -19.57 -0.06 -10.26
CA ALA F 165 -20.10 -0.18 -8.91
C ALA F 165 -19.13 0.34 -7.86
N LEU F 166 -17.84 -0.01 -8.01
CA LEU F 166 -16.83 0.45 -7.07
C LEU F 166 -16.66 1.96 -7.09
N HIS F 167 -16.63 2.59 -8.26
CA HIS F 167 -16.43 4.05 -8.26
C HIS F 167 -17.58 4.74 -7.53
N ARG F 168 -18.81 4.27 -7.76
CA ARG F 168 -19.97 4.84 -7.09
C ARG F 168 -19.93 4.59 -5.59
N GLU F 169 -19.39 3.44 -5.17
CA GLU F 169 -19.34 3.22 -3.73
C GLU F 169 -18.23 4.06 -3.11
N LEU F 170 -17.11 4.21 -3.81
CA LEU F 170 -16.02 5.01 -3.27
C LEU F 170 -16.47 6.45 -3.10
N VAL F 171 -17.15 7.00 -4.12
CA VAL F 171 -17.61 8.37 -4.00
C VAL F 171 -18.68 8.49 -2.91
N LYS F 172 -19.46 7.42 -2.68
CA LYS F 172 -20.43 7.46 -1.60
C LYS F 172 -19.76 7.45 -0.23
N ARG F 173 -18.71 6.63 -0.08
CA ARG F 173 -18.05 6.47 1.20
C ARG F 173 -17.20 7.69 1.55
N TYR F 174 -16.53 8.28 0.55
CA TYR F 174 -15.69 9.45 0.76
C TYR F 174 -16.45 10.75 0.71
N GLN F 175 -17.59 10.79 0.04
CA GLN F 175 -18.35 12.05 -0.19
C GLN F 175 -17.39 13.04 -0.85
N GLU F 176 -17.43 14.32 -0.48
CA GLU F 176 -16.63 15.32 -1.18
C GLU F 176 -15.13 15.17 -0.96
N LYS F 177 -14.69 14.26 -0.08
CA LYS F 177 -13.27 13.95 0.02
C LYS F 177 -12.74 13.30 -1.26
N TRP F 178 -13.61 12.64 -2.03
CA TRP F 178 -13.13 11.82 -3.15
C TRP F 178 -12.32 12.65 -4.14
N ASP F 179 -12.78 13.86 -4.46
CA ASP F 179 -12.06 14.70 -5.40
C ASP F 179 -10.74 15.21 -4.84
N LYS F 180 -10.50 15.05 -3.54
CA LYS F 180 -9.36 15.64 -2.86
C LYS F 180 -8.35 14.61 -2.38
N LEU F 181 -8.62 13.31 -2.55
CA LEU F 181 -7.64 12.30 -2.17
C LEU F 181 -6.39 12.39 -3.02
N LEU F 182 -5.24 12.28 -2.37
CA LEU F 182 -3.93 12.37 -3.04
C LEU F 182 -3.50 11.00 -3.57
N LEU F 183 -4.29 10.48 -4.52
CA LEU F 183 -3.96 9.26 -5.22
C LEU F 183 -4.36 9.41 -6.67
N THR F 184 -3.75 8.60 -7.54
CA THR F 184 -4.01 8.64 -8.97
C THR F 184 -5.04 7.59 -9.33
N SER F 185 -6.21 8.03 -9.80
CA SER F 185 -7.26 7.15 -10.29
C SER F 185 -7.34 7.25 -11.81
N THR F 186 -7.33 6.09 -12.48
CA THR F 186 -7.31 6.06 -13.93
C THR F 186 -8.11 4.87 -14.44
N GLU F 187 -8.61 4.99 -15.67
CA GLU F 187 -9.28 3.89 -16.34
C GLU F 187 -8.32 3.01 -17.11
N LYS F 188 -7.06 3.44 -17.28
CA LYS F 188 -6.06 2.67 -17.99
C LYS F 188 -5.64 1.45 -17.16
N SER F 189 -4.94 0.53 -17.83
CA SER F 189 -4.30 -0.58 -17.14
C SER F 189 -2.87 -0.21 -16.74
N HIS F 190 -2.34 -0.97 -15.77
CA HIS F 190 -1.00 -0.72 -15.26
C HIS F 190 0.08 -0.93 -16.32
N VAL F 191 -0.15 -1.83 -17.27
CA VAL F 191 0.80 -2.04 -18.36
C VAL F 191 0.91 -0.82 -19.27
N ASP F 192 -0.08 0.06 -19.28
CA ASP F 192 0.01 1.29 -20.06
C ASP F 192 0.79 2.40 -19.38
N LEU F 193 1.19 2.23 -18.12
CA LEU F 193 1.87 3.28 -17.37
C LEU F 193 3.33 2.96 -17.06
N PHE F 194 3.68 1.69 -16.86
CA PHE F 194 5.01 1.34 -16.38
C PHE F 194 5.67 0.37 -17.33
N PRO F 195 7.00 0.39 -17.40
CA PRO F 195 7.73 -0.64 -18.16
C PRO F 195 7.41 -2.04 -17.64
N LYS F 196 7.03 -2.93 -18.57
CA LYS F 196 6.50 -4.23 -18.20
C LYS F 196 7.52 -5.11 -17.49
N ASP F 197 8.82 -4.79 -17.60
CA ASP F 197 9.82 -5.57 -16.90
C ASP F 197 9.78 -5.33 -15.40
N SER F 198 9.37 -4.13 -14.97
CA SER F 198 9.43 -3.74 -13.57
C SER F 198 8.17 -4.08 -12.77
N ILE F 199 7.11 -4.56 -13.40
CA ILE F 199 5.88 -4.86 -12.69
C ILE F 199 6.00 -6.23 -12.02
N ILE F 200 5.51 -6.32 -10.78
CA ILE F 200 5.39 -7.57 -10.05
C ILE F 200 3.98 -7.68 -9.51
N TYR F 201 3.26 -8.73 -9.90
CA TYR F 201 1.91 -9.00 -9.40
C TYR F 201 2.05 -9.87 -8.14
N LEU F 202 1.73 -9.28 -6.98
CA LEU F 202 1.72 -10.03 -5.74
C LEU F 202 0.51 -10.96 -5.65
N THR F 203 0.76 -12.24 -5.36
CA THR F 203 -0.29 -13.24 -5.17
C THR F 203 0.29 -14.36 -4.31
N ALA F 204 -0.53 -14.87 -3.38
CA ALA F 204 -0.11 -15.93 -2.47
C ALA F 204 0.19 -17.25 -3.16
N ASP F 205 -0.36 -17.47 -4.35
CA ASP F 205 -0.20 -18.70 -5.11
C ASP F 205 1.05 -18.72 -5.98
N SER F 206 1.85 -17.65 -5.95
CA SER F 206 3.01 -17.54 -6.81
C SER F 206 4.02 -18.65 -6.53
N PRO F 207 4.69 -19.16 -7.57
CA PRO F 207 5.81 -20.09 -7.32
C PRO F 207 7.05 -19.38 -6.81
N ASN F 208 7.29 -18.14 -7.25
CA ASN F 208 8.46 -17.39 -6.80
C ASN F 208 8.22 -16.86 -5.40
N VAL F 209 9.25 -16.93 -4.56
CA VAL F 209 9.16 -16.48 -3.18
C VAL F 209 9.90 -15.16 -3.03
N MET F 210 9.24 -14.18 -2.43
CA MET F 210 9.82 -12.86 -2.24
C MET F 210 10.94 -12.95 -1.22
N THR F 211 12.18 -12.73 -1.67
CA THR F 211 13.31 -12.76 -0.74
C THR F 211 13.51 -11.41 -0.07
N THR F 212 13.55 -10.34 -0.85
CA THR F 212 13.80 -9.01 -0.34
C THR F 212 12.90 -8.01 -1.04
N PHE F 213 12.60 -6.91 -0.35
CA PHE F 213 11.85 -5.82 -0.94
C PHE F 213 12.76 -5.00 -1.84
N ARG F 214 12.33 -4.78 -3.08
CA ARG F 214 13.15 -4.10 -4.08
C ARG F 214 12.52 -2.76 -4.43
N HIS F 215 13.26 -1.68 -4.20
CA HIS F 215 12.73 -0.33 -4.31
C HIS F 215 12.53 0.12 -5.76
N ASP F 216 13.17 -0.56 -6.71
CA ASP F 216 13.08 -0.19 -8.12
C ASP F 216 11.91 -0.84 -8.84
N LYS F 217 11.19 -1.75 -8.20
CA LYS F 217 10.09 -2.46 -8.82
C LYS F 217 8.77 -1.80 -8.48
N VAL F 218 7.74 -2.15 -9.25
CA VAL F 218 6.38 -1.67 -9.02
C VAL F 218 5.54 -2.86 -8.62
N TYR F 219 4.93 -2.79 -7.45
CA TYR F 219 4.13 -3.89 -6.92
C TYR F 219 2.66 -3.63 -7.21
N VAL F 220 1.96 -4.68 -7.63
CA VAL F 220 0.54 -4.59 -7.97
C VAL F 220 -0.24 -5.46 -6.99
N ILE F 221 -1.26 -4.86 -6.37
CA ILE F 221 -2.15 -5.58 -5.47
C ILE F 221 -3.53 -5.58 -6.10
N GLY F 222 -4.15 -6.75 -6.21
CA GLY F 222 -5.48 -6.81 -6.77
C GLY F 222 -6.51 -6.43 -5.73
N SER F 223 -7.24 -5.33 -5.92
CA SER F 223 -8.27 -5.01 -4.95
C SER F 223 -9.41 -5.99 -5.15
N PHE F 224 -9.32 -7.15 -4.51
CA PHE F 224 -10.25 -8.24 -4.77
C PHE F 224 -10.49 -8.97 -3.46
N VAL F 225 -11.74 -9.02 -3.01
CA VAL F 225 -12.12 -9.71 -1.79
C VAL F 225 -13.09 -10.80 -2.20
N ASP F 226 -12.74 -12.06 -1.94
CA ASP F 226 -13.67 -13.16 -2.12
C ASP F 226 -13.57 -14.21 -1.04
N LYS F 227 -12.91 -13.91 0.09
CA LYS F 227 -12.87 -14.81 1.23
C LYS F 227 -12.20 -16.13 0.85
N SER F 228 -11.23 -16.04 -0.07
CA SER F 228 -10.34 -17.12 -0.49
C SER F 228 -11.04 -18.11 -1.42
N MET F 229 -12.05 -17.67 -2.18
CA MET F 229 -13.08 -18.57 -2.67
C MET F 229 -12.97 -18.87 -4.16
N GLN F 230 -12.30 -18.02 -4.94
CA GLN F 230 -11.95 -18.34 -6.33
C GLN F 230 -10.45 -18.12 -6.55
N PRO F 231 -9.64 -19.09 -6.15
CA PRO F 231 -8.18 -18.89 -6.20
C PRO F 231 -7.66 -18.81 -7.63
N GLY F 232 -6.46 -18.26 -7.77
CA GLY F 232 -5.82 -18.14 -9.06
C GLY F 232 -6.25 -16.98 -9.95
N THR F 233 -7.15 -16.12 -9.51
CA THR F 233 -7.57 -15.01 -10.37
C THR F 233 -6.40 -14.08 -10.66
N SER F 234 -5.67 -13.68 -9.62
CA SER F 234 -4.53 -12.80 -9.84
C SER F 234 -3.46 -13.49 -10.66
N LEU F 235 -3.22 -14.78 -10.39
CA LEU F 235 -2.23 -15.51 -11.16
C LEU F 235 -2.65 -15.62 -12.61
N ALA F 236 -3.95 -15.83 -12.86
CA ALA F 236 -4.43 -15.90 -14.24
C ALA F 236 -4.21 -14.58 -14.95
N LYS F 237 -4.52 -13.46 -14.28
CA LYS F 237 -4.29 -12.16 -14.89
C LYS F 237 -2.81 -11.94 -15.18
N ALA F 238 -1.93 -12.36 -14.26
CA ALA F 238 -0.50 -12.17 -14.44
C ALA F 238 0.02 -13.01 -15.60
N LYS F 239 -0.29 -14.30 -15.60
CA LYS F 239 0.20 -15.21 -16.63
C LYS F 239 -0.39 -14.88 -17.99
N ARG F 240 -1.60 -14.32 -18.04
CA ARG F 240 -2.17 -13.94 -19.33
C ARG F 240 -1.27 -12.92 -20.02
N LEU F 241 -0.59 -12.10 -19.24
CA LEU F 241 0.37 -11.12 -19.70
C LEU F 241 1.78 -11.66 -19.45
N ASN F 242 2.78 -10.81 -19.64
CA ASN F 242 4.19 -11.16 -19.44
C ASN F 242 4.77 -10.42 -18.24
N LEU F 243 3.95 -10.20 -17.21
CA LEU F 243 4.43 -9.57 -15.99
C LEU F 243 5.12 -10.58 -15.07
N ALA F 244 6.06 -10.06 -14.27
CA ALA F 244 6.69 -10.84 -13.20
C ALA F 244 5.69 -11.06 -12.07
N THR F 245 5.87 -12.14 -11.32
CA THR F 245 4.95 -12.44 -10.24
C THR F 245 5.76 -12.85 -9.01
N GLU F 246 5.25 -12.54 -7.81
CA GLU F 246 5.89 -12.96 -6.56
C GLU F 246 4.86 -13.22 -5.46
N CYS F 247 5.24 -14.06 -4.48
CA CYS F 247 4.44 -14.30 -3.28
C CYS F 247 5.27 -14.02 -2.04
N LEU F 248 4.58 -13.61 -0.97
CA LEU F 248 5.23 -13.35 0.31
C LEU F 248 5.79 -14.64 0.92
N PRO F 249 6.96 -14.58 1.57
CA PRO F 249 7.57 -15.74 2.23
C PRO F 249 6.97 -16.04 3.61
N LEU F 250 5.65 -16.12 3.67
CA LEU F 250 4.98 -16.29 4.97
C LEU F 250 5.58 -17.48 5.71
N ASP F 251 5.48 -18.68 5.15
CA ASP F 251 5.92 -19.90 5.88
C ASP F 251 7.40 -19.84 6.23
N LYS F 252 8.24 -19.55 5.24
CA LYS F 252 9.70 -19.62 5.50
C LYS F 252 10.05 -18.86 6.78
N TYR F 253 9.51 -17.67 6.99
CA TYR F 253 9.95 -16.85 8.16
C TYR F 253 8.92 -16.84 9.30
N LEU F 254 7.92 -17.71 9.31
CA LEU F 254 6.86 -17.61 10.34
C LEU F 254 6.15 -18.94 10.49
N GLN F 255 5.91 -19.42 11.70
CA GLN F 255 5.27 -20.76 11.79
C GLN F 255 3.82 -20.55 11.40
N TRP F 256 3.11 -21.62 11.07
CA TRP F 256 1.72 -21.39 10.57
C TRP F 256 0.77 -22.28 11.33
N GLU F 257 -0.51 -22.17 11.00
CA GLU F 257 -1.54 -23.04 11.63
C GLU F 257 -2.78 -22.94 10.74
N ILE F 258 -3.93 -22.65 11.34
CA ILE F 258 -5.18 -22.62 10.55
C ILE F 258 -5.48 -21.18 10.14
N GLY F 259 -5.11 -20.78 8.93
CA GLY F 259 -5.47 -19.42 8.49
C GLY F 259 -5.21 -19.19 7.01
N ASN F 260 -6.04 -18.41 6.32
CA ASN F 260 -5.86 -18.23 4.86
C ASN F 260 -4.54 -17.48 4.66
N LYS F 261 -4.00 -17.54 3.46
CA LYS F 261 -2.69 -16.90 3.20
C LYS F 261 -2.91 -15.60 2.44
N ASN F 262 -4.12 -15.39 1.94
CA ASN F 262 -4.44 -14.11 1.28
C ASN F 262 -4.74 -13.08 2.38
N LEU F 263 -3.82 -12.18 2.67
CA LEU F 263 -4.00 -11.25 3.82
C LEU F 263 -4.81 -10.03 3.38
N THR F 264 -5.37 -9.26 4.32
CA THR F 264 -6.23 -8.14 3.95
C THR F 264 -5.41 -7.05 3.28
N LEU F 265 -6.10 -6.12 2.63
CA LEU F 265 -5.39 -5.05 1.93
C LEU F 265 -4.64 -4.16 2.91
N ASP F 266 -5.25 -3.87 4.07
CA ASP F 266 -4.59 -3.01 5.03
C ASP F 266 -3.41 -3.71 5.70
N GLN F 267 -3.47 -5.04 5.82
CA GLN F 267 -2.31 -5.76 6.33
C GLN F 267 -1.23 -5.84 5.27
N MET F 268 -1.62 -6.01 4.00
CA MET F 268 -0.64 -6.04 2.93
C MET F 268 0.11 -4.72 2.89
N ILE F 269 -0.63 -3.61 2.95
CA ILE F 269 0.01 -2.31 2.82
C ILE F 269 0.87 -2.02 4.04
N ARG F 270 0.43 -2.43 5.24
CA ARG F 270 1.27 -2.16 6.40
C ARG F 270 2.52 -3.02 6.43
N ILE F 271 2.46 -4.22 5.82
CA ILE F 271 3.65 -5.04 5.65
C ILE F 271 4.61 -4.39 4.67
N LEU F 272 4.09 -3.94 3.53
CA LEU F 272 4.96 -3.30 2.54
C LEU F 272 5.54 -2.00 3.09
N LEU F 273 4.76 -1.24 3.85
CA LEU F 273 5.27 -0.03 4.47
C LEU F 273 6.35 -0.34 5.49
N CYS F 274 6.24 -1.49 6.17
CA CYS F 274 7.27 -1.87 7.14
C CYS F 274 8.57 -2.24 6.43
N LEU F 275 8.47 -3.06 5.38
CA LEU F 275 9.65 -3.45 4.63
C LEU F 275 10.30 -2.24 3.94
N LYS F 276 9.48 -1.33 3.42
CA LYS F 276 9.97 -0.12 2.77
C LYS F 276 10.84 0.71 3.69
N ASN F 277 10.50 0.76 4.98
CA ASN F 277 11.29 1.49 5.97
C ASN F 277 12.42 0.67 6.56
N ASN F 278 12.93 -0.31 5.82
CA ASN F 278 14.15 -1.05 6.17
C ASN F 278 13.95 -1.97 7.35
N GLY F 279 12.70 -2.30 7.68
CA GLY F 279 12.44 -3.30 8.68
C GLY F 279 12.81 -4.69 8.20
N ASN F 280 13.12 -5.55 9.16
CA ASN F 280 13.38 -6.96 8.86
C ASN F 280 12.08 -7.76 8.87
N TRP F 281 12.18 -8.99 8.38
CA TRP F 281 10.99 -9.83 8.23
C TRP F 281 10.31 -10.07 9.57
N GLN F 282 11.09 -10.35 10.61
CA GLN F 282 10.53 -10.61 11.92
C GLN F 282 9.83 -9.39 12.52
N GLU F 283 10.07 -8.20 11.98
CA GLU F 283 9.29 -7.02 12.33
C GLU F 283 8.10 -6.79 11.40
N ALA F 284 8.28 -7.05 10.11
CA ALA F 284 7.19 -6.85 9.15
C ALA F 284 6.03 -7.80 9.41
N LEU F 285 6.32 -9.07 9.69
CA LEU F 285 5.22 -10.00 9.84
C LEU F 285 4.44 -9.84 11.14
N GLN F 286 4.73 -8.81 11.94
CA GLN F 286 3.93 -8.56 13.14
C GLN F 286 2.48 -8.22 12.79
N PHE F 287 2.22 -7.74 11.57
CA PHE F 287 0.87 -7.33 11.18
C PHE F 287 0.01 -8.49 10.71
N VAL F 288 0.58 -9.68 10.58
CA VAL F 288 -0.23 -10.87 10.32
C VAL F 288 -1.08 -11.15 11.55
N PRO F 289 -2.36 -11.49 11.41
CA PRO F 289 -3.19 -11.75 12.59
C PRO F 289 -2.61 -12.89 13.41
N LYS F 290 -2.47 -12.66 14.72
CA LYS F 290 -1.85 -13.65 15.58
C LYS F 290 -2.64 -14.94 15.64
N ARG F 291 -3.94 -14.88 15.35
CA ARG F 291 -4.76 -16.09 15.40
C ARG F 291 -4.38 -17.08 14.30
N LYS F 292 -3.66 -16.64 13.27
CA LYS F 292 -3.32 -17.49 12.14
C LYS F 292 -2.03 -18.26 12.31
N HIS F 293 -1.12 -17.83 13.19
CA HIS F 293 0.18 -18.47 13.30
C HIS F 293 0.62 -18.52 14.76
N THR F 294 1.42 -19.55 15.07
CA THR F 294 1.92 -19.71 16.44
C THR F 294 3.04 -18.74 16.77
N GLY F 295 3.99 -18.55 15.86
CA GLY F 295 5.13 -17.72 16.15
C GLY F 295 6.24 -17.94 15.14
N PHE F 296 7.33 -17.22 15.35
CA PHE F 296 8.46 -17.22 14.41
C PHE F 296 9.29 -18.48 14.57
N LEU F 297 9.98 -18.84 13.49
CA LEU F 297 10.85 -20.00 13.49
C LEU F 297 12.25 -19.64 13.99
ZN ZN H . 0.16 -55.36 -9.63
ZN ZN I . 0.92 -56.91 -6.36
N SAH J . -8.23 -12.12 -4.54
CA SAH J . -7.15 -13.06 -4.31
CB SAH J . -6.59 -12.90 -2.91
CG SAH J . -7.12 -11.70 -2.14
SD SAH J . -5.89 -11.12 -0.95
C SAH J . -7.60 -14.50 -4.54
O SAH J . -8.75 -14.76 -4.86
OXT SAH J . -6.80 -15.43 -4.42
C5' SAH J . -5.88 -9.44 -1.64
C4' SAH J . -4.69 -9.02 -2.53
O4' SAH J . -3.47 -8.81 -1.86
C3' SAH J . -4.43 -10.08 -3.60
O3' SAH J . -4.72 -9.57 -4.87
C2' SAH J . -2.95 -10.41 -3.50
O2' SAH J . -2.29 -9.89 -4.62
C1' SAH J . -2.45 -9.73 -2.24
N9 SAH J . -2.12 -10.74 -1.22
C8 SAH J . -2.87 -11.12 -0.14
N7 SAH J . -2.22 -12.09 0.53
C5 SAH J . -1.06 -12.35 -0.10
C6 SAH J . -0.03 -13.24 0.16
N6 SAH J . -0.10 -14.04 1.22
N1 SAH J . 1.07 -13.29 -0.68
C2 SAH J . 1.12 -12.46 -1.77
N3 SAH J . 0.09 -11.58 -2.03
C4 SAH J . -0.98 -11.52 -1.21
#